data_4Q71
#
_entry.id   4Q71
#
_cell.length_a   166.880
_cell.length_b   195.310
_cell.length_c   108.790
_cell.angle_alpha   90.000
_cell.angle_beta   121.590
_cell.angle_gamma   90.000
#
_symmetry.space_group_name_H-M   'C 1 2 1'
#
loop_
_entity.id
_entity.type
_entity.pdbx_description
1 polymer 'Proline dehydrogenase'
2 non-polymer 'FLAVIN-ADENINE DINUCLEOTIDE'
3 non-polymer 'SULFATE ION'
4 non-polymer GLYCEROL
5 water water
#
_entity_poly.entity_id   1
_entity_poly.type   'polypeptide(L)'
_entity_poly.pdbx_seq_one_letter_code
;GHMPNIPPPFTAPYAPDDAEIAARLLPASHLSPPQEARIHRTATRLIEAIRKRDDRLGGVEDMLREFALSTKEGLALMVL
AEALLRVPDARTADQFIEDKLGEGDFIHHETKSTAFLVNASAWALGLSARVIQPGETPDGTIGRLVKRLGAPAVRTATRQ
AMRLMGNHFVLGETIEQALERGKPRSGQKTRYSFDMLGEGARTAADARRYFDAYASAIETIGKAAGNHALPDRPGISVKL
SALHPRFEAISRARVMVELVPQLLDLAQRAKAHDLNFTVDAEEADRLELSLDVIAATLADPSLKGWDGFGLAIQAYQKRA
SAVIDYVDALARAHDRKLMVRLVKGAYWDTEIKRAQERGLDGYPVFTRKAMTDLNYVACASKLLALRPRIFPQFATHNAL
TVATVLEMAEGSSGFEFQRLHGMGEALYEQLAKDHADIAYRTYAPVGSHRDLLAYLVRRLLENGANSSFVAQAADYRVPV
PALLQRPADAIVRPQAAAHPRIPLPCDLFAPERRNSRGVEFGARTALDQLLTDVKAETGDLKPIADATPDQAHAAVAAAR
AGFAGWSRTPAGIRAAALEQAAHLLESRSAHFIALLQREGGKTLDDALSELREAADFCRYYAAQGRKLFGSETAMPGPTG
ESNALTMRGRGVFVAISPWNFPLAIFLGQVTAALMAGNSVVAKPAEQTPRIAREAVALLHEAGIPKSALYLVTGDGRIGA
ALTAHPDIAGVVFTGSTEVARSINRALAAKDGPIVPLIAETGGINAMIADATALPEQVADWVVTSAFRSAGQRCSALRLL
FVQEDVADRMIEMVAGAARELKIGDPSDVATHVGPVIDVEAKQRLDAHIARMKTEARLHFAGPAPEGCFVAPHIFELTEA
GQLTEEVFGPILHVVRYRPENLERVLRAIERTGYGLTLGVHSRIDDSIEAIIDRVQVGNIYVNRNMIGAVVGVQPFGGNG
LSGTGPKAGGPHYLARFATEQTVTINTAAAGGNAALLAGEE
;
_entity_poly.pdbx_strand_id   A,B
#
loop_
_chem_comp.id
_chem_comp.type
_chem_comp.name
_chem_comp.formula
FAD non-polymer 'FLAVIN-ADENINE DINUCLEOTIDE' 'C27 H33 N9 O15 P2'
GOL non-polymer GLYCEROL 'C3 H8 O3'
SO4 non-polymer 'SULFATE ION' 'O4 S -2'
#
# COMPACT_ATOMS: atom_id res chain seq x y z
N MET A 3 16.79 -59.99 31.22
CA MET A 3 16.82 -59.75 32.66
C MET A 3 16.82 -58.26 33.10
N PRO A 4 17.50 -57.36 32.35
CA PRO A 4 17.34 -55.93 32.68
C PRO A 4 15.92 -55.40 32.45
N ASN A 5 15.66 -54.21 32.98
CA ASN A 5 14.33 -53.62 32.95
C ASN A 5 13.86 -53.23 31.55
N ILE A 6 12.59 -53.52 31.24
CA ILE A 6 12.00 -52.98 30.01
C ILE A 6 12.07 -51.46 30.11
N PRO A 7 12.63 -50.80 29.07
CA PRO A 7 12.76 -49.33 29.14
C PRO A 7 11.41 -48.62 29.21
N PRO A 8 11.38 -47.44 29.85
CA PRO A 8 10.14 -46.65 29.89
C PRO A 8 9.79 -46.21 28.47
N PRO A 9 8.52 -45.79 28.24
CA PRO A 9 8.12 -45.29 26.92
C PRO A 9 9.09 -44.22 26.41
N PHE A 10 9.49 -44.30 25.15
CA PHE A 10 10.47 -43.36 24.63
C PHE A 10 9.98 -41.91 24.66
N THR A 11 10.80 -41.00 25.19
CA THR A 11 10.40 -39.61 25.33
C THR A 11 11.55 -38.58 25.31
N ALA A 12 12.53 -38.78 24.43
CA ALA A 12 13.60 -37.79 24.26
C ALA A 12 13.08 -36.42 23.82
N PRO A 13 13.79 -35.33 24.19
CA PRO A 13 13.42 -33.99 23.73
C PRO A 13 13.35 -33.93 22.21
N TYR A 14 12.31 -33.26 21.69
CA TYR A 14 11.94 -33.30 20.29
C TYR A 14 12.89 -32.56 19.39
N ALA A 15 13.28 -31.36 19.83
CA ALA A 15 14.04 -30.47 18.96
C ALA A 15 15.15 -29.70 19.69
N PRO A 16 16.13 -30.42 20.24
CA PRO A 16 17.20 -29.72 20.96
C PRO A 16 18.05 -28.87 20.03
N ASP A 17 18.91 -28.04 20.62
CA ASP A 17 19.75 -27.09 19.90
C ASP A 17 20.87 -27.78 19.11
N ASP A 18 21.00 -27.43 17.84
CA ASP A 18 21.95 -28.09 16.95
C ASP A 18 23.40 -27.86 17.39
N ALA A 19 23.70 -26.66 17.89
CA ALA A 19 25.06 -26.29 18.27
C ALA A 19 25.61 -27.16 19.40
N GLU A 20 24.80 -27.40 20.43
CA GLU A 20 25.18 -28.29 21.53
C GLU A 20 25.50 -29.70 21.03
N ILE A 21 24.75 -30.17 20.04
CA ILE A 21 24.99 -31.49 19.45
C ILE A 21 26.28 -31.47 18.64
N ALA A 22 26.47 -30.42 17.85
CA ALA A 22 27.68 -30.26 17.07
C ALA A 22 28.93 -30.17 17.96
N ALA A 23 28.74 -29.67 19.18
CA ALA A 23 29.85 -29.49 20.11
C ALA A 23 30.41 -30.84 20.54
N ARG A 24 29.55 -31.85 20.57
CA ARG A 24 30.00 -33.20 20.93
C ARG A 24 30.44 -33.97 19.68
N LEU A 25 29.71 -33.81 18.57
CA LEU A 25 29.98 -34.57 17.35
C LEU A 25 31.26 -34.17 16.61
N LEU A 26 31.59 -32.88 16.61
CA LEU A 26 32.78 -32.41 15.89
C LEU A 26 34.11 -32.98 16.42
N PRO A 27 34.36 -32.90 17.74
CA PRO A 27 35.62 -33.49 18.21
C PRO A 27 35.65 -34.98 18.01
N ALA A 28 34.54 -35.64 18.32
CA ALA A 28 34.49 -37.10 18.26
C ALA A 28 34.61 -37.69 16.85
N SER A 29 34.46 -36.85 15.82
CA SER A 29 34.54 -37.35 14.45
C SER A 29 36.00 -37.45 13.98
N HIS A 30 36.92 -36.98 14.83
CA HIS A 30 38.33 -36.91 14.43
C HIS A 30 38.87 -38.28 14.12
N LEU A 31 39.67 -38.35 13.05
CA LEU A 31 40.31 -39.58 12.65
C LEU A 31 41.79 -39.36 12.36
N SER A 32 42.60 -40.35 12.69
CA SER A 32 44.04 -40.26 12.48
C SER A 32 44.34 -40.20 10.98
N PRO A 33 45.50 -39.64 10.62
CA PRO A 33 45.85 -39.60 9.20
C PRO A 33 45.78 -40.95 8.48
N PRO A 34 46.22 -42.06 9.10
CA PRO A 34 46.11 -43.27 8.29
C PRO A 34 44.68 -43.77 8.14
N GLN A 35 43.80 -43.44 9.08
CA GLN A 35 42.38 -43.77 8.95
C GLN A 35 41.77 -42.98 7.79
N GLU A 36 42.03 -41.67 7.75
CA GLU A 36 41.54 -40.78 6.70
C GLU A 36 42.06 -41.17 5.31
N ALA A 37 43.29 -41.64 5.28
CA ALA A 37 43.93 -42.09 4.05
C ALA A 37 43.27 -43.34 3.48
N ARG A 38 42.90 -44.29 4.36
CA ARG A 38 42.19 -45.49 3.90
C ARG A 38 40.80 -45.10 3.40
N ILE A 39 40.14 -44.23 4.14
CA ILE A 39 38.81 -43.77 3.77
C ILE A 39 38.88 -43.08 2.41
N HIS A 40 39.87 -42.21 2.26
CA HIS A 40 40.02 -41.44 1.05
C HIS A 40 40.19 -42.34 -0.16
N ARG A 41 41.04 -43.36 0.00
CA ARG A 41 41.32 -44.30 -1.08
C ARG A 41 40.12 -45.15 -1.42
N THR A 42 39.51 -45.78 -0.40
CA THR A 42 38.31 -46.59 -0.60
C THR A 42 37.22 -45.79 -1.33
N ALA A 43 36.90 -44.62 -0.78
CA ALA A 43 35.87 -43.75 -1.37
C ALA A 43 36.20 -43.29 -2.80
N THR A 44 37.46 -42.95 -3.05
CA THR A 44 37.87 -42.55 -4.40
C THR A 44 37.63 -43.70 -5.37
N ARG A 45 37.98 -44.90 -4.95
CA ARG A 45 37.75 -46.07 -5.80
C ARG A 45 36.26 -46.33 -6.08
N LEU A 46 35.42 -46.16 -5.07
CA LEU A 46 33.99 -46.38 -5.25
C LEU A 46 33.41 -45.37 -6.23
N ILE A 47 33.80 -44.10 -6.08
CA ILE A 47 33.31 -43.05 -6.95
C ILE A 47 33.81 -43.24 -8.40
N GLU A 48 35.04 -43.68 -8.56
CA GLU A 48 35.59 -43.96 -9.89
C GLU A 48 34.77 -45.02 -10.59
N ALA A 49 34.36 -46.04 -9.83
CA ALA A 49 33.49 -47.07 -10.36
C ALA A 49 32.12 -46.48 -10.71
N ILE A 50 31.59 -45.62 -9.85
CA ILE A 50 30.30 -44.97 -10.12
C ILE A 50 30.38 -44.17 -11.41
N ARG A 51 31.49 -43.49 -11.61
CA ARG A 51 31.63 -42.63 -12.78
C ARG A 51 32.11 -43.35 -14.05
N LYS A 52 32.22 -44.67 -13.99
CA LYS A 52 32.58 -45.43 -15.18
C LYS A 52 31.55 -45.22 -16.29
N ARG A 56 26.85 -49.94 -18.96
CA ARG A 56 25.74 -49.70 -18.06
C ARG A 56 24.60 -48.94 -18.71
N LEU A 57 23.63 -48.60 -17.88
CA LEU A 57 22.44 -47.83 -18.23
C LEU A 57 21.83 -47.62 -16.86
N GLY A 58 21.81 -46.37 -16.40
CA GLY A 58 21.80 -46.11 -14.97
C GLY A 58 20.47 -46.02 -14.25
N GLY A 59 20.25 -44.87 -13.61
CA GLY A 59 19.11 -44.72 -12.73
C GLY A 59 18.25 -43.53 -13.05
N VAL A 60 17.34 -43.24 -12.13
CA VAL A 60 16.42 -42.13 -12.28
C VAL A 60 17.16 -40.83 -12.40
N GLU A 61 18.19 -40.67 -11.56
CA GLU A 61 19.04 -39.49 -11.52
C GLU A 61 19.64 -39.19 -12.89
N ASP A 62 20.13 -40.22 -13.56
CA ASP A 62 20.70 -40.04 -14.90
C ASP A 62 19.63 -39.53 -15.84
N MET A 63 18.42 -40.10 -15.73
CA MET A 63 17.31 -39.68 -16.58
C MET A 63 16.91 -38.24 -16.31
N LEU A 64 16.75 -37.89 -15.04
CA LEU A 64 16.43 -36.50 -14.69
C LEU A 64 17.50 -35.53 -15.20
N ARG A 65 18.76 -35.93 -15.07
CA ARG A 65 19.86 -35.07 -15.49
C ARG A 65 19.92 -35.02 -17.03
N GLU A 66 19.85 -36.18 -17.68
CA GLU A 66 19.93 -36.26 -19.14
C GLU A 66 18.92 -35.37 -19.87
N PHE A 67 17.69 -35.28 -19.35
CA PHE A 67 16.68 -34.46 -20.02
C PHE A 67 16.35 -33.19 -19.27
N ALA A 68 17.16 -32.92 -18.23
CA ALA A 68 16.97 -31.74 -17.40
C ALA A 68 15.50 -31.68 -16.96
N LEU A 69 15.01 -32.79 -16.41
CA LEU A 69 13.60 -32.93 -15.99
C LEU A 69 13.33 -32.44 -14.57
N SER A 70 12.25 -31.70 -14.37
CA SER A 70 11.79 -31.47 -13.01
C SER A 70 11.33 -32.81 -12.41
N THR A 71 11.10 -32.82 -11.10
CA THR A 71 10.60 -34.00 -10.44
C THR A 71 9.19 -34.34 -10.93
N LYS A 72 8.41 -33.32 -11.24
CA LYS A 72 7.06 -33.52 -11.74
C LYS A 72 7.11 -34.18 -13.13
N GLU A 73 8.06 -33.76 -13.94
CA GLU A 73 8.18 -34.29 -15.30
C GLU A 73 8.70 -35.73 -15.26
N GLY A 74 9.67 -35.98 -14.39
CA GLY A 74 10.14 -37.34 -14.19
C GLY A 74 8.98 -38.23 -13.75
N LEU A 75 8.19 -37.75 -12.79
CA LEU A 75 7.03 -38.49 -12.31
C LEU A 75 6.04 -38.82 -13.41
N ALA A 76 5.71 -37.84 -14.24
CA ALA A 76 4.71 -38.06 -15.30
C ALA A 76 5.18 -39.12 -16.28
N LEU A 77 6.46 -39.08 -16.65
CA LEU A 77 7.03 -40.02 -17.60
C LEU A 77 7.11 -41.46 -17.05
N MET A 78 7.45 -41.58 -15.78
CA MET A 78 7.49 -42.90 -15.17
C MET A 78 6.08 -43.51 -15.04
N VAL A 79 5.09 -42.67 -14.79
CA VAL A 79 3.71 -43.11 -14.72
C VAL A 79 3.23 -43.53 -16.10
N LEU A 80 3.49 -42.69 -17.11
CA LEU A 80 3.22 -43.05 -18.49
C LEU A 80 3.97 -44.34 -18.88
N ALA A 81 5.21 -44.46 -18.43
CA ALA A 81 6.03 -45.62 -18.72
C ALA A 81 5.40 -46.90 -18.18
N GLU A 82 4.95 -46.87 -16.93
CA GLU A 82 4.35 -48.06 -16.34
C GLU A 82 3.08 -48.49 -17.08
N ALA A 83 2.22 -47.55 -17.42
CA ALA A 83 1.01 -47.87 -18.17
C ALA A 83 1.39 -48.48 -19.52
N LEU A 84 2.39 -47.91 -20.21
CA LEU A 84 2.82 -48.48 -21.50
C LEU A 84 3.43 -49.90 -21.37
N LEU A 85 4.08 -50.18 -20.25
CA LEU A 85 4.67 -51.51 -20.01
C LEU A 85 3.61 -52.57 -19.77
N ARG A 86 2.38 -52.15 -19.46
CA ARG A 86 1.35 -53.10 -19.12
C ARG A 86 0.35 -53.26 -20.28
N VAL A 87 0.63 -52.62 -21.41
CA VAL A 87 -0.13 -52.91 -22.63
C VAL A 87 0.27 -54.30 -23.11
N PRO A 88 -0.72 -55.17 -23.37
CA PRO A 88 -0.45 -56.59 -23.67
C PRO A 88 0.55 -56.81 -24.80
N ASP A 89 0.46 -56.00 -25.85
CA ASP A 89 1.29 -56.16 -27.05
C ASP A 89 2.29 -55.00 -27.20
N ALA A 90 3.58 -55.31 -27.07
CA ALA A 90 4.64 -54.30 -27.12
C ALA A 90 4.59 -53.43 -28.39
N ARG A 91 4.19 -54.03 -29.51
CA ARG A 91 4.07 -53.30 -30.77
C ARG A 91 2.99 -52.23 -30.67
N THR A 92 1.98 -52.50 -29.86
CA THR A 92 0.92 -51.53 -29.61
C THR A 92 1.50 -50.32 -28.90
N ALA A 93 2.34 -50.58 -27.90
CA ALA A 93 2.97 -49.51 -27.15
C ALA A 93 3.90 -48.70 -28.04
N ASP A 94 4.70 -49.40 -28.85
CA ASP A 94 5.65 -48.77 -29.76
C ASP A 94 4.94 -47.86 -30.73
N GLN A 95 3.81 -48.36 -31.24
CA GLN A 95 2.96 -47.58 -32.14
C GLN A 95 2.44 -46.33 -31.44
N PHE A 96 1.98 -46.48 -30.21
CA PHE A 96 1.50 -45.34 -29.43
C PHE A 96 2.60 -44.28 -29.26
N ILE A 97 3.78 -44.74 -28.83
CA ILE A 97 4.92 -43.86 -28.58
C ILE A 97 5.31 -43.04 -29.79
N GLU A 98 5.45 -43.70 -30.94
CA GLU A 98 5.84 -43.02 -32.18
C GLU A 98 4.73 -42.14 -32.77
N ASP A 99 3.49 -42.61 -32.72
CA ASP A 99 2.43 -41.97 -33.50
C ASP A 99 1.50 -41.06 -32.73
N LYS A 100 1.35 -41.28 -31.42
CA LYS A 100 0.38 -40.53 -30.61
C LYS A 100 1.04 -39.62 -29.59
N LEU A 101 1.90 -40.22 -28.78
CA LEU A 101 2.65 -39.50 -27.76
C LEU A 101 3.44 -38.34 -28.38
N GLY A 102 3.22 -37.13 -27.89
CA GLY A 102 3.98 -35.99 -28.37
C GLY A 102 3.35 -35.31 -29.57
N GLU A 103 2.37 -35.97 -30.17
CA GLU A 103 1.66 -35.36 -31.29
C GLU A 103 0.52 -34.48 -30.81
N GLY A 104 -0.08 -34.87 -29.69
CA GLY A 104 -1.21 -34.16 -29.12
C GLY A 104 -1.83 -35.02 -28.03
N ASP A 105 -3.07 -34.70 -27.65
CA ASP A 105 -3.72 -35.34 -26.52
C ASP A 105 -2.83 -35.37 -25.30
N PHE A 106 -2.12 -34.28 -25.06
CA PHE A 106 -1.11 -34.25 -24.01
C PHE A 106 -1.71 -34.50 -22.63
N ILE A 107 -2.74 -33.72 -22.27
CA ILE A 107 -3.39 -33.82 -20.97
C ILE A 107 -4.13 -35.18 -20.84
N HIS A 108 -4.81 -35.60 -21.89
CA HIS A 108 -5.49 -36.90 -21.96
C HIS A 108 -4.53 -38.06 -21.66
N HIS A 109 -3.36 -38.06 -22.31
CA HIS A 109 -2.35 -39.09 -22.03
C HIS A 109 -1.88 -39.08 -20.59
N GLU A 110 -1.64 -37.89 -20.05
CA GLU A 110 -1.18 -37.76 -18.68
C GLU A 110 -2.25 -38.20 -17.68
N THR A 111 -3.49 -37.80 -17.96
CA THR A 111 -4.62 -38.10 -17.09
C THR A 111 -4.94 -39.58 -17.11
N LYS A 112 -5.01 -40.14 -18.31
CA LYS A 112 -5.30 -41.57 -18.47
C LYS A 112 -4.23 -42.46 -17.85
N SER A 113 -2.95 -42.17 -18.12
CA SER A 113 -1.92 -43.04 -17.58
C SER A 113 -1.91 -43.00 -16.05
N THR A 114 -2.25 -41.84 -15.46
CA THR A 114 -2.27 -41.75 -14.01
C THR A 114 -3.52 -42.47 -13.47
N ALA A 115 -4.65 -42.29 -14.15
CA ALA A 115 -5.90 -42.98 -13.76
C ALA A 115 -5.73 -44.48 -13.81
N PHE A 116 -4.95 -44.93 -14.80
CA PHE A 116 -4.61 -46.34 -14.94
C PHE A 116 -4.12 -46.98 -13.65
N LEU A 117 -3.39 -46.21 -12.84
CA LEU A 117 -2.85 -46.69 -11.57
C LEU A 117 -3.92 -47.05 -10.55
N VAL A 118 -5.08 -46.41 -10.57
CA VAL A 118 -6.16 -46.86 -9.66
C VAL A 118 -7.31 -47.57 -10.36
N ASN A 119 -7.41 -47.39 -11.67
CA ASN A 119 -8.55 -47.93 -12.41
C ASN A 119 -8.01 -48.41 -13.76
N ALA A 120 -7.56 -49.66 -13.79
CA ALA A 120 -6.91 -50.23 -14.97
C ALA A 120 -7.74 -50.13 -16.24
N SER A 121 -9.06 -50.33 -16.13
CA SER A 121 -9.95 -50.25 -17.30
C SER A 121 -9.96 -48.88 -17.97
N ALA A 122 -9.56 -47.85 -17.21
CA ALA A 122 -9.59 -46.49 -17.73
C ALA A 122 -8.66 -46.34 -18.92
N TRP A 123 -7.56 -47.09 -18.92
CA TRP A 123 -6.53 -46.99 -19.94
C TRP A 123 -6.56 -48.21 -20.87
N ALA A 124 -6.74 -47.94 -22.16
CA ALA A 124 -6.70 -49.01 -23.17
C ALA A 124 -6.35 -48.46 -24.55
N ARG A 130 -8.13 -42.37 -29.88
CA ARG A 130 -8.80 -41.22 -30.50
C ARG A 130 -8.10 -40.84 -31.81
N VAL A 131 -8.48 -39.69 -32.37
CA VAL A 131 -7.78 -39.14 -33.53
C VAL A 131 -7.21 -37.77 -33.17
N ILE A 132 -5.88 -37.65 -33.20
CA ILE A 132 -5.23 -36.41 -32.80
C ILE A 132 -5.17 -35.38 -33.94
N GLN A 133 -5.89 -34.28 -33.76
CA GLN A 133 -5.85 -33.16 -34.70
C GLN A 133 -4.49 -32.48 -34.61
N PRO A 134 -3.96 -32.04 -35.75
CA PRO A 134 -2.67 -31.36 -35.77
C PRO A 134 -2.79 -29.93 -35.24
N GLY A 135 -1.65 -29.32 -34.89
CA GLY A 135 -1.63 -27.95 -34.40
C GLY A 135 -2.15 -27.77 -32.99
N GLU A 136 -2.23 -28.85 -32.22
CA GLU A 136 -2.70 -28.78 -30.84
C GLU A 136 -1.70 -28.02 -29.96
N THR A 137 -2.21 -27.05 -29.20
CA THR A 137 -1.38 -26.30 -28.26
C THR A 137 -0.79 -27.26 -27.23
N PRO A 138 0.53 -27.25 -27.09
CA PRO A 138 1.17 -28.16 -26.13
C PRO A 138 0.97 -27.71 -24.68
N ASP A 139 -0.01 -28.32 -24.01
CA ASP A 139 -0.27 -28.06 -22.61
C ASP A 139 -0.07 -29.33 -21.79
N GLY A 140 -0.20 -29.19 -20.47
CA GLY A 140 0.02 -30.32 -19.60
C GLY A 140 1.50 -30.50 -19.36
N THR A 141 1.83 -31.45 -18.50
CA THR A 141 3.22 -31.75 -18.19
C THR A 141 3.95 -32.30 -19.40
N ILE A 142 3.24 -33.09 -20.20
CA ILE A 142 3.83 -33.68 -21.40
C ILE A 142 3.91 -32.66 -22.53
N GLY A 143 2.88 -31.84 -22.68
CA GLY A 143 2.90 -30.81 -23.70
C GLY A 143 4.01 -29.82 -23.44
N ARG A 144 4.15 -29.40 -22.18
CA ARG A 144 5.19 -28.44 -21.84
C ARG A 144 6.58 -29.04 -22.06
N LEU A 145 6.70 -30.33 -21.75
CA LEU A 145 7.91 -31.07 -21.99
C LEU A 145 8.23 -31.13 -23.49
N VAL A 146 7.19 -31.36 -24.30
CA VAL A 146 7.35 -31.43 -25.75
C VAL A 146 7.77 -30.07 -26.37
N LYS A 147 7.16 -28.99 -25.90
CA LYS A 147 7.54 -27.65 -26.34
C LYS A 147 9.01 -27.37 -25.98
N ARG A 148 9.45 -27.86 -24.83
CA ARG A 148 10.82 -27.60 -24.40
C ARG A 148 11.89 -28.47 -25.09
N LEU A 149 11.66 -29.78 -25.13
CA LEU A 149 12.66 -30.72 -25.67
C LEU A 149 12.36 -31.17 -27.09
N GLY A 150 11.11 -31.04 -27.52
CA GLY A 150 10.68 -31.62 -28.78
C GLY A 150 10.09 -32.99 -28.54
N ALA A 151 9.11 -33.36 -29.36
CA ALA A 151 8.47 -34.67 -29.26
C ALA A 151 9.42 -35.88 -29.37
N PRO A 152 10.42 -35.81 -30.28
CA PRO A 152 11.29 -36.99 -30.34
C PRO A 152 12.06 -37.26 -29.04
N ALA A 153 12.49 -36.21 -28.34
CA ALA A 153 13.27 -36.43 -27.13
C ALA A 153 12.35 -36.97 -26.02
N VAL A 154 11.11 -36.49 -25.99
CA VAL A 154 10.14 -36.96 -25.01
C VAL A 154 9.88 -38.47 -25.17
N ARG A 155 9.80 -38.93 -26.41
CA ARG A 155 9.64 -40.35 -26.68
C ARG A 155 10.83 -41.12 -26.18
N THR A 156 12.02 -40.57 -26.45
CA THR A 156 13.25 -41.19 -26.01
C THR A 156 13.32 -41.18 -24.47
N ALA A 157 12.92 -40.07 -23.85
CA ALA A 157 12.86 -40.04 -22.40
C ALA A 157 11.81 -41.05 -21.83
N THR A 158 10.70 -41.23 -22.54
CA THR A 158 9.66 -42.17 -22.09
C THR A 158 10.13 -43.63 -22.16
N ARG A 159 10.84 -43.98 -23.23
CA ARG A 159 11.44 -45.32 -23.36
C ARG A 159 12.48 -45.65 -22.27
N GLN A 160 13.28 -44.65 -21.89
CA GLN A 160 14.21 -44.78 -20.78
C GLN A 160 13.46 -44.96 -19.46
N ALA A 161 12.39 -44.20 -19.28
CA ALA A 161 11.57 -44.39 -18.09
C ALA A 161 11.00 -45.81 -18.07
N MET A 162 10.67 -46.33 -19.26
CA MET A 162 10.17 -47.71 -19.35
C MET A 162 11.20 -48.78 -18.94
N ARG A 163 12.47 -48.58 -19.27
CA ARG A 163 13.52 -49.49 -18.83
C ARG A 163 13.70 -49.33 -17.33
N LEU A 164 13.57 -48.11 -16.84
CA LEU A 164 13.71 -47.94 -15.39
C LEU A 164 12.53 -48.60 -14.65
N MET A 165 11.32 -48.36 -15.11
CA MET A 165 10.15 -48.94 -14.45
C MET A 165 10.14 -50.45 -14.54
N GLY A 166 10.58 -50.99 -15.69
CA GLY A 166 10.58 -52.42 -15.89
C GLY A 166 11.68 -53.14 -15.12
N ASN A 167 12.83 -52.51 -14.94
CA ASN A 167 13.99 -53.17 -14.31
C ASN A 167 14.06 -52.97 -12.80
N HIS A 168 13.54 -51.85 -12.31
CA HIS A 168 13.81 -51.46 -10.93
C HIS A 168 12.62 -51.54 -10.00
N PHE A 169 11.44 -51.86 -10.53
CA PHE A 169 10.24 -51.98 -9.72
C PHE A 169 9.61 -53.34 -10.02
N VAL A 170 9.01 -53.93 -8.99
CA VAL A 170 8.25 -55.17 -9.13
C VAL A 170 6.75 -54.85 -8.91
N LEU A 171 6.03 -54.68 -10.01
CA LEU A 171 4.69 -54.10 -9.96
C LEU A 171 3.60 -54.96 -10.58
N GLY A 172 2.37 -54.77 -10.09
CA GLY A 172 1.20 -55.40 -10.67
C GLY A 172 -0.04 -54.65 -10.25
N GLU A 173 -1.16 -54.94 -10.89
CA GLU A 173 -2.47 -54.41 -10.48
C GLU A 173 -2.83 -54.84 -9.05
N THR A 174 -2.47 -56.08 -8.72
CA THR A 174 -2.68 -56.62 -7.38
C THR A 174 -1.35 -57.15 -6.87
N ILE A 175 -1.27 -57.43 -5.57
CA ILE A 175 -0.03 -57.91 -5.02
C ILE A 175 0.33 -59.29 -5.61
N GLU A 176 -0.66 -60.12 -5.87
CA GLU A 176 -0.42 -61.45 -6.48
C GLU A 176 0.30 -61.31 -7.83
N GLN A 177 -0.04 -60.29 -8.60
CA GLN A 177 0.59 -60.12 -9.91
C GLN A 177 2.04 -59.64 -9.73
N ALA A 178 2.25 -58.70 -8.81
CA ALA A 178 3.62 -58.25 -8.52
C ALA A 178 4.50 -59.42 -8.06
N LEU A 179 3.99 -60.18 -7.09
CA LEU A 179 4.75 -61.30 -6.54
C LEU A 179 5.05 -62.38 -7.58
N GLU A 180 4.09 -62.65 -8.46
CA GLU A 180 4.34 -63.62 -9.52
C GLU A 180 5.46 -63.11 -10.46
N ARG A 181 5.43 -61.81 -10.71
CA ARG A 181 6.37 -61.18 -11.60
C ARG A 181 7.79 -61.17 -11.05
N GLY A 182 7.92 -61.00 -9.73
CA GLY A 182 9.24 -60.93 -9.12
C GLY A 182 9.83 -62.28 -8.76
N LYS A 183 9.14 -63.37 -9.15
CA LYS A 183 9.62 -64.74 -8.89
C LYS A 183 10.98 -64.98 -9.54
N PRO A 184 11.84 -65.79 -8.89
CA PRO A 184 13.12 -66.25 -9.49
C PRO A 184 12.88 -67.44 -10.40
N GLY A 187 13.73 -73.56 -8.43
CA GLY A 187 13.95 -73.73 -7.01
C GLY A 187 15.01 -72.78 -6.48
N GLN A 188 15.15 -71.62 -7.12
CA GLN A 188 16.16 -70.62 -6.74
C GLN A 188 15.69 -69.65 -5.64
N LYS A 189 16.67 -68.99 -5.01
CA LYS A 189 16.41 -67.95 -4.02
C LYS A 189 16.32 -66.59 -4.69
N THR A 190 15.51 -65.69 -4.12
CA THR A 190 15.41 -64.32 -4.63
C THR A 190 16.69 -63.56 -4.25
N ARG A 191 17.26 -62.85 -5.22
CA ARG A 191 18.48 -62.08 -4.95
C ARG A 191 18.12 -60.72 -4.35
N TYR A 192 16.88 -60.56 -3.91
CA TYR A 192 16.40 -59.26 -3.41
C TYR A 192 15.49 -59.34 -2.19
N SER A 193 15.65 -58.42 -1.27
CA SER A 193 14.64 -58.25 -0.24
C SER A 193 13.56 -57.29 -0.77
N PHE A 194 12.41 -57.25 -0.12
CA PHE A 194 11.24 -56.52 -0.63
C PHE A 194 11.00 -55.26 0.19
N ASP A 195 11.07 -54.12 -0.49
CA ASP A 195 10.62 -52.84 0.07
C ASP A 195 9.19 -52.68 -0.41
N MET A 196 8.23 -53.00 0.46
CA MET A 196 6.83 -53.00 0.02
C MET A 196 6.31 -51.58 -0.19
N LEU A 197 5.57 -51.39 -1.27
CA LEU A 197 5.09 -50.07 -1.64
C LEU A 197 4.15 -49.37 -0.61
N GLY A 198 3.29 -50.11 0.06
CA GLY A 198 2.27 -49.44 0.85
C GLY A 198 2.68 -48.51 2.00
N GLU A 199 1.86 -47.47 2.18
CA GLU A 199 1.95 -46.60 3.34
C GLU A 199 0.60 -45.90 3.59
N GLY A 200 0.43 -45.41 4.81
CA GLY A 200 -0.71 -44.56 5.13
C GLY A 200 -2.06 -45.10 4.71
N ALA A 201 -2.51 -46.16 5.36
CA ALA A 201 -3.86 -46.63 5.12
C ALA A 201 -4.82 -45.50 5.46
N ARG A 202 -5.75 -45.24 4.56
CA ARG A 202 -6.78 -44.23 4.79
C ARG A 202 -8.07 -44.85 5.33
N THR A 203 -8.23 -46.15 5.14
CA THR A 203 -9.48 -46.86 5.47
C THR A 203 -9.13 -48.17 6.14
N ALA A 204 -10.13 -48.75 6.83
CA ALA A 204 -9.95 -50.07 7.42
C ALA A 204 -9.68 -51.12 6.33
N ALA A 205 -10.40 -51.04 5.22
CA ALA A 205 -10.15 -51.94 4.10
C ALA A 205 -8.72 -51.82 3.55
N ASP A 206 -8.14 -50.62 3.52
CA ASP A 206 -6.73 -50.46 3.10
C ASP A 206 -5.76 -51.16 4.06
N ALA A 207 -6.01 -51.02 5.36
CA ALA A 207 -5.19 -51.65 6.38
C ALA A 207 -5.20 -53.18 6.25
N ARG A 208 -6.35 -53.77 5.93
CA ARG A 208 -6.45 -55.22 5.67
C ARG A 208 -5.73 -55.59 4.36
N ARG A 209 -5.91 -54.75 3.34
CA ARG A 209 -5.25 -55.05 2.07
C ARG A 209 -3.73 -55.06 2.27
N TYR A 210 -3.20 -54.03 2.93
CA TYR A 210 -1.74 -53.99 3.11
C TYR A 210 -1.27 -55.18 3.95
N PHE A 211 -1.99 -55.46 5.05
CA PHE A 211 -1.71 -56.63 5.89
C PHE A 211 -1.62 -57.89 5.03
N ASP A 212 -2.61 -58.11 4.17
CA ASP A 212 -2.62 -59.31 3.35
C ASP A 212 -1.51 -59.30 2.31
N ALA A 213 -1.18 -58.13 1.76
CA ALA A 213 -0.05 -58.03 0.84
C ALA A 213 1.28 -58.41 1.53
N TYR A 214 1.51 -57.88 2.72
CA TYR A 214 2.70 -58.22 3.48
C TYR A 214 2.73 -59.72 3.76
N ALA A 215 1.60 -60.27 4.18
CA ALA A 215 1.50 -61.69 4.49
C ALA A 215 1.80 -62.52 3.25
N SER A 216 1.21 -62.16 2.12
CA SER A 216 1.52 -62.84 0.85
C SER A 216 3.00 -62.68 0.48
N ALA A 217 3.55 -61.48 0.66
CA ALA A 217 4.98 -61.24 0.31
C ALA A 217 5.92 -62.16 1.12
N ILE A 218 5.61 -62.30 2.41
CA ILE A 218 6.35 -63.14 3.31
C ILE A 218 6.32 -64.63 2.88
N GLU A 219 5.19 -65.15 2.38
CA GLU A 219 5.18 -66.53 1.91
C GLU A 219 6.00 -66.69 0.63
N THR A 220 5.84 -65.74 -0.28
CA THR A 220 6.59 -65.80 -1.53
C THR A 220 8.09 -65.74 -1.28
N ILE A 221 8.49 -64.83 -0.40
CA ILE A 221 9.91 -64.65 -0.12
C ILE A 221 10.46 -65.80 0.72
N GLY A 222 9.57 -66.40 1.54
CA GLY A 222 9.93 -67.54 2.35
C GLY A 222 10.21 -68.76 1.48
N LYS A 223 9.28 -69.08 0.57
CA LYS A 223 9.44 -70.20 -0.35
C LYS A 223 10.70 -70.09 -1.22
N ALA A 224 11.40 -68.97 -1.17
CA ALA A 224 12.60 -68.80 -1.96
C ALA A 224 13.74 -68.18 -1.13
N ALA A 225 13.84 -68.58 0.14
CA ALA A 225 14.82 -67.99 1.04
C ALA A 225 16.21 -68.68 1.05
N GLY A 226 16.33 -69.79 0.35
CA GLY A 226 17.59 -70.54 0.39
C GLY A 226 17.73 -71.27 1.72
N ASN A 227 18.91 -71.83 1.95
CA ASN A 227 19.13 -72.67 3.14
C ASN A 227 20.20 -72.14 4.10
N HIS A 228 20.58 -70.87 3.95
CA HIS A 228 21.56 -70.29 4.85
C HIS A 228 20.87 -69.67 6.06
N ALA A 229 21.66 -69.34 7.07
CA ALA A 229 21.14 -68.71 8.27
C ALA A 229 21.17 -67.19 8.05
N LEU A 230 20.41 -66.47 8.86
CA LEU A 230 20.55 -65.02 8.94
C LEU A 230 22.02 -64.74 9.25
N PRO A 231 22.58 -63.66 8.69
CA PRO A 231 21.85 -62.61 8.00
C PRO A 231 21.67 -62.89 6.52
N ASP A 232 22.09 -64.05 6.06
CA ASP A 232 22.03 -64.38 4.63
C ASP A 232 20.68 -64.96 4.20
N ARG A 233 19.61 -64.27 4.60
CA ARG A 233 18.24 -64.59 4.18
C ARG A 233 17.52 -63.29 3.81
N PRO A 234 16.48 -63.37 2.96
CA PRO A 234 15.85 -62.14 2.49
C PRO A 234 15.08 -61.45 3.59
N GLY A 235 14.83 -60.16 3.38
CA GLY A 235 14.04 -59.37 4.30
C GLY A 235 12.80 -58.76 3.66
N ILE A 236 11.92 -58.26 4.51
CA ILE A 236 10.78 -57.51 4.07
C ILE A 236 10.68 -56.25 4.89
N SER A 237 10.37 -55.13 4.24
CA SER A 237 10.16 -53.87 4.92
C SER A 237 8.68 -53.57 5.05
N VAL A 238 8.31 -53.09 6.24
CA VAL A 238 6.93 -52.86 6.63
C VAL A 238 6.73 -51.45 7.20
N LYS A 239 5.60 -50.80 6.87
CA LYS A 239 5.26 -49.49 7.43
C LYS A 239 4.04 -49.54 8.37
N LEU A 240 4.22 -49.11 9.61
CA LEU A 240 3.09 -49.06 10.55
C LEU A 240 1.90 -48.26 10.02
N SER A 241 2.16 -47.18 9.28
CA SER A 241 1.04 -46.37 8.77
C SER A 241 0.20 -47.18 7.76
N ALA A 242 0.78 -48.21 7.15
CA ALA A 242 0.04 -49.02 6.21
C ALA A 242 -0.93 -49.95 6.93
N LEU A 243 -0.65 -50.26 8.19
CA LEU A 243 -1.39 -51.28 8.94
C LEU A 243 -2.48 -50.72 9.84
N HIS A 244 -2.57 -49.40 9.94
CA HIS A 244 -3.60 -48.79 10.77
C HIS A 244 -3.98 -47.43 10.21
N PRO A 245 -5.31 -47.18 10.03
CA PRO A 245 -5.87 -46.00 9.35
C PRO A 245 -5.86 -44.69 10.15
N ARG A 246 -5.67 -44.75 11.46
CA ARG A 246 -5.47 -43.53 12.24
C ARG A 246 -4.22 -43.73 13.09
N PHE A 247 -3.09 -43.92 12.42
CA PHE A 247 -1.81 -44.09 13.09
C PHE A 247 -1.25 -42.72 13.47
N GLU A 248 -1.59 -42.27 14.68
CA GLU A 248 -1.31 -40.92 15.14
C GLU A 248 -1.31 -40.94 16.67
N ALA A 249 -0.53 -40.05 17.26
CA ALA A 249 -0.42 -40.00 18.73
C ALA A 249 -1.78 -39.89 19.45
N ILE A 250 -2.69 -39.06 18.95
CA ILE A 250 -3.96 -38.87 19.66
C ILE A 250 -4.86 -40.12 19.63
N SER A 251 -4.59 -41.03 18.70
CA SER A 251 -5.32 -42.28 18.65
C SER A 251 -4.52 -43.43 19.25
N ARG A 252 -3.51 -43.11 20.07
CA ARG A 252 -2.66 -44.14 20.68
C ARG A 252 -3.42 -45.28 21.37
N ALA A 253 -4.48 -44.97 22.11
CA ALA A 253 -5.19 -46.03 22.82
C ALA A 253 -5.71 -47.08 21.84
N ARG A 254 -6.39 -46.65 20.78
CA ARG A 254 -6.89 -47.66 19.84
C ARG A 254 -5.74 -48.31 19.04
N VAL A 255 -4.69 -47.55 18.76
CA VAL A 255 -3.53 -48.11 18.04
C VAL A 255 -2.86 -49.26 18.79
N MET A 256 -2.64 -49.10 20.09
CA MET A 256 -1.97 -50.15 20.88
C MET A 256 -2.75 -51.45 20.92
N VAL A 257 -4.07 -51.34 20.82
CA VAL A 257 -4.99 -52.48 20.94
C VAL A 257 -5.27 -53.13 19.57
N GLU A 258 -5.18 -52.33 18.51
CA GLU A 258 -5.53 -52.82 17.17
C GLU A 258 -4.31 -53.20 16.32
N LEU A 259 -3.27 -52.38 16.36
CA LEU A 259 -2.14 -52.52 15.44
C LEU A 259 -1.19 -53.62 15.91
N VAL A 260 -0.86 -53.62 17.20
CA VAL A 260 0.05 -54.62 17.75
C VAL A 260 -0.24 -56.10 17.34
N PRO A 261 -1.51 -56.56 17.42
CA PRO A 261 -1.73 -57.95 17.02
C PRO A 261 -1.50 -58.17 15.54
N GLN A 262 -1.79 -57.16 14.72
CA GLN A 262 -1.52 -57.27 13.29
C GLN A 262 -0.02 -57.32 13.02
N LEU A 263 0.74 -56.40 13.61
CA LEU A 263 2.19 -56.39 13.46
C LEU A 263 2.79 -57.67 13.99
N LEU A 264 2.21 -58.18 15.08
CA LEU A 264 2.68 -59.44 15.63
C LEU A 264 2.44 -60.64 14.69
N ASP A 265 1.25 -60.70 14.10
CA ASP A 265 0.88 -61.76 13.19
C ASP A 265 1.88 -61.82 12.02
N LEU A 266 2.20 -60.67 11.43
CA LEU A 266 3.16 -60.63 10.33
C LEU A 266 4.56 -61.02 10.79
N ALA A 267 4.98 -60.59 11.97
CA ALA A 267 6.31 -60.90 12.49
C ALA A 267 6.48 -62.41 12.73
N GLN A 268 5.42 -63.03 13.22
CA GLN A 268 5.34 -64.49 13.37
C GLN A 268 5.44 -65.21 12.02
N ARG A 269 4.74 -64.70 11.01
CA ARG A 269 4.80 -65.32 9.70
C ARG A 269 6.19 -65.21 9.14
N ALA A 270 6.86 -64.11 9.49
CA ALA A 270 8.24 -63.88 9.05
C ALA A 270 9.20 -64.80 9.80
N LYS A 271 9.00 -64.88 11.12
CA LYS A 271 9.83 -65.72 11.97
C LYS A 271 9.80 -67.16 11.46
N ALA A 272 8.61 -67.61 11.04
CA ALA A 272 8.46 -68.98 10.56
C ALA A 272 9.30 -69.27 9.31
N HIS A 273 9.74 -68.22 8.61
CA HIS A 273 10.65 -68.46 7.49
C HIS A 273 12.04 -67.96 7.81
N ASP A 274 12.26 -67.62 9.10
CA ASP A 274 13.53 -67.07 9.57
C ASP A 274 13.97 -65.90 8.70
N LEU A 275 13.05 -64.98 8.44
CA LEU A 275 13.35 -63.82 7.61
C LEU A 275 13.77 -62.61 8.44
N ASN A 276 14.44 -61.66 7.78
CA ASN A 276 14.65 -60.34 8.33
C ASN A 276 13.34 -59.57 8.19
N PHE A 277 12.87 -58.98 9.28
CA PHE A 277 11.59 -58.28 9.27
C PHE A 277 11.77 -56.87 9.83
N THR A 278 11.65 -55.87 8.98
CA THR A 278 12.03 -54.52 9.38
C THR A 278 10.86 -53.54 9.37
N VAL A 279 10.61 -52.91 10.51
CA VAL A 279 9.64 -51.82 10.61
C VAL A 279 10.27 -50.49 10.17
N ASP A 280 9.79 -49.95 9.05
CA ASP A 280 10.34 -48.70 8.52
C ASP A 280 10.11 -47.57 9.50
N ALA A 281 10.92 -46.53 9.38
CA ALA A 281 10.77 -45.32 10.19
C ALA A 281 10.09 -44.27 9.34
N GLU A 282 9.10 -43.59 9.91
CA GLU A 282 8.31 -42.61 9.16
C GLU A 282 8.50 -41.20 9.74
N GLU A 283 7.45 -40.38 9.77
CA GLU A 283 7.61 -38.98 10.17
C GLU A 283 7.99 -38.82 11.64
N ALA A 284 8.59 -37.68 11.98
CA ALA A 284 9.09 -37.50 13.35
C ALA A 284 7.96 -37.53 14.40
N ASP A 285 6.75 -37.10 14.01
CA ASP A 285 5.64 -37.09 14.95
C ASP A 285 5.06 -38.48 15.21
N ARG A 286 5.59 -39.48 14.49
CA ARG A 286 5.19 -40.88 14.68
C ARG A 286 6.27 -41.72 15.35
N LEU A 287 7.44 -41.13 15.60
CA LEU A 287 8.55 -41.87 16.21
C LEU A 287 8.15 -42.55 17.54
N GLU A 288 7.67 -41.75 18.48
CA GLU A 288 7.29 -42.27 19.80
C GLU A 288 6.21 -43.36 19.74
N LEU A 289 5.15 -43.11 18.97
CA LEU A 289 4.08 -44.07 18.83
C LEU A 289 4.58 -45.37 18.21
N SER A 290 5.46 -45.26 17.21
CA SER A 290 5.98 -46.48 16.57
C SER A 290 6.84 -47.29 17.55
N LEU A 291 7.67 -46.61 18.33
CA LEU A 291 8.50 -47.30 19.31
C LEU A 291 7.63 -48.02 20.35
N ASP A 292 6.49 -47.42 20.70
CA ASP A 292 5.49 -48.05 21.58
C ASP A 292 4.93 -49.35 20.97
N VAL A 293 4.53 -49.24 19.71
CA VAL A 293 4.00 -50.39 18.98
C VAL A 293 5.06 -51.49 18.87
N ILE A 294 6.27 -51.07 18.50
CA ILE A 294 7.36 -52.01 18.26
C ILE A 294 7.76 -52.74 19.55
N ALA A 295 7.82 -52.00 20.66
CA ALA A 295 8.18 -52.59 21.94
C ALA A 295 7.14 -53.62 22.37
N ALA A 296 5.86 -53.26 22.29
CA ALA A 296 4.79 -54.19 22.71
C ALA A 296 4.76 -55.44 21.83
N THR A 297 5.07 -55.27 20.55
CA THR A 297 5.08 -56.38 19.62
C THR A 297 6.27 -57.28 19.93
N LEU A 298 7.44 -56.67 20.13
CA LEU A 298 8.66 -57.43 20.37
C LEU A 298 8.57 -58.22 21.68
N ALA A 299 7.80 -57.71 22.62
CA ALA A 299 7.71 -58.32 23.95
C ALA A 299 7.05 -59.70 23.94
N ASP A 300 6.18 -59.94 22.96
CA ASP A 300 5.47 -61.20 22.84
C ASP A 300 6.43 -62.38 22.77
N PRO A 301 6.14 -63.43 23.56
CA PRO A 301 7.02 -64.61 23.67
C PRO A 301 7.09 -65.40 22.38
N SER A 302 6.09 -65.28 21.52
CA SER A 302 6.11 -65.99 20.24
C SER A 302 7.28 -65.56 19.32
N LEU A 303 8.00 -64.50 19.68
CA LEU A 303 9.10 -64.01 18.83
C LEU A 303 10.49 -64.38 19.38
N LYS A 304 10.54 -65.14 20.47
CA LYS A 304 11.81 -65.68 20.97
C LYS A 304 12.44 -66.60 19.91
N GLY A 305 13.76 -66.81 20.00
CA GLY A 305 14.42 -67.77 19.13
C GLY A 305 14.41 -67.37 17.65
N TRP A 306 14.49 -66.07 17.41
CA TRP A 306 14.48 -65.53 16.06
C TRP A 306 15.21 -64.20 16.07
N ASP A 307 16.19 -64.06 15.17
CA ASP A 307 17.12 -62.94 15.21
C ASP A 307 16.85 -61.90 14.10
N GLY A 308 15.69 -61.98 13.46
CA GLY A 308 15.45 -61.15 12.30
C GLY A 308 14.55 -59.93 12.51
N PHE A 309 14.05 -59.75 13.73
CA PHE A 309 13.16 -58.63 13.98
C PHE A 309 14.00 -57.39 14.04
N GLY A 310 13.44 -56.30 13.51
CA GLY A 310 14.13 -55.04 13.59
C GLY A 310 13.37 -53.82 13.11
N LEU A 311 14.09 -52.70 13.06
CA LEU A 311 13.46 -51.43 12.72
C LEU A 311 14.48 -50.49 12.08
N ALA A 312 13.98 -49.46 11.41
CA ALA A 312 14.86 -48.42 10.87
C ALA A 312 14.97 -47.27 11.87
N ILE A 313 16.14 -46.67 11.90
CA ILE A 313 16.40 -45.50 12.72
C ILE A 313 16.99 -44.40 11.85
N GLN A 314 16.40 -43.21 11.94
CA GLN A 314 16.77 -42.09 11.09
C GLN A 314 17.80 -41.16 11.75
N ALA A 315 19.02 -41.15 11.22
CA ALA A 315 20.09 -40.31 11.75
C ALA A 315 19.89 -38.82 11.51
N TYR A 316 19.01 -38.46 10.57
CA TYR A 316 18.78 -37.03 10.38
C TYR A 316 18.02 -36.43 11.56
N GLN A 317 17.53 -37.28 12.46
CA GLN A 317 16.85 -36.80 13.67
C GLN A 317 17.81 -36.60 14.82
N LYS A 318 17.60 -35.53 15.58
CA LYS A 318 18.44 -35.27 16.74
C LYS A 318 18.29 -36.38 17.78
N ARG A 319 17.14 -37.05 17.75
CA ARG A 319 16.82 -38.11 18.73
C ARG A 319 17.40 -39.48 18.37
N ALA A 320 18.10 -39.60 17.25
CA ALA A 320 18.51 -40.91 16.74
C ALA A 320 19.36 -41.71 17.73
N SER A 321 20.36 -41.05 18.30
CA SER A 321 21.26 -41.69 19.25
C SER A 321 20.45 -42.24 20.46
N ALA A 322 19.46 -41.47 20.92
CA ALA A 322 18.62 -41.95 22.03
C ALA A 322 17.75 -43.14 21.61
N VAL A 323 17.29 -43.13 20.36
CA VAL A 323 16.51 -44.24 19.84
C VAL A 323 17.36 -45.52 19.87
N ILE A 324 18.62 -45.38 19.49
CA ILE A 324 19.54 -46.51 19.51
C ILE A 324 19.66 -47.08 20.94
N ASP A 325 19.84 -46.21 21.94
CA ASP A 325 19.90 -46.65 23.34
C ASP A 325 18.63 -47.43 23.73
N TYR A 326 17.48 -46.85 23.40
CA TYR A 326 16.17 -47.45 23.67
C TYR A 326 16.03 -48.82 23.04
N VAL A 327 16.48 -48.94 21.80
CA VAL A 327 16.37 -50.18 21.08
C VAL A 327 17.30 -51.21 21.66
N ASP A 328 18.49 -50.77 22.10
CA ASP A 328 19.42 -51.70 22.71
C ASP A 328 18.85 -52.24 24.03
N ALA A 329 18.26 -51.36 24.82
CA ALA A 329 17.71 -51.74 26.13
C ALA A 329 16.51 -52.66 25.94
N LEU A 330 15.75 -52.42 24.88
CA LEU A 330 14.65 -53.29 24.51
C LEU A 330 15.21 -54.69 24.23
N ALA A 331 16.29 -54.74 23.45
CA ALA A 331 16.87 -56.02 23.06
C ALA A 331 17.41 -56.76 24.29
N ARG A 332 18.07 -56.03 25.19
CA ARG A 332 18.62 -56.66 26.40
C ARG A 332 17.50 -57.11 27.33
N ALA A 333 16.46 -56.30 27.48
CA ALA A 333 15.37 -56.63 28.40
C ALA A 333 14.62 -57.88 27.99
N HIS A 334 14.50 -58.10 26.68
CA HIS A 334 13.74 -59.26 26.23
C HIS A 334 14.67 -60.37 25.76
N ASP A 335 15.97 -60.17 25.95
CA ASP A 335 17.00 -61.10 25.48
C ASP A 335 16.82 -61.48 24.01
N ARG A 336 16.82 -60.48 23.14
CA ARG A 336 16.71 -60.73 21.69
C ARG A 336 17.92 -60.19 20.95
N LYS A 337 18.15 -60.76 19.78
CA LYS A 337 19.04 -60.16 18.81
C LYS A 337 18.17 -59.44 17.79
N LEU A 338 18.53 -58.20 17.48
CA LEU A 338 17.79 -57.36 16.55
C LEU A 338 18.65 -56.98 15.35
N MET A 339 18.04 -56.93 14.17
CA MET A 339 18.70 -56.35 13.01
C MET A 339 18.18 -54.93 12.88
N VAL A 340 19.11 -53.96 12.93
CA VAL A 340 18.74 -52.56 13.04
C VAL A 340 19.26 -51.75 11.87
N ARG A 341 18.34 -51.13 11.13
CA ARG A 341 18.70 -50.37 9.93
C ARG A 341 18.95 -48.91 10.22
N LEU A 342 20.13 -48.42 9.85
CA LEU A 342 20.43 -47.00 10.02
C LEU A 342 20.31 -46.32 8.66
N VAL A 343 19.41 -45.33 8.58
CA VAL A 343 19.24 -44.54 7.38
C VAL A 343 19.48 -43.08 7.77
N LYS A 344 19.59 -42.21 6.77
CA LYS A 344 19.60 -40.79 7.10
C LYS A 344 18.17 -40.28 7.34
N GLY A 345 17.31 -40.42 6.34
CA GLY A 345 15.91 -40.06 6.51
C GLY A 345 15.22 -39.53 5.26
N ALA A 346 14.00 -40.01 5.01
CA ALA A 346 13.34 -39.74 3.72
C ALA A 346 12.32 -38.59 3.73
N TYR A 347 12.14 -37.92 4.87
CA TYR A 347 11.03 -36.99 5.01
C TYR A 347 11.47 -35.56 5.39
N TRP A 348 12.69 -35.19 5.04
CA TRP A 348 13.27 -33.93 5.53
C TRP A 348 12.43 -32.69 5.24
N ASP A 349 11.97 -32.55 4.00
CA ASP A 349 11.21 -31.37 3.62
C ASP A 349 9.88 -31.31 4.38
N THR A 350 9.29 -32.48 4.59
CA THR A 350 8.05 -32.56 5.35
C THR A 350 8.27 -32.13 6.78
N GLU A 351 9.37 -32.55 7.40
CA GLU A 351 9.60 -32.17 8.80
C GLU A 351 9.79 -30.67 8.98
N ILE A 352 10.45 -30.03 8.01
CA ILE A 352 10.68 -28.59 8.09
C ILE A 352 9.35 -27.87 8.03
N LYS A 353 8.55 -28.23 7.02
CA LYS A 353 7.27 -27.58 6.79
C LYS A 353 6.33 -27.78 7.96
N ARG A 354 6.28 -29.01 8.50
CA ARG A 354 5.39 -29.29 9.61
C ARG A 354 5.75 -28.50 10.86
N ALA A 355 7.03 -28.45 11.18
CA ALA A 355 7.47 -27.70 12.36
C ALA A 355 7.12 -26.20 12.21
N GLN A 356 7.26 -25.68 11.00
CA GLN A 356 6.89 -24.30 10.72
C GLN A 356 5.39 -24.07 10.84
N GLU A 357 4.58 -24.90 10.18
CA GLU A 357 3.12 -24.77 10.27
C GLU A 357 2.63 -24.90 11.71
N ARG A 358 3.26 -25.81 12.46
CA ARG A 358 2.79 -26.13 13.80
C ARG A 358 3.37 -25.20 14.87
N GLY A 359 4.17 -24.23 14.42
CA GLY A 359 4.80 -23.26 15.32
C GLY A 359 5.60 -23.91 16.42
N LEU A 360 6.40 -24.91 16.06
CA LEU A 360 7.15 -25.66 17.08
C LEU A 360 8.33 -24.83 17.55
N ASP A 361 8.94 -25.21 18.67
CA ASP A 361 10.08 -24.42 19.15
C ASP A 361 11.43 -24.83 18.55
N GLY A 362 11.40 -25.75 17.58
CA GLY A 362 12.59 -26.16 16.85
C GLY A 362 12.30 -27.27 15.85
N TYR A 363 13.32 -27.70 15.13
CA TYR A 363 13.21 -28.81 14.17
C TYR A 363 13.69 -30.13 14.78
N PRO A 364 12.94 -31.21 14.54
CA PRO A 364 13.34 -32.52 15.06
C PRO A 364 14.51 -33.09 14.26
N VAL A 365 14.74 -32.53 13.08
CA VAL A 365 15.84 -32.94 12.22
C VAL A 365 16.93 -31.87 12.13
N PHE A 366 18.14 -32.26 11.74
CA PHE A 366 19.20 -31.28 11.45
C PHE A 366 18.82 -30.52 10.19
N THR A 367 19.32 -29.30 10.04
CA THR A 367 18.99 -28.50 8.85
C THR A 367 20.19 -28.27 7.94
N ARG A 368 21.34 -28.77 8.35
CA ARG A 368 22.47 -28.82 7.42
C ARG A 368 22.81 -30.26 7.11
N LYS A 369 22.94 -30.56 5.83
CA LYS A 369 23.16 -31.90 5.34
C LYS A 369 24.39 -32.52 6.01
N ALA A 370 25.41 -31.70 6.21
CA ALA A 370 26.65 -32.18 6.79
C ALA A 370 26.44 -32.61 8.23
N MET A 371 25.45 -32.05 8.90
CA MET A 371 25.11 -32.48 10.27
C MET A 371 24.47 -33.87 10.26
N THR A 372 23.62 -34.13 9.26
CA THR A 372 23.07 -35.48 9.13
C THR A 372 24.18 -36.48 8.90
N ASP A 373 25.09 -36.12 7.99
CA ASP A 373 26.22 -36.99 7.67
C ASP A 373 27.09 -37.25 8.89
N LEU A 374 27.33 -36.23 9.70
CA LEU A 374 28.05 -36.38 10.96
C LEU A 374 27.35 -37.33 11.91
N ASN A 375 26.06 -37.08 12.12
CA ASN A 375 25.28 -37.88 13.05
C ASN A 375 25.14 -39.34 12.58
N TYR A 376 25.09 -39.53 11.26
CA TYR A 376 25.04 -40.88 10.72
C TYR A 376 26.29 -41.65 11.09
N VAL A 377 27.43 -41.02 10.87
CA VAL A 377 28.69 -41.68 11.22
C VAL A 377 28.78 -41.92 12.74
N ALA A 378 28.40 -40.93 13.54
CA ALA A 378 28.38 -41.14 14.99
C ALA A 378 27.47 -42.31 15.40
N CYS A 379 26.29 -42.39 14.79
CA CYS A 379 25.33 -43.47 15.08
C CYS A 379 25.82 -44.83 14.61
N ALA A 380 26.55 -44.83 13.49
CA ALA A 380 27.07 -46.09 12.96
C ALA A 380 28.10 -46.61 13.94
N SER A 381 28.90 -45.68 14.45
CA SER A 381 29.94 -45.99 15.43
C SER A 381 29.32 -46.65 16.68
N LYS A 382 28.23 -46.07 17.13
CA LYS A 382 27.51 -46.54 18.29
C LYS A 382 26.92 -47.92 18.01
N LEU A 383 26.27 -48.05 16.86
CA LEU A 383 25.68 -49.34 16.47
C LEU A 383 26.72 -50.44 16.34
N LEU A 384 27.89 -50.11 15.81
CA LEU A 384 28.93 -51.12 15.62
C LEU A 384 29.37 -51.69 16.98
N ALA A 385 29.35 -50.86 18.01
CA ALA A 385 29.78 -51.29 19.35
C ALA A 385 28.73 -52.14 20.05
N LEU A 386 27.53 -52.22 19.46
CA LEU A 386 26.45 -53.02 20.06
C LEU A 386 26.36 -54.41 19.46
N ARG A 387 27.26 -54.73 18.52
CA ARG A 387 27.41 -56.09 18.02
C ARG A 387 27.94 -56.94 19.19
N PRO A 388 27.57 -58.24 19.25
CA PRO A 388 26.78 -58.96 18.25
C PRO A 388 25.28 -59.02 18.54
N ARG A 389 24.81 -58.44 19.64
CA ARG A 389 23.37 -58.48 19.92
C ARG A 389 22.58 -57.73 18.86
N ILE A 390 23.06 -56.53 18.53
CA ILE A 390 22.51 -55.75 17.41
C ILE A 390 23.29 -56.05 16.14
N PHE A 391 22.57 -56.38 15.07
CA PHE A 391 23.20 -56.52 13.75
C PHE A 391 22.85 -55.28 12.92
N PRO A 392 23.81 -54.35 12.77
CA PRO A 392 23.56 -53.06 12.09
C PRO A 392 23.45 -53.21 10.57
N GLN A 393 22.49 -52.53 9.97
CA GLN A 393 22.33 -52.47 8.51
C GLN A 393 22.44 -51.01 8.06
N PHE A 394 23.49 -50.69 7.32
CA PHE A 394 23.73 -49.30 6.92
C PHE A 394 23.18 -49.05 5.52
N ALA A 395 21.99 -48.46 5.47
CA ALA A 395 21.34 -48.14 4.22
C ALA A 395 21.80 -46.76 3.77
N THR A 396 22.61 -46.73 2.71
CA THR A 396 23.11 -45.47 2.14
C THR A 396 23.69 -45.71 0.75
N HIS A 397 23.62 -44.72 -0.14
CA HIS A 397 24.32 -44.87 -1.42
C HIS A 397 25.43 -43.85 -1.55
N ASN A 398 25.87 -43.34 -0.40
CA ASN A 398 26.95 -42.38 -0.36
C ASN A 398 28.31 -43.09 -0.22
N ALA A 399 29.19 -42.95 -1.22
CA ALA A 399 30.52 -43.60 -1.19
C ALA A 399 31.39 -43.18 0.00
N LEU A 400 31.34 -41.92 0.39
CA LEU A 400 32.10 -41.47 1.55
C LEU A 400 31.55 -42.08 2.86
N THR A 401 30.22 -42.12 2.97
CA THR A 401 29.57 -42.70 4.14
C THR A 401 29.94 -44.17 4.25
N VAL A 402 29.85 -44.87 3.12
CA VAL A 402 30.23 -46.29 3.07
C VAL A 402 31.69 -46.49 3.47
N ALA A 403 32.60 -45.73 2.86
CA ALA A 403 34.04 -45.86 3.18
C ALA A 403 34.34 -45.58 4.65
N THR A 404 33.59 -44.64 5.23
CA THR A 404 33.84 -44.18 6.60
C THR A 404 33.31 -45.22 7.61
N VAL A 405 32.15 -45.80 7.29
CA VAL A 405 31.59 -46.82 8.17
C VAL A 405 32.44 -48.05 8.11
N LEU A 406 32.92 -48.39 6.91
CA LEU A 406 33.78 -49.55 6.75
C LEU A 406 35.07 -49.42 7.58
N GLU A 407 35.69 -48.23 7.56
CA GLU A 407 36.91 -48.01 8.33
C GLU A 407 36.67 -48.21 9.83
N MET A 408 35.58 -47.64 10.32
CA MET A 408 35.26 -47.71 11.74
C MET A 408 34.88 -49.09 12.23
N ALA A 409 34.45 -49.97 11.32
CA ALA A 409 34.08 -51.33 11.70
C ALA A 409 35.34 -52.16 11.96
N GLU A 410 36.45 -51.72 11.36
CA GLU A 410 37.76 -52.35 11.52
C GLU A 410 37.78 -53.81 11.06
N GLY A 411 36.68 -54.25 10.45
CA GLY A 411 36.53 -55.59 9.91
C GLY A 411 35.35 -55.53 8.96
N SER A 412 34.77 -56.68 8.63
CA SER A 412 33.69 -56.71 7.65
C SER A 412 32.53 -57.60 8.12
N SER A 413 32.60 -58.02 9.38
CA SER A 413 31.64 -58.98 9.92
C SER A 413 30.68 -58.44 10.98
N GLY A 414 29.49 -59.02 11.04
CA GLY A 414 28.51 -58.62 12.05
C GLY A 414 27.66 -57.43 11.64
N PHE A 415 27.77 -57.00 10.39
CA PHE A 415 26.91 -55.94 9.88
C PHE A 415 26.76 -56.07 8.36
N GLU A 416 25.89 -55.26 7.76
CA GLU A 416 25.76 -55.26 6.31
C GLU A 416 25.51 -53.83 5.85
N PHE A 417 25.68 -53.60 4.54
CA PHE A 417 25.20 -52.38 3.95
C PHE A 417 23.88 -52.69 3.26
N GLN A 418 23.10 -51.66 2.93
CA GLN A 418 21.86 -51.84 2.17
C GLN A 418 21.75 -50.82 1.05
N ARG A 419 21.02 -51.19 0.01
CA ARG A 419 20.75 -50.28 -1.07
C ARG A 419 19.41 -50.62 -1.70
N LEU A 420 18.93 -49.69 -2.51
CA LEU A 420 17.69 -49.89 -3.23
C LEU A 420 18.03 -50.27 -4.67
N HIS A 421 17.31 -51.24 -5.21
CA HIS A 421 17.46 -51.60 -6.62
C HIS A 421 17.36 -50.34 -7.48
N GLY A 422 18.31 -50.17 -8.40
CA GLY A 422 18.38 -48.97 -9.22
C GLY A 422 19.23 -47.84 -8.65
N MET A 423 19.84 -48.07 -7.49
CA MET A 423 20.76 -47.10 -6.92
C MET A 423 21.95 -47.83 -6.29
N GLY A 424 23.11 -47.15 -6.26
CA GLY A 424 24.29 -47.67 -5.62
C GLY A 424 24.89 -48.92 -6.22
N GLU A 425 24.46 -49.30 -7.42
CA GLU A 425 24.92 -50.58 -7.98
C GLU A 425 26.43 -50.65 -8.21
N ALA A 426 26.96 -49.62 -8.87
CA ALA A 426 28.39 -49.60 -9.14
C ALA A 426 29.17 -49.43 -7.85
N LEU A 427 28.68 -48.57 -6.96
CA LEU A 427 29.31 -48.41 -5.64
C LEU A 427 29.52 -49.80 -4.99
N TYR A 428 28.44 -50.55 -4.79
CA TYR A 428 28.55 -51.80 -4.02
C TYR A 428 29.23 -52.97 -4.72
N GLU A 429 29.13 -52.99 -6.05
CA GLU A 429 29.89 -53.95 -6.84
C GLU A 429 31.39 -53.75 -6.58
N GLN A 430 31.81 -52.49 -6.64
CA GLN A 430 33.21 -52.14 -6.44
C GLN A 430 33.64 -52.41 -5.01
N LEU A 431 32.78 -52.06 -4.06
CA LEU A 431 33.07 -52.37 -2.66
C LEU A 431 33.31 -53.86 -2.49
N ALA A 432 32.48 -54.68 -3.13
CA ALA A 432 32.61 -56.13 -3.01
C ALA A 432 33.90 -56.63 -3.66
N LYS A 433 34.32 -56.02 -4.77
CA LYS A 433 35.60 -56.38 -5.41
C LYS A 433 36.79 -56.07 -4.52
N ASP A 434 36.73 -54.96 -3.81
CA ASP A 434 37.86 -54.51 -2.98
C ASP A 434 37.84 -55.13 -1.58
N HIS A 435 36.69 -55.65 -1.16
CA HIS A 435 36.54 -56.27 0.17
C HIS A 435 35.60 -57.48 0.08
N ALA A 436 36.17 -58.65 -0.17
CA ALA A 436 35.36 -59.84 -0.49
C ALA A 436 34.46 -60.38 0.63
N ASP A 437 34.69 -59.96 1.88
CA ASP A 437 33.83 -60.41 2.98
C ASP A 437 32.70 -59.42 3.29
N ILE A 438 32.51 -58.44 2.42
CA ILE A 438 31.46 -57.45 2.65
C ILE A 438 30.10 -57.96 2.20
N ALA A 439 29.12 -57.78 3.07
CA ALA A 439 27.75 -58.11 2.76
C ALA A 439 26.98 -56.86 2.42
N TYR A 440 26.14 -56.93 1.39
CA TYR A 440 25.11 -55.92 1.22
C TYR A 440 23.77 -56.51 0.74
N ARG A 441 22.70 -55.97 1.30
CA ARG A 441 21.33 -56.34 0.99
C ARG A 441 20.76 -55.37 -0.05
N THR A 442 20.13 -55.93 -1.08
CA THR A 442 19.50 -55.13 -2.11
C THR A 442 18.00 -55.29 -2.01
N TYR A 443 17.28 -54.18 -1.90
CA TYR A 443 15.83 -54.23 -1.83
C TYR A 443 15.21 -53.83 -3.15
N ALA A 444 14.17 -54.57 -3.53
CA ALA A 444 13.35 -54.19 -4.68
C ALA A 444 12.03 -53.62 -4.16
N PRO A 445 11.59 -52.50 -4.75
CA PRO A 445 10.23 -52.02 -4.48
C PRO A 445 9.21 -53.00 -5.04
N VAL A 446 8.29 -53.46 -4.20
CA VAL A 446 7.30 -54.45 -4.60
C VAL A 446 5.92 -54.00 -4.16
N GLY A 447 4.97 -53.98 -5.09
CA GLY A 447 3.59 -53.74 -4.72
C GLY A 447 2.64 -53.50 -5.87
N SER A 448 1.47 -52.96 -5.53
CA SER A 448 0.43 -52.66 -6.52
C SER A 448 0.51 -51.26 -7.15
N HIS A 449 -0.02 -51.14 -8.36
CA HIS A 449 -0.11 -49.85 -9.07
C HIS A 449 -0.76 -48.76 -8.20
N ARG A 450 -1.77 -49.13 -7.43
CA ARG A 450 -2.51 -48.15 -6.61
C ARG A 450 -1.65 -47.57 -5.49
N ASP A 451 -0.45 -48.12 -5.27
CA ASP A 451 0.44 -47.62 -4.24
C ASP A 451 1.70 -47.00 -4.83
N LEU A 452 1.81 -47.03 -6.15
CA LEU A 452 3.00 -46.53 -6.81
C LEU A 452 3.19 -45.00 -6.70
N LEU A 453 2.16 -44.22 -6.94
CA LEU A 453 2.32 -42.76 -6.96
C LEU A 453 2.92 -42.20 -5.66
N ALA A 454 2.38 -42.61 -4.51
CA ALA A 454 2.90 -42.15 -3.22
C ALA A 454 4.38 -42.48 -3.05
N TYR A 455 4.77 -43.69 -3.48
CA TYR A 455 6.15 -44.11 -3.39
C TYR A 455 7.05 -43.36 -4.40
N LEU A 456 6.55 -43.17 -5.62
CA LEU A 456 7.36 -42.49 -6.63
C LEU A 456 7.75 -41.07 -6.21
N VAL A 457 6.76 -40.33 -5.69
CA VAL A 457 6.97 -38.98 -5.20
C VAL A 457 8.12 -38.89 -4.17
N ARG A 458 8.08 -39.74 -3.15
CA ARG A 458 9.11 -39.73 -2.11
C ARG A 458 10.45 -40.12 -2.70
N ARG A 459 10.45 -41.07 -3.63
CA ARG A 459 11.69 -41.52 -4.25
C ARG A 459 12.34 -40.43 -5.11
N LEU A 460 11.51 -39.68 -5.83
CA LEU A 460 12.03 -38.74 -6.83
C LEU A 460 12.62 -37.48 -6.22
N LEU A 461 12.19 -37.15 -5.02
CA LEU A 461 12.71 -35.97 -4.36
C LEU A 461 14.22 -36.13 -4.09
N GLU A 462 14.65 -37.37 -3.85
CA GLU A 462 16.03 -37.65 -3.49
C GLU A 462 16.95 -37.68 -4.72
N ASN A 463 16.54 -38.40 -5.76
CA ASN A 463 17.31 -38.48 -6.99
C ASN A 463 17.38 -37.13 -7.72
N GLY A 464 16.50 -36.20 -7.33
CA GLY A 464 16.47 -34.88 -7.92
C GLY A 464 17.19 -33.82 -7.10
N ALA A 465 17.33 -34.08 -5.79
CA ALA A 465 17.92 -33.13 -4.85
C ALA A 465 19.37 -32.78 -5.18
N ASN A 466 19.70 -31.49 -5.16
CA ASN A 466 21.06 -31.02 -5.48
C ASN A 466 22.10 -31.45 -4.46
N SER A 467 21.66 -31.58 -3.21
CA SER A 467 22.56 -32.00 -2.13
C SER A 467 22.80 -33.50 -2.15
N SER A 468 22.00 -34.23 -2.93
CA SER A 468 22.09 -35.68 -2.91
C SER A 468 23.42 -36.17 -3.52
N PHE A 469 24.06 -37.10 -2.82
CA PHE A 469 25.32 -37.66 -3.26
C PHE A 469 25.17 -38.29 -4.64
N VAL A 470 24.07 -39.02 -4.83
CA VAL A 470 23.81 -39.75 -6.05
C VAL A 470 23.72 -38.80 -7.24
N ALA A 471 22.99 -37.70 -7.06
CA ALA A 471 22.88 -36.71 -8.13
C ALA A 471 24.25 -36.10 -8.43
N GLN A 472 24.97 -35.71 -7.38
CA GLN A 472 26.28 -35.09 -7.58
C GLN A 472 27.30 -36.01 -8.26
N ALA A 473 27.37 -37.27 -7.84
CA ALA A 473 28.32 -38.21 -8.42
C ALA A 473 28.03 -38.46 -9.92
N ALA A 474 26.79 -38.17 -10.32
CA ALA A 474 26.39 -38.35 -11.71
C ALA A 474 26.60 -37.07 -12.50
N ASP A 475 26.96 -36.00 -11.80
CA ASP A 475 27.29 -34.73 -12.43
C ASP A 475 28.79 -34.59 -12.50
N TYR A 476 29.35 -34.76 -13.71
CA TYR A 476 30.81 -34.73 -13.91
C TYR A 476 31.44 -33.35 -13.73
N ARG A 477 30.62 -32.32 -13.58
CA ARG A 477 31.14 -31.01 -13.21
C ARG A 477 31.66 -31.04 -11.80
N VAL A 478 31.13 -31.96 -10.99
CA VAL A 478 31.56 -32.07 -9.59
C VAL A 478 32.76 -33.00 -9.49
N PRO A 479 33.92 -32.43 -9.13
CA PRO A 479 35.17 -33.19 -9.02
C PRO A 479 35.07 -34.24 -7.92
N VAL A 480 35.74 -35.37 -8.11
CA VAL A 480 35.83 -36.39 -7.09
C VAL A 480 36.23 -35.84 -5.69
N PRO A 481 37.24 -34.96 -5.63
CA PRO A 481 37.59 -34.45 -4.29
C PRO A 481 36.45 -33.75 -3.54
N ALA A 482 35.55 -33.08 -4.25
CA ALA A 482 34.42 -32.39 -3.64
C ALA A 482 33.41 -33.36 -3.00
N LEU A 483 33.32 -34.56 -3.54
CA LEU A 483 32.44 -35.58 -3.01
C LEU A 483 33.01 -36.19 -1.73
N LEU A 484 34.29 -35.89 -1.47
CA LEU A 484 35.04 -36.49 -0.37
C LEU A 484 35.34 -35.54 0.78
N GLN A 485 34.79 -34.33 0.70
CA GLN A 485 34.92 -33.36 1.77
C GLN A 485 34.34 -34.00 3.02
N ARG A 486 35.07 -33.92 4.12
CA ARG A 486 34.53 -34.45 5.35
C ARG A 486 33.44 -33.53 5.95
N PRO A 487 32.37 -34.15 6.48
CA PRO A 487 31.25 -33.39 7.04
C PRO A 487 31.71 -32.39 8.11
N ALA A 488 32.67 -32.79 8.93
CA ALA A 488 33.17 -31.90 9.97
C ALA A 488 33.85 -30.65 9.39
N ASP A 489 34.45 -30.78 8.20
CA ASP A 489 35.11 -29.65 7.55
C ASP A 489 34.12 -28.70 6.90
N ALA A 490 32.88 -29.14 6.76
CA ALA A 490 31.85 -28.30 6.15
C ALA A 490 31.15 -27.47 7.22
N ILE A 491 31.05 -28.04 8.43
CA ILE A 491 30.47 -27.35 9.58
C ILE A 491 31.47 -26.41 10.27
N VAL A 492 32.70 -26.89 10.46
CA VAL A 492 33.80 -26.13 11.08
C VAL A 492 33.56 -25.77 12.56
N ARG A 493 32.42 -25.16 12.87
CA ARG A 493 32.15 -24.63 14.21
C ARG A 493 30.73 -24.96 14.67
N PRO A 494 30.57 -25.35 15.95
CA PRO A 494 29.27 -25.71 16.51
C PRO A 494 28.15 -24.72 16.18
N GLN A 495 28.42 -23.42 16.35
CA GLN A 495 27.39 -22.39 16.14
C GLN A 495 26.95 -22.34 14.68
N ALA A 496 27.69 -23.00 13.80
CA ALA A 496 27.33 -23.07 12.38
C ALA A 496 26.50 -24.32 12.08
N ALA A 497 26.08 -25.04 13.11
CA ALA A 497 25.42 -26.32 12.89
C ALA A 497 24.08 -26.17 12.15
N ALA A 498 23.24 -25.26 12.65
CA ALA A 498 21.96 -24.95 12.01
C ALA A 498 22.15 -24.27 10.65
N HIS A 499 21.18 -24.44 9.77
CA HIS A 499 21.24 -23.79 8.47
C HIS A 499 20.89 -22.31 8.62
N PRO A 500 21.79 -21.42 8.13
CA PRO A 500 21.70 -19.97 8.36
C PRO A 500 20.49 -19.36 7.67
N ARG A 501 20.01 -20.00 6.61
CA ARG A 501 18.88 -19.47 5.85
C ARG A 501 17.56 -20.19 6.12
N ILE A 502 17.48 -20.90 7.24
CA ILE A 502 16.21 -21.52 7.62
C ILE A 502 15.85 -21.04 9.03
N PRO A 503 14.85 -20.15 9.13
CA PRO A 503 14.50 -19.58 10.43
C PRO A 503 13.82 -20.62 11.32
N LEU A 504 13.89 -20.45 12.63
CA LEU A 504 13.09 -21.27 13.53
C LEU A 504 11.63 -20.87 13.29
N PRO A 505 10.68 -21.76 13.60
CA PRO A 505 9.29 -21.41 13.32
C PRO A 505 8.85 -20.11 14.01
N CYS A 506 9.35 -19.82 15.21
CA CYS A 506 8.94 -18.60 15.90
C CYS A 506 9.40 -17.34 15.16
N ASP A 507 10.37 -17.49 14.26
CA ASP A 507 10.92 -16.37 13.50
C ASP A 507 10.47 -16.36 12.05
N LEU A 508 9.42 -17.13 11.74
CA LEU A 508 9.01 -17.30 10.34
C LEU A 508 8.63 -15.95 9.69
N PHE A 509 8.12 -15.01 10.48
CA PHE A 509 7.71 -13.72 9.93
C PHE A 509 8.64 -12.59 10.35
N ALA A 510 9.77 -12.91 10.97
CA ALA A 510 10.73 -11.87 11.41
C ALA A 510 11.27 -11.13 10.19
N PRO A 511 11.54 -9.82 10.33
CA PRO A 511 11.41 -9.03 11.55
C PRO A 511 10.08 -8.32 11.66
N GLU A 512 9.16 -8.58 10.73
CA GLU A 512 7.82 -7.99 10.76
C GLU A 512 7.09 -8.26 12.08
N ARG A 513 7.07 -9.52 12.52
CA ARG A 513 6.39 -9.84 13.79
C ARG A 513 6.79 -11.22 14.31
N ARG A 514 6.45 -11.49 15.58
CA ARG A 514 6.63 -12.82 16.17
C ARG A 514 5.51 -13.78 15.73
N ASN A 515 5.81 -15.07 15.73
CA ASN A 515 4.84 -16.09 15.35
C ASN A 515 4.31 -16.68 16.65
N SER A 516 3.05 -17.07 16.68
CA SER A 516 2.49 -17.72 17.86
C SER A 516 3.12 -19.11 18.05
N ARG A 517 3.08 -19.64 19.26
CA ARG A 517 3.66 -20.96 19.55
C ARG A 517 2.61 -22.05 19.43
N GLY A 518 3.00 -23.20 18.87
CA GLY A 518 2.14 -24.36 18.83
C GLY A 518 2.69 -25.47 19.71
N VAL A 519 2.08 -26.66 19.61
CA VAL A 519 2.48 -27.82 20.40
C VAL A 519 2.56 -29.03 19.46
N GLU A 520 3.62 -29.85 19.60
CA GLU A 520 3.70 -31.10 18.83
C GLU A 520 3.00 -32.24 19.56
N PHE A 521 1.86 -32.66 19.01
CA PHE A 521 1.06 -33.70 19.66
C PHE A 521 1.83 -35.03 19.67
N GLY A 522 2.75 -35.18 18.71
CA GLY A 522 3.56 -36.38 18.59
C GLY A 522 4.71 -36.48 19.57
N ALA A 523 4.81 -35.51 20.47
CA ALA A 523 5.78 -35.55 21.56
C ALA A 523 4.98 -35.67 22.84
N ARG A 524 4.99 -36.86 23.45
CA ARG A 524 4.06 -37.16 24.52
C ARG A 524 4.18 -36.22 25.71
N THR A 525 5.41 -35.79 26.02
CA THR A 525 5.61 -34.85 27.10
C THR A 525 4.88 -33.54 26.79
N ALA A 526 5.00 -33.07 25.55
CA ALA A 526 4.36 -31.83 25.15
C ALA A 526 2.84 -31.94 25.16
N LEU A 527 2.32 -33.05 24.63
CA LEU A 527 0.87 -33.24 24.60
C LEU A 527 0.29 -33.46 26.02
N ASP A 528 0.97 -34.24 26.84
CA ASP A 528 0.50 -34.53 28.21
C ASP A 528 0.42 -33.25 29.02
N GLN A 529 1.43 -32.41 28.89
CA GLN A 529 1.44 -31.13 29.60
C GLN A 529 0.31 -30.22 29.15
N LEU A 530 0.08 -30.16 27.84
CA LEU A 530 -1.03 -29.37 27.30
C LEU A 530 -2.37 -29.91 27.82
N LEU A 531 -2.57 -31.23 27.77
CA LEU A 531 -3.84 -31.81 28.23
C LEU A 531 -4.04 -31.51 29.72
N THR A 532 -2.95 -31.63 30.48
CA THR A 532 -2.95 -31.32 31.92
C THR A 532 -3.24 -29.85 32.20
N ASP A 533 -2.51 -28.95 31.55
CA ASP A 533 -2.71 -27.51 31.75
C ASP A 533 -4.17 -27.13 31.47
N VAL A 534 -4.73 -27.69 30.39
CA VAL A 534 -6.10 -27.36 30.01
C VAL A 534 -7.12 -27.88 31.00
N LYS A 535 -6.96 -29.15 31.42
CA LYS A 535 -7.86 -29.77 32.37
C LYS A 535 -7.90 -29.00 33.69
N ALA A 536 -6.78 -28.36 34.02
CA ALA A 536 -6.68 -27.61 35.26
C ALA A 536 -7.44 -26.26 35.20
N GLU A 537 -7.97 -25.92 34.02
CA GLU A 537 -8.67 -24.64 33.81
C GLU A 537 -10.17 -24.80 33.70
N ILE A 544 -24.16 -15.41 32.03
CA ILE A 544 -24.02 -14.06 31.49
C ILE A 544 -25.37 -13.46 31.11
N ALA A 545 -25.75 -12.39 31.81
CA ALA A 545 -27.04 -11.76 31.56
C ALA A 545 -27.05 -10.96 30.26
N ASP A 546 -28.14 -11.07 29.49
CA ASP A 546 -28.33 -10.25 28.31
C ASP A 546 -28.35 -8.75 28.62
N ALA A 547 -28.17 -7.94 27.59
CA ALA A 547 -28.27 -6.50 27.72
C ALA A 547 -29.66 -6.06 27.28
N THR A 548 -30.17 -4.99 27.89
CA THR A 548 -31.40 -4.34 27.44
C THR A 548 -31.05 -3.43 26.27
N PRO A 549 -32.05 -3.11 25.43
CA PRO A 549 -31.77 -2.18 24.32
C PRO A 549 -31.28 -0.83 24.81
N ASP A 550 -31.64 -0.48 26.04
CA ASP A 550 -31.18 0.75 26.66
C ASP A 550 -29.69 0.67 27.02
N GLN A 551 -29.26 -0.50 27.47
CA GLN A 551 -27.86 -0.70 27.82
C GLN A 551 -26.96 -0.69 26.59
N ALA A 552 -27.51 -1.12 25.46
CA ALA A 552 -26.78 -1.13 24.21
C ALA A 552 -26.61 0.30 23.72
N HIS A 553 -27.67 1.07 23.81
CA HIS A 553 -27.62 2.48 23.45
C HIS A 553 -26.67 3.27 24.36
N ALA A 554 -26.67 2.96 25.65
CA ALA A 554 -25.73 3.61 26.56
C ALA A 554 -24.30 3.21 26.23
N ALA A 555 -24.12 1.98 25.78
CA ALA A 555 -22.80 1.51 25.38
C ALA A 555 -22.27 2.30 24.17
N VAL A 556 -23.12 2.50 23.16
CA VAL A 556 -22.73 3.30 22.00
C VAL A 556 -22.35 4.68 22.43
N ALA A 557 -23.17 5.30 23.27
CA ALA A 557 -22.92 6.68 23.69
C ALA A 557 -21.60 6.78 24.44
N ALA A 558 -21.32 5.78 25.27
CA ALA A 558 -20.09 5.76 26.04
C ALA A 558 -18.86 5.52 25.14
N ALA A 559 -19.06 4.72 24.10
CA ALA A 559 -18.01 4.47 23.12
C ALA A 559 -17.80 5.74 22.29
N ARG A 560 -18.88 6.43 21.96
CA ARG A 560 -18.79 7.71 21.24
C ARG A 560 -17.97 8.75 22.01
N ALA A 561 -18.06 8.70 23.33
CA ALA A 561 -17.31 9.63 24.17
C ALA A 561 -15.83 9.26 24.24
N GLY A 562 -15.54 7.96 24.24
CA GLY A 562 -14.16 7.53 24.35
C GLY A 562 -13.40 7.60 23.04
N PHE A 563 -14.13 7.80 21.94
CA PHE A 563 -13.55 7.82 20.61
C PHE A 563 -12.51 8.93 20.45
N ALA A 564 -12.85 10.14 20.90
CA ALA A 564 -11.97 11.31 20.75
C ALA A 564 -10.55 11.05 21.26
N GLY A 565 -10.46 10.53 22.48
CA GLY A 565 -9.16 10.25 23.07
C GLY A 565 -8.47 9.02 22.49
N TRP A 566 -9.24 7.99 22.14
CA TRP A 566 -8.62 6.78 21.57
C TRP A 566 -8.08 7.04 20.17
N SER A 567 -8.85 7.76 19.36
CA SER A 567 -8.42 8.12 18.02
C SER A 567 -7.13 8.95 18.02
N ARG A 568 -6.91 9.73 19.07
CA ARG A 568 -5.74 10.61 19.16
C ARG A 568 -4.57 10.00 19.89
N THR A 569 -4.78 8.82 20.47
CA THR A 569 -3.69 8.04 21.03
C THR A 569 -2.76 7.57 19.90
N PRO A 570 -1.44 7.81 20.06
CA PRO A 570 -0.50 7.49 18.98
C PRO A 570 -0.54 6.01 18.54
N ALA A 571 -0.34 5.78 17.24
CA ALA A 571 -0.49 4.44 16.67
C ALA A 571 0.42 3.42 17.36
N GLY A 572 1.63 3.84 17.73
CA GLY A 572 2.55 2.96 18.42
C GLY A 572 1.99 2.50 19.77
N ILE A 573 1.24 3.37 20.43
CA ILE A 573 0.64 3.03 21.72
C ILE A 573 -0.50 2.02 21.53
N ARG A 574 -1.31 2.26 20.50
CA ARG A 574 -2.41 1.34 20.16
C ARG A 574 -1.82 -0.03 19.78
N ALA A 575 -0.74 -0.02 19.01
CA ALA A 575 -0.09 -1.26 18.56
C ALA A 575 0.49 -2.02 19.74
N ALA A 576 1.08 -1.29 20.67
CA ALA A 576 1.65 -1.93 21.85
C ALA A 576 0.59 -2.68 22.64
N ALA A 577 -0.64 -2.18 22.65
CA ALA A 577 -1.69 -2.84 23.42
C ALA A 577 -2.10 -4.16 22.76
N LEU A 578 -2.17 -4.16 21.42
CA LEU A 578 -2.46 -5.37 20.68
C LEU A 578 -1.38 -6.43 20.94
N GLU A 579 -0.11 -6.01 20.88
CA GLU A 579 1.02 -6.93 21.08
C GLU A 579 1.05 -7.47 22.51
N GLN A 580 0.60 -6.65 23.45
CA GLN A 580 0.51 -7.13 24.83
C GLN A 580 -0.67 -8.09 24.97
N ALA A 581 -1.73 -7.86 24.21
CA ALA A 581 -2.87 -8.76 24.20
C ALA A 581 -2.43 -10.12 23.65
N ALA A 582 -1.62 -10.10 22.60
CA ALA A 582 -1.09 -11.35 22.02
C ALA A 582 -0.27 -12.09 23.06
N HIS A 583 0.60 -11.36 23.76
CA HIS A 583 1.41 -11.95 24.82
C HIS A 583 0.54 -12.58 25.93
N LEU A 584 -0.54 -11.91 26.29
CA LEU A 584 -1.39 -12.39 27.38
C LEU A 584 -2.19 -13.63 26.93
N LEU A 585 -2.64 -13.62 25.69
CA LEU A 585 -3.33 -14.78 25.12
C LEU A 585 -2.45 -16.02 25.15
N GLU A 586 -1.19 -15.88 24.76
CA GLU A 586 -0.30 -17.02 24.67
C GLU A 586 0.14 -17.45 26.06
N SER A 587 0.29 -16.47 26.94
CA SER A 587 0.61 -16.75 28.32
C SER A 587 -0.53 -17.51 29.00
N ARG A 588 -1.77 -17.23 28.59
CA ARG A 588 -2.92 -17.86 29.23
C ARG A 588 -3.65 -18.82 28.30
N SER A 589 -2.91 -19.43 27.38
CA SER A 589 -3.50 -20.30 26.35
C SER A 589 -4.37 -21.43 26.90
N ALA A 590 -3.95 -22.02 28.02
CA ALA A 590 -4.71 -23.14 28.59
C ALA A 590 -6.13 -22.71 29.00
N HIS A 591 -6.23 -21.55 29.63
CA HIS A 591 -7.50 -20.99 30.03
C HIS A 591 -8.39 -20.76 28.81
N PHE A 592 -7.82 -20.16 27.77
CA PHE A 592 -8.62 -19.87 26.58
C PHE A 592 -8.99 -21.12 25.79
N ILE A 593 -8.07 -22.07 25.72
CA ILE A 593 -8.35 -23.36 25.09
C ILE A 593 -9.46 -24.12 25.82
N ALA A 594 -9.41 -24.14 27.14
CA ALA A 594 -10.48 -24.77 27.92
C ALA A 594 -11.83 -24.15 27.58
N LEU A 595 -11.86 -22.83 27.43
CA LEU A 595 -13.11 -22.15 27.10
C LEU A 595 -13.60 -22.53 25.71
N LEU A 596 -12.66 -22.59 24.77
CA LEU A 596 -12.99 -22.94 23.39
C LEU A 596 -13.53 -24.38 23.34
N GLN A 597 -12.97 -25.24 24.16
CA GLN A 597 -13.45 -26.60 24.19
C GLN A 597 -14.85 -26.69 24.82
N ARG A 598 -15.02 -26.06 25.99
CA ARG A 598 -16.27 -26.18 26.75
C ARG A 598 -17.41 -25.36 26.17
N GLU A 599 -17.15 -24.09 25.85
CA GLU A 599 -18.20 -23.22 25.30
C GLU A 599 -18.32 -23.38 23.78
N GLY A 600 -17.20 -23.63 23.10
CA GLY A 600 -17.19 -23.75 21.65
C GLY A 600 -17.42 -25.17 21.11
N GLY A 601 -17.15 -26.17 21.95
CA GLY A 601 -17.26 -27.56 21.54
C GLY A 601 -16.09 -27.99 20.67
N LYS A 602 -14.97 -27.28 20.78
CA LYS A 602 -13.83 -27.54 19.88
C LYS A 602 -12.87 -28.61 20.37
N THR A 603 -12.35 -29.43 19.44
CA THR A 603 -11.30 -30.39 19.74
C THR A 603 -10.00 -29.66 20.07
N LEU A 604 -9.04 -30.34 20.69
CA LEU A 604 -7.84 -29.68 21.18
C LEU A 604 -7.04 -28.99 20.08
N ASP A 605 -6.92 -29.62 18.93
CA ASP A 605 -6.16 -29.03 17.85
C ASP A 605 -6.84 -27.78 17.31
N ASP A 606 -8.17 -27.82 17.18
CA ASP A 606 -8.93 -26.66 16.71
C ASP A 606 -8.90 -25.48 17.68
N ALA A 607 -8.96 -25.78 18.97
CA ALA A 607 -8.91 -24.74 20.00
C ALA A 607 -7.52 -24.08 20.01
N LEU A 608 -6.49 -24.90 20.09
CA LEU A 608 -5.12 -24.39 20.05
C LEU A 608 -4.88 -23.54 18.79
N SER A 609 -5.36 -24.03 17.66
CA SER A 609 -5.19 -23.31 16.41
C SER A 609 -5.91 -21.96 16.44
N GLU A 610 -7.11 -21.94 17.04
CA GLU A 610 -7.86 -20.69 17.18
C GLU A 610 -7.15 -19.71 18.13
N LEU A 611 -6.61 -20.23 19.22
CA LEU A 611 -5.84 -19.40 20.14
C LEU A 611 -4.63 -18.79 19.44
N ARG A 612 -3.91 -19.60 18.64
CA ARG A 612 -2.78 -19.07 17.87
C ARG A 612 -3.22 -17.96 16.90
N GLU A 613 -4.34 -18.19 16.23
CA GLU A 613 -4.89 -17.28 15.23
C GLU A 613 -5.30 -15.95 15.89
N ALA A 614 -5.89 -16.04 17.06
CA ALA A 614 -6.25 -14.86 17.84
C ALA A 614 -5.00 -14.01 18.12
N ALA A 615 -3.95 -14.62 18.64
CA ALA A 615 -2.71 -13.89 18.89
C ALA A 615 -2.07 -13.40 17.60
N ASP A 616 -2.16 -14.20 16.53
CA ASP A 616 -1.59 -13.77 15.25
C ASP A 616 -2.31 -12.51 14.73
N PHE A 617 -3.63 -12.47 14.88
CA PHE A 617 -4.39 -11.28 14.51
C PHE A 617 -3.87 -10.03 15.24
N CYS A 618 -3.65 -10.13 16.54
CA CYS A 618 -3.17 -8.99 17.34
C CYS A 618 -1.82 -8.48 16.81
N ARG A 619 -0.88 -9.39 16.64
CA ARG A 619 0.45 -8.97 16.21
C ARG A 619 0.47 -8.47 14.77
N TYR A 620 -0.37 -9.04 13.92
CA TYR A 620 -0.38 -8.64 12.52
C TYR A 620 -1.04 -7.27 12.31
N TYR A 621 -2.20 -7.07 12.91
CA TYR A 621 -2.83 -5.77 12.84
C TYR A 621 -1.95 -4.73 13.55
N ALA A 622 -1.23 -5.15 14.58
CA ALA A 622 -0.29 -4.22 15.22
C ALA A 622 0.77 -3.80 14.21
N ALA A 623 1.38 -4.75 13.50
CA ALA A 623 2.45 -4.38 12.58
C ALA A 623 1.94 -3.57 11.40
N GLN A 624 0.80 -3.99 10.84
CA GLN A 624 0.21 -3.25 9.73
C GLN A 624 -0.30 -1.89 10.20
N GLY A 625 -0.77 -1.86 11.45
CA GLY A 625 -1.17 -0.60 12.07
C GLY A 625 -0.05 0.43 12.13
N ARG A 626 1.16 0.01 12.51
CA ARG A 626 2.30 0.96 12.56
C ARG A 626 2.67 1.48 11.18
N LYS A 627 2.73 0.60 10.20
CA LYS A 627 2.99 1.00 8.82
C LYS A 627 1.93 1.96 8.32
N LEU A 628 0.68 1.66 8.63
CA LEU A 628 -0.42 2.42 8.05
C LEU A 628 -0.73 3.73 8.78
N PHE A 629 -0.79 3.69 10.11
CA PHE A 629 -1.23 4.86 10.87
C PHE A 629 -0.07 5.52 11.61
N GLY A 630 1.13 4.96 11.48
CA GLY A 630 2.27 5.43 12.27
C GLY A 630 2.84 6.76 11.83
N SER A 631 2.78 7.03 10.53
CA SER A 631 3.24 8.30 9.98
C SER A 631 2.40 8.70 8.77
N GLU A 632 2.38 10.00 8.49
CA GLU A 632 1.68 10.53 7.34
C GLU A 632 2.45 10.23 6.06
N THR A 633 1.75 10.20 4.93
CA THR A 633 2.39 10.01 3.64
C THR A 633 2.55 11.37 2.98
N ALA A 634 3.79 11.73 2.63
CA ALA A 634 4.05 12.99 1.93
C ALA A 634 3.70 12.85 0.45
N MET A 635 2.87 13.75 -0.07
CA MET A 635 2.50 13.70 -1.49
C MET A 635 3.41 14.62 -2.27
N PRO A 636 3.71 14.26 -3.53
CA PRO A 636 4.53 15.17 -4.34
C PRO A 636 3.71 16.39 -4.68
N GLY A 637 4.39 17.48 -5.00
CA GLY A 637 3.69 18.70 -5.28
C GLY A 637 4.61 19.85 -5.58
N PRO A 638 4.05 21.05 -5.64
CA PRO A 638 4.86 22.20 -6.02
C PRO A 638 5.71 22.60 -4.82
N THR A 639 6.81 23.31 -5.10
CA THR A 639 7.61 23.96 -4.07
C THR A 639 6.74 25.00 -3.32
N GLY A 640 7.10 25.30 -2.08
CA GLY A 640 6.34 26.26 -1.28
C GLY A 640 4.98 25.74 -0.80
N GLU A 641 4.82 24.43 -0.78
CA GLU A 641 3.57 23.83 -0.31
C GLU A 641 3.83 22.41 0.18
N SER A 642 3.21 22.04 1.29
CA SER A 642 3.31 20.67 1.77
C SER A 642 1.95 19.99 1.67
N ASN A 643 1.98 18.72 1.34
CA ASN A 643 0.79 17.92 1.21
C ASN A 643 1.02 16.60 1.91
N ALA A 644 0.22 16.35 2.94
CA ALA A 644 0.36 15.16 3.77
C ALA A 644 -0.96 14.41 3.86
N LEU A 645 -0.90 13.10 3.67
CA LEU A 645 -2.06 12.24 3.77
C LEU A 645 -1.95 11.40 5.03
N THR A 646 -3.01 11.43 5.83
CA THR A 646 -3.10 10.64 7.05
C THR A 646 -4.39 9.82 7.03
N MET A 647 -4.48 8.89 7.98
CA MET A 647 -5.66 8.06 8.14
C MET A 647 -6.10 8.10 9.59
N ARG A 648 -7.36 8.46 9.81
CA ARG A 648 -7.86 8.68 11.14
C ARG A 648 -8.97 7.68 11.43
N GLY A 649 -9.19 7.37 12.71
CA GLY A 649 -10.33 6.56 13.10
C GLY A 649 -11.63 7.16 12.58
N ARG A 650 -12.64 6.32 12.33
CA ARG A 650 -13.90 6.82 11.79
C ARG A 650 -14.86 7.29 12.88
N GLY A 651 -14.91 6.55 13.99
CA GLY A 651 -15.85 6.80 15.08
C GLY A 651 -16.09 5.54 15.90
N VAL A 652 -17.36 5.22 16.16
CA VAL A 652 -17.71 4.01 16.88
C VAL A 652 -18.02 2.90 15.90
N PHE A 653 -17.26 1.80 15.98
CA PHE A 653 -17.56 0.61 15.21
C PHE A 653 -18.35 -0.36 16.05
N VAL A 654 -19.34 -0.97 15.42
CA VAL A 654 -20.05 -2.11 15.99
C VAL A 654 -19.46 -3.38 15.40
N ALA A 655 -19.01 -4.27 16.27
CA ALA A 655 -18.40 -5.53 15.88
C ALA A 655 -19.35 -6.69 16.22
N ILE A 656 -19.81 -7.40 15.19
CA ILE A 656 -20.69 -8.55 15.39
C ILE A 656 -20.02 -9.85 14.97
N SER A 657 -19.91 -10.80 15.89
CA SER A 657 -19.09 -11.98 15.69
C SER A 657 -19.87 -13.29 15.77
N PRO A 658 -19.38 -14.35 15.11
CA PRO A 658 -20.10 -15.62 15.06
C PRO A 658 -19.68 -16.58 16.17
N TRP A 659 -20.36 -17.71 16.26
CA TRP A 659 -20.08 -18.69 17.31
C TRP A 659 -18.96 -19.68 16.95
N ASN A 660 -18.62 -19.77 15.66
CA ASN A 660 -17.72 -20.81 15.20
C ASN A 660 -16.22 -20.52 15.41
N PHE A 661 -15.86 -19.24 15.36
CA PHE A 661 -14.54 -18.78 15.84
C PHE A 661 -14.77 -17.63 16.82
N PRO A 662 -15.25 -17.98 18.02
CA PRO A 662 -15.78 -17.02 19.00
C PRO A 662 -14.69 -16.25 19.73
N LEU A 663 -13.44 -16.67 19.55
CA LEU A 663 -12.31 -15.91 20.09
C LEU A 663 -11.55 -15.19 18.99
N ALA A 664 -11.12 -15.92 17.95
CA ALA A 664 -10.21 -15.32 16.97
C ALA A 664 -10.90 -14.32 16.03
N ILE A 665 -12.09 -14.65 15.57
CA ILE A 665 -12.81 -13.72 14.71
C ILE A 665 -13.34 -12.58 15.55
N PHE A 666 -13.73 -12.90 16.77
CA PHE A 666 -14.14 -11.88 17.73
C PHE A 666 -13.03 -10.84 17.89
N LEU A 667 -11.82 -11.32 18.20
CA LEU A 667 -10.67 -10.43 18.41
C LEU A 667 -10.10 -9.81 17.14
N GLY A 668 -10.19 -10.54 16.01
CA GLY A 668 -9.67 -10.03 14.76
C GLY A 668 -10.40 -8.74 14.39
N GLN A 669 -11.73 -8.83 14.37
CA GLN A 669 -12.58 -7.70 14.03
C GLN A 669 -12.41 -6.56 15.03
N VAL A 670 -12.30 -6.90 16.31
CA VAL A 670 -12.23 -5.88 17.36
C VAL A 670 -10.91 -5.12 17.36
N THR A 671 -9.80 -5.86 17.34
CA THR A 671 -8.48 -5.24 17.34
C THR A 671 -8.19 -4.47 16.04
N ALA A 672 -8.80 -4.88 14.94
CA ALA A 672 -8.61 -4.13 13.69
C ALA A 672 -9.23 -2.74 13.86
N ALA A 673 -10.48 -2.72 14.32
CA ALA A 673 -11.23 -1.49 14.52
C ALA A 673 -10.49 -0.59 15.52
N LEU A 674 -10.07 -1.17 16.64
CA LEU A 674 -9.29 -0.45 17.64
C LEU A 674 -7.98 0.06 17.07
N MET A 675 -7.27 -0.78 16.31
CA MET A 675 -5.97 -0.36 15.77
C MET A 675 -6.10 0.85 14.84
N ALA A 676 -7.20 0.90 14.10
CA ALA A 676 -7.45 2.01 13.18
C ALA A 676 -7.80 3.29 13.95
N GLY A 677 -8.01 3.16 15.26
CA GLY A 677 -8.31 4.30 16.11
C GLY A 677 -9.79 4.54 16.33
N ASN A 678 -10.60 3.52 16.10
CA ASN A 678 -12.03 3.60 16.42
C ASN A 678 -12.30 3.08 17.83
N SER A 679 -13.40 3.52 18.43
CA SER A 679 -13.90 2.85 19.62
C SER A 679 -14.86 1.76 19.13
N VAL A 680 -15.11 0.77 20.00
CA VAL A 680 -15.85 -0.41 19.59
C VAL A 680 -16.92 -0.84 20.58
N VAL A 681 -18.12 -1.11 20.07
CA VAL A 681 -19.12 -1.89 20.80
C VAL A 681 -19.20 -3.26 20.14
N ALA A 682 -18.87 -4.31 20.91
CA ALA A 682 -18.81 -5.68 20.38
C ALA A 682 -20.01 -6.51 20.83
N LYS A 683 -20.70 -7.13 19.88
CA LYS A 683 -21.81 -8.02 20.20
C LYS A 683 -21.44 -9.44 19.73
N PRO A 684 -21.11 -10.33 20.68
CA PRO A 684 -20.73 -11.70 20.28
C PRO A 684 -21.97 -12.52 19.98
N ALA A 685 -21.79 -13.67 19.35
CA ALA A 685 -22.89 -14.60 19.14
C ALA A 685 -23.49 -15.05 20.49
N GLU A 686 -24.80 -15.26 20.51
CA GLU A 686 -25.51 -15.70 21.70
C GLU A 686 -24.94 -16.94 22.37
N GLN A 687 -24.46 -17.89 21.56
CA GLN A 687 -23.92 -19.14 22.08
C GLN A 687 -22.58 -18.99 22.81
N THR A 688 -21.84 -17.92 22.52
CA THR A 688 -20.46 -17.83 23.03
C THR A 688 -20.06 -16.51 23.72
N PRO A 689 -20.88 -16.06 24.68
CA PRO A 689 -20.50 -14.78 25.31
C PRO A 689 -19.37 -14.90 26.34
N ARG A 690 -19.17 -16.07 26.96
CA ARG A 690 -18.16 -16.16 28.00
C ARG A 690 -16.74 -15.93 27.46
N ILE A 691 -16.44 -16.50 26.30
CA ILE A 691 -15.12 -16.30 25.72
C ILE A 691 -14.95 -14.85 25.30
N ALA A 692 -16.05 -14.24 24.86
CA ALA A 692 -16.01 -12.86 24.43
C ALA A 692 -15.69 -11.94 25.61
N ARG A 693 -16.33 -12.21 26.75
CA ARG A 693 -16.10 -11.43 27.96
C ARG A 693 -14.67 -11.58 28.47
N GLU A 694 -14.13 -12.80 28.46
CA GLU A 694 -12.73 -12.99 28.86
C GLU A 694 -11.76 -12.25 27.94
N ALA A 695 -12.05 -12.25 26.64
CA ALA A 695 -11.20 -11.60 25.67
C ALA A 695 -11.20 -10.09 25.90
N VAL A 696 -12.39 -9.54 26.07
CA VAL A 696 -12.52 -8.11 26.33
C VAL A 696 -11.78 -7.71 27.61
N ALA A 697 -11.92 -8.49 28.68
CA ALA A 697 -11.20 -8.18 29.91
C ALA A 697 -9.68 -8.24 29.66
N LEU A 698 -9.27 -9.16 28.78
CA LEU A 698 -7.86 -9.29 28.45
C LEU A 698 -7.36 -8.07 27.66
N LEU A 699 -8.16 -7.56 26.74
CA LEU A 699 -7.77 -6.39 25.96
C LEU A 699 -7.62 -5.20 26.89
N HIS A 700 -8.61 -5.00 27.77
CA HIS A 700 -8.55 -3.93 28.77
C HIS A 700 -7.25 -4.05 29.56
N GLU A 701 -6.95 -5.25 30.03
CA GLU A 701 -5.72 -5.48 30.78
C GLU A 701 -4.48 -5.19 29.93
N ALA A 702 -4.56 -5.44 28.63
CA ALA A 702 -3.44 -5.19 27.72
C ALA A 702 -3.22 -3.71 27.37
N GLY A 703 -4.20 -2.87 27.66
CA GLY A 703 -4.03 -1.44 27.40
C GLY A 703 -5.18 -0.77 26.67
N ILE A 704 -6.22 -1.51 26.34
CA ILE A 704 -7.39 -0.90 25.73
C ILE A 704 -8.22 -0.25 26.84
N PRO A 705 -8.38 1.08 26.76
CA PRO A 705 -9.15 1.79 27.79
C PRO A 705 -10.60 1.30 27.84
N LYS A 706 -11.17 1.27 29.04
CA LYS A 706 -12.59 0.91 29.20
C LYS A 706 -13.48 1.78 28.31
N SER A 707 -13.07 3.04 28.09
CA SER A 707 -13.87 3.97 27.27
C SER A 707 -13.80 3.69 25.75
N ALA A 708 -12.89 2.82 25.31
CA ALA A 708 -12.73 2.53 23.89
C ALA A 708 -13.38 1.20 23.46
N LEU A 709 -13.74 0.35 24.43
CA LEU A 709 -14.25 -0.98 24.11
C LEU A 709 -15.34 -1.42 25.06
N TYR A 710 -16.52 -1.75 24.52
CA TYR A 710 -17.62 -2.24 25.34
C TYR A 710 -18.18 -3.55 24.80
N LEU A 711 -18.55 -4.43 25.73
CA LEU A 711 -19.17 -5.70 25.35
C LEU A 711 -20.67 -5.62 25.62
N VAL A 712 -21.48 -5.87 24.60
CA VAL A 712 -22.92 -5.95 24.76
C VAL A 712 -23.40 -7.32 24.28
N THR A 713 -24.01 -8.09 25.18
CA THR A 713 -24.47 -9.43 24.83
C THR A 713 -25.98 -9.54 24.65
N GLY A 714 -26.41 -10.50 23.84
CA GLY A 714 -27.83 -10.74 23.62
C GLY A 714 -28.16 -11.28 22.24
N ASP A 715 -29.44 -11.16 21.87
CA ASP A 715 -29.97 -11.73 20.64
C ASP A 715 -29.72 -10.87 19.39
N GLY A 716 -30.45 -11.17 18.32
CA GLY A 716 -30.41 -10.37 17.12
C GLY A 716 -31.08 -9.03 17.36
N ARG A 717 -31.97 -8.98 18.34
CA ARG A 717 -32.66 -7.73 18.67
C ARG A 717 -31.64 -6.73 19.24
N ILE A 718 -30.69 -7.24 20.02
CA ILE A 718 -29.64 -6.39 20.58
C ILE A 718 -28.68 -5.96 19.47
N GLY A 719 -28.33 -6.90 18.60
CA GLY A 719 -27.48 -6.61 17.46
C GLY A 719 -28.10 -5.56 16.56
N ALA A 720 -29.42 -5.64 16.39
CA ALA A 720 -30.11 -4.70 15.52
C ALA A 720 -30.23 -3.32 16.17
N ALA A 721 -30.30 -3.30 17.50
CA ALA A 721 -30.29 -2.03 18.23
C ALA A 721 -28.96 -1.29 18.00
N LEU A 722 -27.87 -2.04 18.03
CA LEU A 722 -26.56 -1.45 17.79
C LEU A 722 -26.42 -0.92 16.37
N THR A 723 -26.85 -1.70 15.38
CA THR A 723 -26.63 -1.35 13.98
C THR A 723 -27.63 -0.33 13.45
N ALA A 724 -28.68 -0.09 14.20
CA ALA A 724 -29.65 0.91 13.80
C ALA A 724 -29.33 2.25 14.46
N HIS A 725 -28.44 2.25 15.45
CA HIS A 725 -28.05 3.49 16.12
C HIS A 725 -27.48 4.53 15.16
N PRO A 726 -28.02 5.76 15.22
CA PRO A 726 -27.60 6.82 14.29
C PRO A 726 -26.17 7.31 14.48
N ASP A 727 -25.54 7.05 15.63
CA ASP A 727 -24.21 7.60 15.91
C ASP A 727 -23.00 6.69 15.59
N ILE A 728 -23.26 5.49 15.09
CA ILE A 728 -22.17 4.57 14.78
C ILE A 728 -21.51 4.88 13.43
N ALA A 729 -20.22 4.57 13.30
CA ALA A 729 -19.45 4.98 12.13
C ALA A 729 -19.13 3.81 11.18
N GLY A 730 -19.53 2.62 11.55
CA GLY A 730 -19.30 1.47 10.69
C GLY A 730 -19.68 0.18 11.39
N VAL A 731 -19.84 -0.87 10.59
CA VAL A 731 -20.11 -2.20 11.11
C VAL A 731 -19.15 -3.24 10.50
N VAL A 732 -18.57 -4.05 11.37
CA VAL A 732 -17.86 -5.24 10.93
C VAL A 732 -18.59 -6.49 11.43
N PHE A 733 -18.98 -7.32 10.45
CA PHE A 733 -19.89 -8.44 10.69
C PHE A 733 -19.37 -9.73 10.07
N THR A 734 -19.41 -10.81 10.84
CA THR A 734 -19.18 -12.12 10.25
C THR A 734 -20.34 -13.01 10.65
N GLY A 735 -21.00 -13.62 9.66
CA GLY A 735 -22.14 -14.46 9.96
C GLY A 735 -23.00 -14.78 8.75
N SER A 736 -24.31 -14.93 8.97
CA SER A 736 -25.19 -15.40 7.93
C SER A 736 -25.44 -14.32 6.88
N THR A 737 -25.64 -14.77 5.65
CA THR A 737 -25.86 -13.88 4.52
C THR A 737 -27.11 -13.04 4.72
N GLU A 738 -28.16 -13.69 5.21
CA GLU A 738 -29.44 -13.01 5.41
C GLU A 738 -29.33 -11.90 6.45
N VAL A 739 -28.54 -12.12 7.49
CA VAL A 739 -28.42 -11.12 8.55
C VAL A 739 -27.59 -9.92 8.07
N ALA A 740 -26.60 -10.18 7.22
CA ALA A 740 -25.79 -9.11 6.63
C ALA A 740 -26.65 -8.17 5.80
N ARG A 741 -27.53 -8.72 4.99
CA ARG A 741 -28.40 -7.90 4.16
C ARG A 741 -29.36 -7.08 5.01
N SER A 742 -29.88 -7.67 6.09
CA SER A 742 -30.77 -6.91 6.95
C SER A 742 -30.00 -5.78 7.63
N ILE A 743 -28.76 -6.04 8.04
CA ILE A 743 -27.88 -4.99 8.56
C ILE A 743 -27.63 -3.91 7.51
N ASN A 744 -27.29 -4.32 6.30
CA ASN A 744 -27.05 -3.39 5.21
C ASN A 744 -28.27 -2.51 4.93
N ARG A 745 -29.46 -3.11 5.04
CA ARG A 745 -30.71 -2.37 4.81
C ARG A 745 -30.95 -1.39 5.95
N ALA A 746 -30.69 -1.82 7.18
CA ALA A 746 -30.86 -0.91 8.31
C ALA A 746 -29.87 0.27 8.22
N LEU A 747 -28.64 0.02 7.81
CA LEU A 747 -27.68 1.11 7.60
C LEU A 747 -28.15 2.03 6.45
N ALA A 748 -28.54 1.44 5.33
CA ALA A 748 -28.93 2.23 4.16
C ALA A 748 -30.20 3.06 4.41
N ALA A 749 -31.02 2.59 5.34
CA ALA A 749 -32.27 3.26 5.64
C ALA A 749 -32.05 4.59 6.37
N LYS A 750 -30.95 4.72 7.09
CA LYS A 750 -30.68 5.94 7.85
C LYS A 750 -30.54 7.14 6.93
N ASP A 751 -30.81 8.33 7.45
CA ASP A 751 -30.67 9.55 6.66
C ASP A 751 -29.30 10.17 6.86
N GLY A 752 -28.54 9.62 7.79
CA GLY A 752 -27.19 10.10 8.05
C GLY A 752 -26.15 9.68 7.02
N PRO A 753 -24.87 9.68 7.45
CA PRO A 753 -23.75 9.26 6.61
C PRO A 753 -23.88 7.81 6.16
N ILE A 754 -23.40 7.53 4.94
CA ILE A 754 -23.29 6.16 4.45
C ILE A 754 -22.01 5.64 5.08
N VAL A 755 -22.13 4.62 5.91
CA VAL A 755 -20.99 4.12 6.67
C VAL A 755 -20.58 2.79 6.08
N PRO A 756 -19.32 2.38 6.31
CA PRO A 756 -18.84 1.14 5.70
C PRO A 756 -19.47 -0.06 6.36
N LEU A 757 -19.84 -1.05 5.56
CA LEU A 757 -20.19 -2.37 6.08
C LEU A 757 -19.14 -3.37 5.59
N ILE A 758 -18.46 -4.01 6.54
CA ILE A 758 -17.53 -5.10 6.24
C ILE A 758 -18.19 -6.38 6.70
N ALA A 759 -18.61 -7.18 5.73
CA ALA A 759 -19.37 -8.40 6.02
C ALA A 759 -18.67 -9.62 5.44
N GLU A 760 -18.41 -10.61 6.28
CA GLU A 760 -17.89 -11.89 5.83
C GLU A 760 -19.01 -12.90 6.05
N THR A 761 -19.43 -13.54 4.96
CA THR A 761 -20.56 -14.44 5.03
C THR A 761 -20.15 -15.83 4.55
N GLY A 762 -21.10 -16.75 4.45
CA GLY A 762 -20.75 -18.13 4.20
C GLY A 762 -20.26 -18.42 2.79
N GLY A 763 -20.34 -19.69 2.41
CA GLY A 763 -20.04 -20.10 1.06
C GLY A 763 -20.58 -21.49 0.83
N ILE A 764 -20.74 -21.87 -0.43
CA ILE A 764 -20.89 -23.27 -0.80
C ILE A 764 -19.59 -23.64 -1.51
N ASN A 765 -18.59 -23.98 -0.71
CA ASN A 765 -17.23 -24.10 -1.20
C ASN A 765 -17.02 -25.42 -1.90
N ALA A 766 -16.41 -25.36 -3.09
CA ALA A 766 -16.20 -26.54 -3.90
C ALA A 766 -14.74 -26.95 -3.89
N MET A 767 -14.51 -28.18 -4.30
CA MET A 767 -13.18 -28.68 -4.61
C MET A 767 -13.22 -29.46 -5.93
N ILE A 768 -12.19 -29.27 -6.76
CA ILE A 768 -12.06 -29.99 -8.04
C ILE A 768 -10.84 -30.89 -8.00
N ALA A 769 -11.05 -32.18 -8.19
CA ALA A 769 -9.95 -33.15 -8.20
C ALA A 769 -9.92 -33.89 -9.53
N ASP A 770 -8.79 -33.84 -10.26
CA ASP A 770 -8.67 -34.62 -11.50
C ASP A 770 -7.92 -35.95 -11.32
N ALA A 771 -7.72 -36.71 -12.39
CA ALA A 771 -7.15 -38.05 -12.24
C ALA A 771 -5.65 -38.07 -12.04
N THR A 772 -5.02 -36.91 -12.11
CA THR A 772 -3.58 -36.87 -11.83
C THR A 772 -3.36 -36.69 -10.33
N ALA A 773 -4.41 -36.39 -9.60
CA ALA A 773 -4.25 -36.19 -8.17
C ALA A 773 -4.16 -37.56 -7.45
N LEU A 774 -3.31 -37.63 -6.45
CA LEU A 774 -3.17 -38.82 -5.61
C LEU A 774 -4.40 -39.01 -4.73
N PRO A 775 -5.18 -40.08 -4.98
CA PRO A 775 -6.42 -40.30 -4.25
C PRO A 775 -6.30 -40.34 -2.71
N GLU A 776 -5.26 -40.97 -2.16
CA GLU A 776 -5.06 -41.02 -0.70
C GLU A 776 -4.94 -39.62 -0.11
N GLN A 777 -4.26 -38.74 -0.84
CA GLN A 777 -3.97 -37.37 -0.40
C GLN A 777 -5.22 -36.51 -0.49
N VAL A 778 -5.88 -36.58 -1.63
CA VAL A 778 -7.19 -35.94 -1.80
C VAL A 778 -8.15 -36.38 -0.70
N ALA A 779 -8.20 -37.68 -0.44
CA ALA A 779 -9.10 -38.19 0.57
C ALA A 779 -8.83 -37.56 1.94
N ASP A 780 -7.55 -37.45 2.30
CA ASP A 780 -7.13 -36.79 3.55
C ASP A 780 -7.59 -35.36 3.60
N TRP A 781 -7.38 -34.68 2.49
CA TRP A 781 -7.69 -33.26 2.42
C TRP A 781 -9.18 -32.98 2.36
N VAL A 782 -9.94 -33.93 1.82
CA VAL A 782 -11.38 -33.82 1.72
C VAL A 782 -12.00 -34.08 3.10
N VAL A 783 -11.47 -35.08 3.79
CA VAL A 783 -11.99 -35.41 5.11
C VAL A 783 -11.78 -34.24 6.05
N THR A 784 -10.55 -33.75 6.09
CA THR A 784 -10.19 -32.57 6.87
C THR A 784 -11.05 -31.36 6.51
N SER A 785 -11.12 -31.03 5.24
CA SER A 785 -11.81 -29.82 4.81
C SER A 785 -13.32 -29.87 5.07
N ALA A 786 -13.93 -31.05 4.97
CA ALA A 786 -15.40 -31.13 5.10
C ALA A 786 -15.88 -31.45 6.52
N PHE A 787 -15.06 -32.17 7.29
CA PHE A 787 -15.54 -32.75 8.56
C PHE A 787 -14.79 -32.21 9.78
N ARG A 788 -13.63 -31.59 9.59
CA ARG A 788 -12.92 -30.95 10.71
C ARG A 788 -13.82 -29.89 11.33
N SER A 789 -13.82 -29.80 12.67
CA SER A 789 -14.69 -28.85 13.40
C SER A 789 -16.16 -29.12 13.09
N ALA A 790 -16.48 -30.39 12.78
CA ALA A 790 -17.84 -30.78 12.40
C ALA A 790 -18.38 -29.96 11.23
N GLY A 791 -17.48 -29.58 10.31
CA GLY A 791 -17.85 -28.77 9.17
C GLY A 791 -18.34 -27.38 9.51
N GLN A 792 -18.06 -26.91 10.72
CA GLN A 792 -18.53 -25.61 11.18
C GLN A 792 -17.47 -24.53 10.95
N ARG A 793 -16.91 -24.53 9.75
CA ARG A 793 -16.01 -23.47 9.31
C ARG A 793 -16.58 -22.88 8.05
N CYS A 794 -16.41 -21.57 7.88
CA CYS A 794 -16.92 -20.90 6.69
C CYS A 794 -16.22 -21.39 5.42
N SER A 795 -14.98 -21.86 5.58
CA SER A 795 -14.17 -22.31 4.44
C SER A 795 -14.34 -23.80 4.14
N ALA A 796 -15.20 -24.46 4.89
CA ALA A 796 -15.32 -25.93 4.79
C ALA A 796 -15.77 -26.39 3.40
N LEU A 797 -15.21 -27.52 2.98
CA LEU A 797 -15.63 -28.13 1.73
C LEU A 797 -17.08 -28.62 1.81
N ARG A 798 -17.92 -28.15 0.89
CA ARG A 798 -19.31 -28.58 0.80
C ARG A 798 -19.51 -29.40 -0.46
N LEU A 799 -18.71 -29.11 -1.48
CA LEU A 799 -18.99 -29.72 -2.78
C LEU A 799 -17.75 -30.24 -3.51
N LEU A 800 -17.56 -31.56 -3.54
CA LEU A 800 -16.45 -32.17 -4.25
C LEU A 800 -16.83 -32.58 -5.68
N PHE A 801 -16.08 -32.06 -6.66
CA PHE A 801 -16.14 -32.50 -8.06
C PHE A 801 -14.94 -33.40 -8.33
N VAL A 802 -15.19 -34.61 -8.83
CA VAL A 802 -14.12 -35.57 -9.06
C VAL A 802 -14.27 -36.23 -10.44
N GLN A 803 -13.16 -36.38 -11.17
CA GLN A 803 -13.22 -36.96 -12.51
C GLN A 803 -13.71 -38.40 -12.42
N GLU A 804 -14.55 -38.80 -13.35
CA GLU A 804 -15.26 -40.08 -13.31
C GLU A 804 -14.34 -41.29 -13.27
N ASP A 805 -13.19 -41.19 -13.94
CA ASP A 805 -12.22 -42.29 -13.97
C ASP A 805 -11.66 -42.68 -12.60
N VAL A 806 -11.66 -41.74 -11.66
CA VAL A 806 -11.13 -42.03 -10.33
C VAL A 806 -12.18 -41.84 -9.25
N ALA A 807 -13.42 -41.59 -9.67
CA ALA A 807 -14.50 -41.23 -8.76
C ALA A 807 -14.85 -42.32 -7.75
N ASP A 808 -14.97 -43.57 -8.22
CA ASP A 808 -15.33 -44.67 -7.31
C ASP A 808 -14.29 -44.85 -6.23
N ARG A 809 -13.03 -44.86 -6.64
CA ARG A 809 -11.93 -45.02 -5.70
C ARG A 809 -11.85 -43.84 -4.74
N MET A 810 -11.94 -42.61 -5.27
CA MET A 810 -11.94 -41.43 -4.40
C MET A 810 -13.09 -41.40 -3.39
N ILE A 811 -14.29 -41.68 -3.87
CA ILE A 811 -15.45 -41.72 -2.99
C ILE A 811 -15.32 -42.79 -1.89
N GLU A 812 -14.94 -44.01 -2.27
CA GLU A 812 -14.73 -45.09 -1.31
C GLU A 812 -13.67 -44.73 -0.26
N MET A 813 -12.62 -44.05 -0.69
CA MET A 813 -11.54 -43.68 0.22
C MET A 813 -11.97 -42.58 1.21
N VAL A 814 -12.67 -41.56 0.71
CA VAL A 814 -13.20 -40.54 1.61
C VAL A 814 -14.19 -41.16 2.62
N ALA A 815 -15.08 -42.03 2.13
CA ALA A 815 -16.03 -42.71 3.02
C ALA A 815 -15.32 -43.59 4.05
N GLY A 816 -14.34 -44.36 3.61
CA GLY A 816 -13.59 -45.21 4.53
C GLY A 816 -12.82 -44.38 5.54
N ALA A 817 -12.30 -43.24 5.10
CA ALA A 817 -11.55 -42.37 6.01
C ALA A 817 -12.49 -41.70 7.01
N ALA A 818 -13.66 -41.29 6.54
CA ALA A 818 -14.61 -40.65 7.42
C ALA A 818 -15.12 -41.59 8.51
N ARG A 819 -15.24 -42.89 8.19
CA ARG A 819 -15.66 -43.86 9.21
C ARG A 819 -14.65 -43.96 10.35
N GLU A 820 -13.39 -43.65 10.07
CA GLU A 820 -12.36 -43.71 11.11
C GLU A 820 -12.32 -42.52 12.07
N LEU A 821 -13.10 -41.48 11.79
CA LEU A 821 -13.15 -40.32 12.64
C LEU A 821 -13.90 -40.62 13.94
N LYS A 822 -13.26 -40.35 15.07
CA LYS A 822 -13.89 -40.47 16.38
C LYS A 822 -14.78 -39.26 16.61
N ILE A 823 -16.07 -39.50 16.81
CA ILE A 823 -17.02 -38.45 17.15
C ILE A 823 -17.33 -38.55 18.64
N GLY A 824 -17.25 -37.43 19.34
CA GLY A 824 -17.59 -37.46 20.74
C GLY A 824 -17.19 -36.23 21.51
N ASP A 825 -17.02 -36.39 22.82
CA ASP A 825 -16.64 -35.29 23.70
C ASP A 825 -15.32 -34.66 23.27
N PRO A 826 -15.37 -33.37 22.86
CA PRO A 826 -14.21 -32.61 22.38
C PRO A 826 -13.04 -32.53 23.37
N SER A 827 -13.31 -32.72 24.66
CA SER A 827 -12.23 -32.69 25.65
C SER A 827 -11.42 -33.99 25.64
N ASP A 828 -12.00 -35.07 25.12
CA ASP A 828 -11.19 -36.27 24.95
C ASP A 828 -10.21 -36.11 23.78
N VAL A 829 -8.94 -36.40 24.04
CA VAL A 829 -7.85 -36.23 23.09
C VAL A 829 -8.05 -37.02 21.79
N ALA A 830 -8.80 -38.11 21.87
CA ALA A 830 -8.91 -39.02 20.72
C ALA A 830 -10.01 -38.57 19.77
N THR A 831 -10.79 -37.57 20.18
CA THR A 831 -11.94 -37.10 19.41
C THR A 831 -11.48 -36.33 18.19
N HIS A 832 -12.12 -36.60 17.05
CA HIS A 832 -11.84 -35.87 15.81
C HIS A 832 -12.94 -34.87 15.50
N VAL A 833 -14.17 -35.26 15.83
CA VAL A 833 -15.34 -34.47 15.50
C VAL A 833 -16.20 -34.23 16.74
N GLY A 834 -16.28 -32.97 17.17
CA GLY A 834 -17.03 -32.63 18.37
C GLY A 834 -18.49 -32.39 18.03
N PRO A 835 -19.29 -31.90 19.03
CA PRO A 835 -20.71 -31.71 18.77
C PRO A 835 -20.91 -30.46 17.94
N VAL A 836 -22.03 -30.36 17.22
CA VAL A 836 -22.39 -29.09 16.62
C VAL A 836 -22.79 -28.10 17.74
N ILE A 837 -22.89 -26.81 17.42
CA ILE A 837 -22.97 -25.78 18.46
C ILE A 837 -24.23 -25.85 19.34
N ASP A 838 -25.41 -26.09 18.76
CA ASP A 838 -26.64 -26.21 19.54
C ASP A 838 -27.69 -27.09 18.87
N VAL A 839 -28.77 -27.34 19.61
CA VAL A 839 -29.90 -28.16 19.14
C VAL A 839 -30.53 -27.65 17.84
N GLU A 840 -30.60 -26.34 17.67
CA GLU A 840 -31.19 -25.77 16.47
C GLU A 840 -30.29 -26.07 15.27
N ALA A 841 -29.00 -26.09 15.51
CA ALA A 841 -28.08 -26.41 14.44
C ALA A 841 -28.28 -27.86 14.06
N LYS A 842 -28.30 -28.74 15.07
CA LYS A 842 -28.48 -30.16 14.78
C LYS A 842 -29.77 -30.46 14.00
N GLN A 843 -30.85 -29.73 14.33
CA GLN A 843 -32.14 -29.94 13.67
C GLN A 843 -32.11 -29.55 12.19
N ARG A 844 -31.47 -28.43 11.89
CA ARG A 844 -31.38 -27.98 10.50
C ARG A 844 -30.54 -28.97 9.71
N LEU A 845 -29.47 -29.47 10.33
CA LEU A 845 -28.59 -30.41 9.65
C LEU A 845 -29.32 -31.73 9.42
N ASP A 846 -30.00 -32.22 10.45
CA ASP A 846 -30.72 -33.48 10.33
C ASP A 846 -31.84 -33.36 9.30
N ALA A 847 -32.44 -32.17 9.18
CA ALA A 847 -33.47 -31.99 8.14
C ALA A 847 -32.84 -32.04 6.74
N HIS A 848 -31.70 -31.39 6.55
CA HIS A 848 -31.01 -31.46 5.26
C HIS A 848 -30.58 -32.90 4.91
N ILE A 849 -30.13 -33.63 5.93
CA ILE A 849 -29.77 -35.03 5.77
C ILE A 849 -30.98 -35.88 5.32
N ALA A 850 -32.11 -35.76 6.03
CA ALA A 850 -33.31 -36.51 5.66
C ALA A 850 -33.72 -36.21 4.21
N ARG A 851 -33.66 -34.94 3.82
CA ARG A 851 -34.00 -34.52 2.47
C ARG A 851 -33.04 -35.11 1.42
N MET A 852 -31.75 -35.06 1.69
CA MET A 852 -30.76 -35.55 0.76
C MET A 852 -30.85 -37.07 0.58
N LYS A 853 -31.19 -37.77 1.65
CA LYS A 853 -31.42 -39.21 1.57
C LYS A 853 -32.50 -39.60 0.56
N THR A 854 -33.55 -38.78 0.41
CA THR A 854 -34.63 -39.08 -0.55
C THR A 854 -34.31 -38.54 -1.95
N GLU A 855 -33.29 -37.70 -2.04
CA GLU A 855 -32.99 -36.93 -3.25
C GLU A 855 -31.69 -37.34 -3.94
N ALA A 856 -30.78 -37.95 -3.20
CA ALA A 856 -29.45 -38.16 -3.74
C ALA A 856 -28.85 -39.45 -3.19
N ARG A 857 -27.89 -40.00 -3.93
CA ARG A 857 -27.21 -41.21 -3.51
C ARG A 857 -26.49 -40.96 -2.21
N LEU A 858 -26.66 -41.87 -1.25
CA LEU A 858 -25.95 -41.79 0.03
C LEU A 858 -24.70 -42.71 0.02
N HIS A 859 -23.50 -42.13 0.10
CA HIS A 859 -22.30 -42.97 0.18
C HIS A 859 -21.89 -43.26 1.62
N PHE A 860 -22.22 -42.37 2.55
CA PHE A 860 -21.83 -42.60 3.94
C PHE A 860 -22.72 -41.84 4.90
N ALA A 861 -23.11 -42.51 5.97
CA ALA A 861 -23.91 -41.89 7.02
C ALA A 861 -23.37 -42.42 8.34
N GLY A 862 -22.53 -41.63 8.99
CA GLY A 862 -21.84 -42.09 10.17
C GLY A 862 -22.73 -42.18 11.40
N PRO A 863 -22.29 -43.00 12.38
CA PRO A 863 -22.98 -43.20 13.65
C PRO A 863 -22.64 -42.10 14.66
N ALA A 864 -23.64 -41.32 15.04
CA ALA A 864 -23.46 -40.26 16.00
C ALA A 864 -23.71 -40.77 17.42
N PRO A 865 -22.99 -40.21 18.40
CA PRO A 865 -23.27 -40.51 19.81
C PRO A 865 -24.53 -39.81 20.22
N GLU A 866 -25.07 -40.17 21.38
CA GLU A 866 -26.23 -39.48 21.91
C GLU A 866 -25.83 -38.06 22.23
N GLY A 867 -26.69 -37.11 21.90
CA GLY A 867 -26.48 -35.73 22.29
C GLY A 867 -26.44 -34.85 21.07
N CYS A 868 -25.86 -33.67 21.23
CA CYS A 868 -25.92 -32.67 20.18
C CYS A 868 -24.87 -32.94 19.09
N PHE A 869 -24.99 -34.10 18.44
CA PHE A 869 -24.00 -34.56 17.47
C PHE A 869 -24.61 -34.82 16.09
N VAL A 870 -23.87 -34.40 15.07
CA VAL A 870 -24.14 -34.80 13.70
C VAL A 870 -22.85 -35.39 13.15
N ALA A 871 -22.97 -36.59 12.60
CA ALA A 871 -21.84 -37.35 12.10
C ALA A 871 -21.57 -36.95 10.64
N PRO A 872 -20.34 -37.18 10.16
CA PRO A 872 -20.05 -36.93 8.74
C PRO A 872 -21.00 -37.68 7.81
N HIS A 873 -21.52 -36.99 6.81
CA HIS A 873 -22.34 -37.67 5.82
C HIS A 873 -21.73 -37.37 4.46
N ILE A 874 -21.87 -38.31 3.54
CA ILE A 874 -21.43 -38.11 2.18
C ILE A 874 -22.57 -38.46 1.25
N PHE A 875 -22.99 -37.49 0.43
CA PHE A 875 -23.99 -37.73 -0.58
C PHE A 875 -23.42 -37.47 -1.97
N GLU A 876 -23.83 -38.26 -2.95
CA GLU A 876 -23.52 -37.91 -4.33
C GLU A 876 -24.75 -37.34 -5.02
N LEU A 877 -24.58 -36.19 -5.64
CA LEU A 877 -25.64 -35.53 -6.37
C LEU A 877 -25.48 -35.86 -7.85
N THR A 878 -26.60 -35.97 -8.54
CA THR A 878 -26.62 -36.07 -10.01
C THR A 878 -26.05 -34.80 -10.63
N GLU A 879 -26.33 -33.65 -10.00
CA GLU A 879 -25.79 -32.38 -10.47
C GLU A 879 -25.64 -31.40 -9.31
N ALA A 880 -24.74 -30.44 -9.47
CA ALA A 880 -24.44 -29.48 -8.42
C ALA A 880 -25.68 -28.66 -8.01
N GLY A 881 -26.56 -28.36 -8.98
CA GLY A 881 -27.77 -27.60 -8.72
C GLY A 881 -28.68 -28.17 -7.64
N GLN A 882 -28.47 -29.44 -7.26
CA GLN A 882 -29.25 -30.03 -6.17
C GLN A 882 -28.84 -29.48 -4.81
N LEU A 883 -27.64 -28.89 -4.73
CA LEU A 883 -27.17 -28.25 -3.50
C LEU A 883 -27.45 -26.75 -3.59
N THR A 884 -28.48 -26.28 -2.89
CA THR A 884 -28.89 -24.88 -3.05
C THR A 884 -28.57 -24.00 -1.85
N GLU A 885 -28.26 -24.62 -0.71
CA GLU A 885 -28.03 -23.87 0.51
C GLU A 885 -26.65 -24.18 1.06
N GLU A 886 -26.08 -23.25 1.81
CA GLU A 886 -24.91 -23.56 2.61
C GLU A 886 -25.43 -24.42 3.76
N VAL A 887 -24.76 -25.54 4.04
CA VAL A 887 -25.20 -26.40 5.13
C VAL A 887 -24.05 -26.47 6.10
N PHE A 888 -24.24 -25.89 7.28
CA PHE A 888 -23.12 -25.61 8.18
C PHE A 888 -22.81 -26.79 9.11
N GLY A 889 -22.41 -27.92 8.51
CA GLY A 889 -22.16 -29.13 9.25
C GLY A 889 -21.29 -30.11 8.48
N PRO A 890 -21.03 -31.28 9.08
CA PRO A 890 -20.10 -32.27 8.49
C PRO A 890 -20.75 -33.02 7.33
N ILE A 891 -21.14 -32.33 6.27
CA ILE A 891 -21.89 -32.99 5.21
C ILE A 891 -21.29 -32.70 3.85
N LEU A 892 -20.65 -33.71 3.26
CA LEU A 892 -20.01 -33.57 1.96
C LEU A 892 -20.98 -33.96 0.85
N HIS A 893 -21.00 -33.15 -0.21
CA HIS A 893 -21.74 -33.48 -1.42
C HIS A 893 -20.73 -33.69 -2.53
N VAL A 894 -20.91 -34.77 -3.31
CA VAL A 894 -19.95 -35.12 -4.36
C VAL A 894 -20.60 -35.16 -5.75
N VAL A 895 -19.98 -34.51 -6.72
CA VAL A 895 -20.43 -34.66 -8.10
C VAL A 895 -19.28 -35.23 -8.96
N ARG A 896 -19.53 -36.35 -9.64
CA ARG A 896 -18.54 -36.87 -10.58
C ARG A 896 -18.77 -36.24 -11.96
N TYR A 897 -17.69 -35.99 -12.70
CA TYR A 897 -17.80 -35.32 -13.98
C TYR A 897 -16.84 -35.91 -15.04
N ARG A 898 -17.13 -35.62 -16.31
CA ARG A 898 -16.28 -36.03 -17.43
C ARG A 898 -15.32 -34.90 -17.74
N PRO A 899 -14.05 -35.24 -18.00
CA PRO A 899 -12.92 -34.32 -18.17
C PRO A 899 -13.21 -33.20 -19.16
N GLU A 900 -13.91 -33.54 -20.23
CA GLU A 900 -14.27 -32.58 -21.26
C GLU A 900 -15.38 -31.63 -20.78
N ASN A 901 -16.06 -31.99 -19.68
CA ASN A 901 -17.12 -31.15 -19.15
C ASN A 901 -16.72 -30.28 -17.96
N LEU A 902 -15.45 -29.88 -17.92
CA LEU A 902 -14.99 -29.01 -16.85
C LEU A 902 -15.73 -27.66 -16.86
N GLU A 903 -16.07 -27.19 -18.06
CA GLU A 903 -16.79 -25.92 -18.18
C GLU A 903 -18.14 -25.96 -17.46
N ARG A 904 -18.84 -27.08 -17.58
CA ARG A 904 -20.11 -27.28 -16.89
C ARG A 904 -19.89 -27.21 -15.37
N VAL A 905 -18.74 -27.74 -14.91
CA VAL A 905 -18.39 -27.70 -13.49
C VAL A 905 -18.14 -26.26 -13.02
N LEU A 906 -17.35 -25.52 -13.79
CA LEU A 906 -17.05 -24.14 -13.48
C LEU A 906 -18.31 -23.26 -13.47
N ARG A 907 -19.18 -23.46 -14.45
CA ARG A 907 -20.47 -22.76 -14.48
C ARG A 907 -21.30 -23.11 -13.27
N ALA A 908 -21.26 -24.38 -12.86
CA ALA A 908 -22.05 -24.80 -11.71
C ALA A 908 -21.57 -24.08 -10.45
N ILE A 909 -20.26 -23.88 -10.36
CA ILE A 909 -19.70 -23.18 -9.21
C ILE A 909 -20.04 -21.69 -9.27
N GLU A 910 -19.99 -21.09 -10.46
CA GLU A 910 -20.35 -19.68 -10.66
C GLU A 910 -21.82 -19.42 -10.33
N ARG A 911 -22.67 -20.41 -10.60
CA ARG A 911 -24.12 -20.24 -10.51
C ARG A 911 -24.61 -19.99 -9.08
N THR A 912 -23.93 -20.54 -8.09
CA THR A 912 -24.37 -20.37 -6.70
C THR A 912 -24.33 -18.89 -6.25
N GLY A 913 -23.41 -18.12 -6.83
CA GLY A 913 -23.23 -16.72 -6.45
C GLY A 913 -22.24 -16.54 -5.31
N TYR A 914 -21.90 -17.62 -4.62
CA TYR A 914 -20.92 -17.55 -3.54
C TYR A 914 -19.49 -17.54 -4.11
N GLY A 915 -18.49 -17.30 -3.26
CA GLY A 915 -17.11 -17.25 -3.73
C GLY A 915 -16.10 -17.13 -2.61
N LEU A 916 -16.15 -18.05 -1.67
CA LEU A 916 -15.25 -18.00 -0.51
C LEU A 916 -13.95 -18.80 -0.74
N THR A 917 -14.03 -20.12 -0.63
CA THR A 917 -12.84 -20.95 -0.89
C THR A 917 -13.08 -21.94 -2.05
N LEU A 918 -11.98 -22.30 -2.70
CA LEU A 918 -11.99 -23.30 -3.74
C LEU A 918 -10.74 -24.17 -3.64
N GLY A 919 -10.92 -25.49 -3.65
CA GLY A 919 -9.79 -26.40 -3.70
C GLY A 919 -9.57 -26.96 -5.11
N VAL A 920 -8.30 -27.12 -5.50
CA VAL A 920 -7.93 -27.67 -6.81
C VAL A 920 -6.85 -28.72 -6.63
N HIS A 921 -7.10 -29.94 -7.11
CA HIS A 921 -6.16 -31.04 -6.93
C HIS A 921 -5.78 -31.66 -8.26
N SER A 922 -4.53 -31.47 -8.64
CA SER A 922 -4.06 -31.85 -9.95
C SER A 922 -2.56 -31.69 -10.04
N ARG A 923 -1.94 -32.52 -10.88
CA ARG A 923 -0.51 -32.42 -11.15
C ARG A 923 -0.28 -31.39 -12.27
N ILE A 924 -1.35 -31.09 -13.03
CA ILE A 924 -1.25 -30.36 -14.29
C ILE A 924 -1.35 -28.84 -14.15
N ASP A 925 -0.20 -28.18 -14.19
CA ASP A 925 -0.13 -26.73 -14.02
C ASP A 925 -1.06 -25.93 -14.95
N ASP A 926 -1.18 -26.36 -16.20
CA ASP A 926 -2.09 -25.70 -17.14
C ASP A 926 -3.56 -25.81 -16.70
N SER A 927 -3.94 -26.93 -16.08
CA SER A 927 -5.33 -27.10 -15.64
C SER A 927 -5.61 -26.22 -14.43
N ILE A 928 -4.68 -26.25 -13.50
CA ILE A 928 -4.73 -25.42 -12.30
C ILE A 928 -4.84 -23.95 -12.66
N GLU A 929 -3.97 -23.52 -13.57
CA GLU A 929 -3.97 -22.12 -13.97
C GLU A 929 -5.25 -21.76 -14.69
N ALA A 930 -5.76 -22.67 -15.51
CA ALA A 930 -7.02 -22.40 -16.22
C ALA A 930 -8.19 -22.25 -15.23
N ILE A 931 -8.19 -23.07 -14.18
CA ILE A 931 -9.24 -22.94 -13.18
C ILE A 931 -9.12 -21.62 -12.40
N ILE A 932 -7.91 -21.28 -11.97
CA ILE A 932 -7.69 -20.02 -11.26
C ILE A 932 -8.12 -18.81 -12.09
N ASP A 933 -7.76 -18.81 -13.37
CA ASP A 933 -8.13 -17.72 -14.28
C ASP A 933 -9.64 -17.52 -14.35
N ARG A 934 -10.38 -18.63 -14.34
CA ARG A 934 -11.82 -18.62 -14.56
C ARG A 934 -12.65 -18.15 -13.36
N VAL A 935 -12.28 -18.61 -12.17
CA VAL A 935 -13.08 -18.34 -10.97
C VAL A 935 -12.71 -17.03 -10.28
N GLN A 936 -13.63 -16.52 -9.46
CA GLN A 936 -13.45 -15.22 -8.81
C GLN A 936 -13.41 -15.37 -7.29
N VAL A 937 -13.23 -16.61 -6.85
CA VAL A 937 -13.23 -17.00 -5.46
C VAL A 937 -12.12 -16.29 -4.65
N GLY A 938 -12.41 -16.01 -3.37
CA GLY A 938 -11.47 -15.30 -2.52
C GLY A 938 -10.19 -16.05 -2.15
N ASN A 939 -10.32 -17.35 -1.88
CA ASN A 939 -9.18 -18.16 -1.45
C ASN A 939 -9.14 -19.46 -2.26
N ILE A 940 -8.04 -19.68 -2.97
CA ILE A 940 -7.85 -20.88 -3.76
C ILE A 940 -6.73 -21.71 -3.15
N TYR A 941 -7.01 -22.97 -2.85
CA TYR A 941 -6.01 -23.87 -2.26
C TYR A 941 -5.69 -25.03 -3.20
N VAL A 942 -4.43 -25.09 -3.61
CA VAL A 942 -4.01 -26.07 -4.62
C VAL A 942 -3.21 -27.20 -3.98
N ASN A 943 -3.69 -28.42 -4.14
CA ASN A 943 -3.00 -29.59 -3.60
C ASN A 943 -2.75 -29.53 -2.10
N ARG A 944 -3.75 -29.09 -1.34
CA ARG A 944 -3.73 -29.17 0.13
C ARG A 944 -5.15 -29.00 0.64
N ASN A 945 -5.35 -28.97 1.95
CA ASN A 945 -6.70 -28.75 2.45
C ASN A 945 -7.17 -27.30 2.19
N MET A 946 -8.47 -27.05 2.39
CA MET A 946 -9.08 -25.76 2.08
C MET A 946 -9.36 -24.91 3.33
N ILE A 947 -8.82 -25.32 4.48
CA ILE A 947 -9.17 -24.68 5.75
C ILE A 947 -7.94 -24.18 6.53
N GLY A 948 -8.19 -23.51 7.65
CA GLY A 948 -7.13 -23.04 8.54
C GLY A 948 -6.32 -21.88 7.96
N ALA A 949 -6.99 -20.90 7.35
CA ALA A 949 -6.29 -19.74 6.82
C ALA A 949 -5.39 -19.14 7.91
N VAL A 950 -4.12 -18.91 7.56
CA VAL A 950 -3.16 -18.34 8.49
C VAL A 950 -3.06 -16.82 8.33
N VAL A 951 -3.16 -16.09 9.43
CA VAL A 951 -3.09 -14.62 9.41
C VAL A 951 -1.80 -14.10 8.78
N GLY A 952 -1.95 -13.23 7.79
CA GLY A 952 -0.79 -12.64 7.13
C GLY A 952 -0.13 -13.58 6.12
N VAL A 953 -0.70 -14.78 5.95
CA VAL A 953 -0.18 -15.74 4.98
C VAL A 953 -1.27 -15.99 3.96
N GLN A 954 -2.45 -16.39 4.44
CA GLN A 954 -3.63 -16.43 3.58
C GLN A 954 -4.65 -15.41 4.04
N PRO A 955 -4.54 -14.17 3.53
CA PRO A 955 -5.61 -13.18 3.74
C PRO A 955 -6.94 -13.81 3.36
N PHE A 956 -7.85 -13.88 4.32
CA PHE A 956 -9.04 -14.69 4.17
C PHE A 956 -10.29 -13.85 4.00
N GLY A 957 -11.07 -14.17 2.98
CA GLY A 957 -12.35 -13.52 2.75
C GLY A 957 -12.88 -13.73 1.34
N GLY A 958 -14.19 -13.70 1.21
CA GLY A 958 -14.82 -14.04 -0.05
C GLY A 958 -15.47 -12.88 -0.76
N ASN A 959 -15.98 -13.14 -1.96
CA ASN A 959 -16.73 -12.15 -2.70
C ASN A 959 -18.09 -12.70 -3.13
N GLY A 960 -18.82 -11.90 -3.91
CA GLY A 960 -20.20 -12.25 -4.25
C GLY A 960 -21.00 -12.41 -2.98
N LEU A 961 -21.82 -13.47 -2.90
CA LEU A 961 -22.64 -13.73 -1.72
C LEU A 961 -21.79 -14.06 -0.48
N SER A 962 -20.51 -14.33 -0.68
CA SER A 962 -19.61 -14.69 0.42
C SER A 962 -19.03 -13.53 1.24
N GLY A 963 -19.04 -12.31 0.69
CA GLY A 963 -18.51 -11.16 1.42
C GLY A 963 -18.26 -9.88 0.62
N THR A 964 -17.90 -8.82 1.33
CA THR A 964 -17.71 -7.49 0.75
C THR A 964 -16.23 -7.17 0.53
N GLY A 965 -15.36 -7.85 1.27
CA GLY A 965 -13.99 -7.39 1.38
C GLY A 965 -13.98 -6.23 2.39
N PRO A 966 -12.79 -5.75 2.77
CA PRO A 966 -11.51 -6.35 2.38
C PRO A 966 -11.24 -7.65 3.17
N LYS A 967 -10.17 -8.36 2.82
CA LYS A 967 -9.83 -9.63 3.45
C LYS A 967 -9.23 -9.45 4.85
N ALA A 968 -9.81 -10.12 5.84
CA ALA A 968 -9.22 -10.16 7.17
C ALA A 968 -7.85 -10.85 7.12
N GLY A 969 -6.92 -10.39 7.96
CA GLY A 969 -5.59 -10.97 8.01
C GLY A 969 -4.75 -10.68 6.78
N GLY A 970 -5.13 -9.64 6.03
CA GLY A 970 -4.39 -9.20 4.86
C GLY A 970 -4.10 -7.71 4.88
N PRO A 971 -3.33 -7.21 3.89
CA PRO A 971 -2.83 -5.84 3.96
C PRO A 971 -3.80 -4.73 3.55
N HIS A 972 -5.05 -5.07 3.23
CA HIS A 972 -6.03 -4.05 2.83
C HIS A 972 -7.15 -3.88 3.86
N TYR A 973 -7.05 -4.60 4.96
CA TYR A 973 -8.13 -4.66 5.94
C TYR A 973 -8.25 -3.40 6.78
N LEU A 974 -7.13 -3.00 7.40
CA LEU A 974 -7.11 -1.89 8.36
C LEU A 974 -7.60 -0.56 7.78
N ALA A 975 -7.22 -0.26 6.54
CA ALA A 975 -7.59 1.00 5.91
C ALA A 975 -9.11 1.21 5.84
N ARG A 976 -9.84 0.11 5.69
CA ARG A 976 -11.30 0.19 5.57
C ARG A 976 -11.93 0.72 6.86
N PHE A 977 -11.24 0.54 7.99
CA PHE A 977 -11.75 1.00 9.28
C PHE A 977 -11.41 2.46 9.55
N ALA A 978 -10.76 3.08 8.57
CA ALA A 978 -10.24 4.43 8.78
C ALA A 978 -10.70 5.35 7.69
N THR A 979 -10.47 6.64 7.88
CA THR A 979 -10.84 7.61 6.88
C THR A 979 -9.61 8.45 6.58
N GLU A 980 -9.48 8.87 5.32
CA GLU A 980 -8.33 9.65 4.87
C GLU A 980 -8.50 11.13 5.19
N GLN A 981 -7.39 11.80 5.45
CA GLN A 981 -7.40 13.25 5.57
C GLN A 981 -6.15 13.85 4.90
N THR A 982 -6.37 14.79 4.00
CA THR A 982 -5.28 15.50 3.36
C THR A 982 -5.11 16.88 3.98
N VAL A 983 -3.89 17.18 4.39
CA VAL A 983 -3.56 18.51 4.89
C VAL A 983 -2.61 19.20 3.94
N THR A 984 -3.05 20.33 3.41
CA THR A 984 -2.28 21.09 2.45
C THR A 984 -1.91 22.44 3.06
N ILE A 985 -0.62 22.69 3.22
CA ILE A 985 -0.17 23.94 3.81
C ILE A 985 0.69 24.75 2.85
N ASN A 986 0.26 25.98 2.57
CA ASN A 986 1.06 26.92 1.81
C ASN A 986 2.25 27.38 2.67
N THR A 987 3.43 26.84 2.37
CA THR A 987 4.58 27.10 3.22
C THR A 987 5.42 28.26 2.72
N ALA A 988 4.96 28.93 1.66
CA ALA A 988 5.77 29.97 1.01
C ALA A 988 6.16 31.14 1.90
N ALA A 989 5.32 31.45 2.89
CA ALA A 989 5.62 32.51 3.85
C ALA A 989 6.92 32.23 4.60
N ALA A 990 7.21 30.95 4.84
CA ALA A 990 8.49 30.52 5.39
C ALA A 990 9.58 30.60 4.34
N PRO B 4 11.89 57.38 -35.06
CA PRO B 4 11.86 55.92 -35.26
C PRO B 4 10.54 55.31 -34.84
N ASN B 5 10.30 54.06 -35.24
CA ASN B 5 9.03 53.39 -34.95
C ASN B 5 8.83 53.09 -33.47
N ILE B 6 7.61 53.34 -32.99
CA ILE B 6 7.20 52.86 -31.66
C ILE B 6 7.31 51.34 -31.70
N PRO B 7 7.98 50.74 -30.70
CA PRO B 7 8.09 49.27 -30.72
C PRO B 7 6.71 48.64 -30.58
N PRO B 8 6.51 47.45 -31.18
CA PRO B 8 5.26 46.71 -31.04
C PRO B 8 5.09 46.27 -29.59
N PRO B 9 3.87 45.83 -29.19
CA PRO B 9 3.70 45.33 -27.83
C PRO B 9 4.74 44.25 -27.47
N PHE B 10 5.33 44.38 -26.30
CA PHE B 10 6.40 43.48 -25.88
C PHE B 10 5.90 42.02 -25.82
N THR B 11 6.65 41.12 -26.45
CA THR B 11 6.24 39.71 -26.50
C THR B 11 7.40 38.70 -26.59
N ALA B 12 8.47 38.95 -25.84
CA ALA B 12 9.58 37.99 -25.77
C ALA B 12 9.17 36.61 -25.24
N PRO B 13 9.89 35.56 -25.65
CA PRO B 13 9.66 34.20 -25.14
C PRO B 13 9.71 34.15 -23.62
N TYR B 14 8.77 33.43 -23.01
CA TYR B 14 8.57 33.50 -21.57
C TYR B 14 9.66 32.78 -20.78
N ALA B 15 10.03 31.59 -21.23
CA ALA B 15 10.94 30.74 -20.47
C ALA B 15 11.97 30.01 -21.34
N PRO B 16 12.83 30.77 -22.04
CA PRO B 16 13.84 30.11 -22.88
C PRO B 16 14.82 29.28 -22.06
N ASP B 17 15.64 28.49 -22.76
CA ASP B 17 16.58 27.56 -22.12
C ASP B 17 17.74 28.30 -21.46
N ASP B 18 18.01 27.97 -20.20
CA ASP B 18 19.02 28.65 -19.40
C ASP B 18 20.42 28.49 -20.01
N ALA B 19 20.69 27.30 -20.53
CA ALA B 19 21.99 26.97 -21.08
C ALA B 19 22.36 27.83 -22.29
N GLU B 20 21.40 28.08 -23.19
CA GLU B 20 21.63 28.95 -24.35
C GLU B 20 22.02 30.36 -23.93
N ILE B 21 21.39 30.85 -22.86
CA ILE B 21 21.71 32.17 -22.31
C ILE B 21 23.08 32.17 -21.66
N ALA B 22 23.37 31.13 -20.87
CA ALA B 22 24.67 30.98 -20.25
C ALA B 22 25.78 30.84 -21.30
N ALA B 23 25.43 30.29 -22.46
CA ALA B 23 26.42 30.09 -23.51
C ALA B 23 26.88 31.44 -24.05
N ARG B 24 25.99 32.43 -23.99
CA ARG B 24 26.35 33.78 -24.44
C ARG B 24 26.93 34.61 -23.29
N LEU B 25 26.36 34.46 -22.09
CA LEU B 25 26.78 35.27 -20.93
C LEU B 25 28.16 34.93 -20.38
N LEU B 26 28.53 33.65 -20.40
CA LEU B 26 29.81 33.23 -19.84
C LEU B 26 31.04 33.86 -20.52
N PRO B 27 31.16 33.76 -21.86
CA PRO B 27 32.32 34.38 -22.49
C PRO B 27 32.31 35.89 -22.31
N ALA B 28 31.15 36.52 -22.49
CA ALA B 28 31.06 37.98 -22.44
C ALA B 28 31.37 38.59 -21.06
N SER B 29 31.39 37.76 -20.02
CA SER B 29 31.67 38.25 -18.68
C SER B 29 33.17 38.39 -18.43
N HIS B 30 33.98 38.00 -19.41
CA HIS B 30 35.42 38.00 -19.22
C HIS B 30 35.96 39.41 -18.95
N LEU B 31 36.88 39.50 -18.00
CA LEU B 31 37.52 40.76 -17.69
C LEU B 31 39.04 40.56 -17.58
N SER B 32 39.80 41.55 -18.02
CA SER B 32 41.25 41.47 -17.97
C SER B 32 41.72 41.40 -16.51
N PRO B 33 42.94 40.90 -16.28
CA PRO B 33 43.47 40.85 -14.92
C PRO B 33 43.47 42.19 -14.16
N PRO B 34 43.77 43.33 -14.83
CA PRO B 34 43.73 44.56 -14.03
C PRO B 34 42.31 45.01 -13.70
N GLN B 35 41.35 44.61 -14.53
CA GLN B 35 39.95 44.91 -14.27
C GLN B 35 39.50 44.15 -13.03
N GLU B 36 39.79 42.84 -13.00
CA GLU B 36 39.42 42.00 -11.86
C GLU B 36 40.10 42.44 -10.57
N ALA B 37 41.34 42.93 -10.70
CA ALA B 37 42.10 43.42 -9.54
C ALA B 37 41.46 44.66 -8.92
N ARG B 38 41.01 45.59 -9.75
CA ARG B 38 40.32 46.78 -9.23
C ARG B 38 39.02 46.38 -8.55
N ILE B 39 38.28 45.49 -9.20
CA ILE B 39 37.01 45.02 -8.66
C ILE B 39 37.25 44.35 -7.32
N HIS B 40 38.24 43.47 -7.29
CA HIS B 40 38.56 42.70 -6.10
C HIS B 40 38.90 43.63 -4.94
N ARG B 41 39.69 44.65 -5.22
CA ARG B 41 40.08 45.60 -4.19
C ARG B 41 38.89 46.44 -3.71
N THR B 42 38.13 46.99 -4.66
CA THR B 42 36.94 47.75 -4.33
C THR B 42 35.98 46.93 -3.47
N ALA B 43 35.65 45.74 -3.95
CA ALA B 43 34.71 44.87 -3.24
C ALA B 43 35.20 44.46 -1.86
N THR B 44 36.50 44.19 -1.73
CA THR B 44 37.10 43.87 -0.43
C THR B 44 36.97 45.02 0.55
N ARG B 45 37.25 46.24 0.10
CA ARG B 45 37.10 47.40 0.95
C ARG B 45 35.64 47.61 1.39
N LEU B 46 34.70 47.38 0.47
CA LEU B 46 33.29 47.55 0.81
C LEU B 46 32.86 46.58 1.90
N ILE B 47 33.26 45.31 1.75
CA ILE B 47 32.90 44.27 2.70
C ILE B 47 33.54 44.48 4.07
N GLU B 48 34.77 44.96 4.07
CA GLU B 48 35.47 45.27 5.32
C GLU B 48 34.68 46.30 6.10
N ALA B 49 34.15 47.31 5.40
CA ALA B 49 33.33 48.32 6.06
C ALA B 49 31.99 47.73 6.55
N ILE B 50 31.38 46.85 5.77
CA ILE B 50 30.18 46.16 6.19
C ILE B 50 30.44 45.37 7.48
N ARG B 51 31.60 44.72 7.55
CA ARG B 51 31.94 43.92 8.71
C ARG B 51 32.59 44.71 9.86
N LYS B 52 32.66 46.01 9.72
CA LYS B 52 33.24 46.87 10.76
C LYS B 52 32.46 46.75 12.07
N LEU B 57 24.84 49.48 15.23
CA LEU B 57 23.61 48.69 15.13
C LEU B 57 23.10 48.65 13.68
N GLY B 58 22.66 47.47 13.24
CA GLY B 58 22.48 47.21 11.83
C GLY B 58 21.07 47.05 11.29
N GLY B 59 20.78 45.86 10.76
CA GLY B 59 19.53 45.65 10.06
C GLY B 59 18.75 44.44 10.52
N VAL B 60 17.75 44.09 9.72
CA VAL B 60 16.88 42.95 10.00
C VAL B 60 17.68 41.66 10.03
N GLU B 61 18.60 41.55 9.07
CA GLU B 61 19.47 40.39 8.95
C GLU B 61 20.20 40.11 10.26
N ASP B 62 20.72 41.16 10.89
CA ASP B 62 21.44 41.02 12.14
C ASP B 62 20.56 40.48 13.25
N MET B 63 19.34 41.00 13.34
CA MET B 63 18.36 40.53 14.33
C MET B 63 18.01 39.07 14.12
N LEU B 64 17.69 38.71 12.88
CA LEU B 64 17.35 37.33 12.52
C LEU B 64 18.50 36.38 12.86
N ARG B 65 19.72 36.80 12.56
CA ARG B 65 20.88 35.96 12.84
C ARG B 65 21.12 35.92 14.36
N GLU B 66 21.08 37.09 15.01
CA GLU B 66 21.35 37.16 16.43
C GLU B 66 20.47 36.24 17.30
N PHE B 67 19.18 36.13 16.99
CA PHE B 67 18.29 35.30 17.80
C PHE B 67 17.88 34.03 17.07
N ALA B 68 18.52 33.80 15.92
CA ALA B 68 18.24 32.62 15.12
C ALA B 68 16.74 32.54 14.87
N LEU B 69 16.18 33.63 14.38
CA LEU B 69 14.74 33.74 14.13
C LEU B 69 14.37 33.21 12.76
N SER B 70 13.31 32.43 12.68
CA SER B 70 12.70 32.16 11.38
C SER B 70 12.09 33.47 10.82
N THR B 71 11.69 33.44 9.56
CA THR B 71 11.05 34.57 8.95
C THR B 71 9.70 34.88 9.65
N LYS B 72 8.99 33.84 10.07
CA LYS B 72 7.72 34.03 10.76
C LYS B 72 7.94 34.72 12.09
N GLU B 73 9.02 34.33 12.77
CA GLU B 73 9.33 34.90 14.07
C GLU B 73 9.80 36.34 13.94
N GLY B 74 10.65 36.63 12.96
CA GLY B 74 11.05 38.01 12.70
C GLY B 74 9.81 38.86 12.44
N LEU B 75 8.90 38.36 11.60
CA LEU B 75 7.66 39.08 11.28
C LEU B 75 6.80 39.38 12.53
N ALA B 76 6.59 38.38 13.38
CA ALA B 76 5.74 38.60 14.56
C ALA B 76 6.35 39.65 15.48
N LEU B 77 7.67 39.61 15.66
CA LEU B 77 8.33 40.58 16.54
C LEU B 77 8.27 42.02 15.99
N MET B 78 8.41 42.15 14.68
CA MET B 78 8.33 43.47 14.08
C MET B 78 6.92 44.06 14.12
N VAL B 79 5.92 43.20 13.99
CA VAL B 79 4.54 43.62 14.07
C VAL B 79 4.24 44.06 15.48
N LEU B 80 4.64 43.23 16.45
CA LEU B 80 4.52 43.60 17.86
C LEU B 80 5.28 44.90 18.14
N ALA B 81 6.45 45.04 17.53
CA ALA B 81 7.27 46.22 17.72
C ALA B 81 6.55 47.45 17.23
N GLU B 82 5.92 47.38 16.05
CA GLU B 82 5.25 48.58 15.56
C GLU B 82 4.10 48.98 16.48
N ALA B 83 3.32 48.02 16.95
CA ALA B 83 2.22 48.34 17.85
C ALA B 83 2.76 48.98 19.13
N LEU B 84 3.86 48.45 19.67
CA LEU B 84 4.43 49.02 20.91
C LEU B 84 4.97 50.43 20.72
N LEU B 85 5.46 50.74 19.52
CA LEU B 85 5.93 52.08 19.17
C LEU B 85 4.81 53.12 19.07
N ARG B 86 3.58 52.66 18.89
CA ARG B 86 2.48 53.60 18.67
C ARG B 86 1.64 53.75 19.93
N VAL B 87 2.09 53.13 21.01
CA VAL B 87 1.53 53.39 22.33
C VAL B 87 1.98 54.79 22.76
N PRO B 88 1.02 55.65 23.15
CA PRO B 88 1.32 57.08 23.40
C PRO B 88 2.44 57.33 24.40
N ASP B 89 2.49 56.53 25.45
CA ASP B 89 3.43 56.74 26.55
C ASP B 89 4.49 55.62 26.54
N ALA B 90 5.73 55.99 26.24
CA ALA B 90 6.82 55.03 26.14
C ALA B 90 6.95 54.18 27.40
N ARG B 91 6.65 54.79 28.55
CA ARG B 91 6.71 54.08 29.83
C ARG B 91 5.69 52.95 29.87
N THR B 92 4.55 53.17 29.22
CA THR B 92 3.52 52.15 29.14
C THR B 92 4.03 50.93 28.37
N ALA B 93 4.75 51.18 27.29
CA ALA B 93 5.28 50.09 26.49
C ALA B 93 6.31 49.27 27.29
N ASP B 94 7.19 49.97 27.99
CA ASP B 94 8.23 49.35 28.81
C ASP B 94 7.63 48.48 29.90
N GLN B 95 6.57 48.97 30.53
CA GLN B 95 5.88 48.18 31.55
C GLN B 95 5.32 46.91 30.91
N PHE B 96 4.73 47.05 29.74
CA PHE B 96 4.22 45.90 29.01
C PHE B 96 5.32 44.90 28.68
N ILE B 97 6.41 45.40 28.11
CA ILE B 97 7.52 44.53 27.71
C ILE B 97 8.05 43.73 28.89
N GLU B 98 8.27 44.39 30.01
CA GLU B 98 8.79 43.76 31.23
C GLU B 98 7.80 42.85 31.97
N ASP B 99 6.54 43.25 32.04
CA ASP B 99 5.57 42.58 32.93
C ASP B 99 4.63 41.61 32.26
N LYS B 100 4.36 41.82 30.98
CA LYS B 100 3.32 41.05 30.29
C LYS B 100 3.88 40.18 29.17
N LEU B 101 4.61 40.83 28.26
CA LEU B 101 5.25 40.15 27.14
C LEU B 101 6.15 39.03 27.66
N GLY B 102 5.88 37.81 27.21
CA GLY B 102 6.71 36.67 27.59
C GLY B 102 6.26 35.98 28.87
N GLU B 103 5.37 36.62 29.63
CA GLU B 103 4.84 36.00 30.83
C GLU B 103 3.67 35.10 30.52
N GLY B 104 2.92 35.48 29.48
CA GLY B 104 1.75 34.71 29.08
C GLY B 104 0.96 35.51 28.07
N ASP B 105 -0.32 35.16 27.91
CA ASP B 105 -1.15 35.76 26.88
C ASP B 105 -0.42 35.76 25.54
N PHE B 106 0.28 34.69 25.22
CA PHE B 106 1.15 34.68 24.03
C PHE B 106 0.38 34.90 22.73
N ILE B 107 -0.65 34.09 22.50
CA ILE B 107 -1.45 34.17 21.28
C ILE B 107 -2.22 35.50 21.22
N HIS B 108 -2.78 35.91 22.35
CA HIS B 108 -3.49 37.19 22.51
C HIS B 108 -2.60 38.37 22.09
N HIS B 109 -1.34 38.40 22.54
CA HIS B 109 -0.42 39.46 22.12
C HIS B 109 -0.14 39.47 20.62
N GLU B 110 0.08 38.29 20.06
CA GLU B 110 0.37 38.17 18.65
C GLU B 110 -0.85 38.56 17.81
N THR B 111 -2.00 38.15 18.28
CA THR B 111 -3.26 38.41 17.58
C THR B 111 -3.61 39.88 17.60
N LYS B 112 -3.54 40.47 18.79
CA LYS B 112 -3.86 41.89 18.97
C LYS B 112 -2.91 42.81 18.21
N SER B 113 -1.61 42.54 18.28
CA SER B 113 -0.66 43.44 17.63
C SER B 113 -0.84 43.38 16.12
N THR B 114 -1.21 42.21 15.59
CA THR B 114 -1.42 42.10 14.15
C THR B 114 -2.75 42.76 13.77
N ALA B 115 -3.78 42.58 14.59
CA ALA B 115 -5.08 43.24 14.35
C ALA B 115 -4.95 44.76 14.37
N PHE B 116 -4.07 45.26 15.25
CA PHE B 116 -3.77 46.67 15.35
C PHE B 116 -3.42 47.28 13.99
N LEU B 117 -2.78 46.50 13.12
CA LEU B 117 -2.41 47.00 11.80
C LEU B 117 -3.61 47.33 10.91
N VAL B 118 -4.74 46.66 11.09
CA VAL B 118 -5.93 47.05 10.29
C VAL B 118 -7.02 47.74 11.11
N ASN B 119 -6.97 47.56 12.43
CA ASN B 119 -8.00 48.09 13.33
C ASN B 119 -7.29 48.57 14.60
N ALA B 120 -6.89 49.84 14.58
CA ALA B 120 -6.10 50.43 15.65
C ALA B 120 -6.77 50.30 17.03
N SER B 121 -8.09 50.47 17.08
CA SER B 121 -8.84 50.37 18.33
C SER B 121 -8.77 49.00 19.02
N ALA B 122 -8.41 47.96 18.26
CA ALA B 122 -8.34 46.61 18.81
C ALA B 122 -7.28 46.51 19.91
N TRP B 123 -6.21 47.27 19.75
CA TRP B 123 -5.06 47.23 20.65
C TRP B 123 -5.01 48.47 21.53
N ALA B 124 -4.96 48.25 22.85
CA ALA B 124 -4.79 49.35 23.79
C ALA B 124 -4.19 48.85 25.10
N ARG B 130 -5.23 42.73 30.57
CA ARG B 130 -5.74 41.61 31.34
C ARG B 130 -4.85 41.30 32.54
N VAL B 131 -5.11 40.17 33.20
CA VAL B 131 -4.25 39.67 34.27
C VAL B 131 -3.73 38.28 33.86
N ILE B 132 -2.42 38.16 33.73
CA ILE B 132 -1.81 36.91 33.26
C ILE B 132 -1.62 35.87 34.37
N GLN B 133 -2.30 34.74 34.24
CA GLN B 133 -2.12 33.62 35.15
C GLN B 133 -0.74 32.99 34.90
N PRO B 134 -0.07 32.56 35.97
CA PRO B 134 1.25 31.92 35.84
C PRO B 134 1.13 30.49 35.33
N GLY B 135 2.23 29.93 34.82
CA GLY B 135 2.23 28.55 34.36
C GLY B 135 1.50 28.31 33.05
N GLU B 136 1.28 29.38 32.27
CA GLU B 136 0.59 29.23 30.99
C GLU B 136 1.47 28.48 29.98
N THR B 137 0.91 27.48 29.33
CA THR B 137 1.62 26.74 28.30
C THR B 137 2.06 27.69 27.18
N PRO B 138 3.36 27.71 26.88
CA PRO B 138 3.87 28.64 25.87
C PRO B 138 3.49 28.22 24.45
N ASP B 139 2.41 28.80 23.95
CA ASP B 139 1.98 28.52 22.59
C ASP B 139 2.03 29.80 21.75
N GLY B 140 1.75 29.65 20.47
CA GLY B 140 1.84 30.77 19.55
C GLY B 140 3.26 30.95 19.09
N THR B 141 3.45 31.92 18.19
CA THR B 141 4.77 32.26 17.70
C THR B 141 5.62 32.84 18.81
N ILE B 142 5.01 33.63 19.69
CA ILE B 142 5.75 34.24 20.79
C ILE B 142 6.03 33.22 21.88
N GLY B 143 5.04 32.37 22.16
CA GLY B 143 5.22 31.32 23.16
C GLY B 143 6.33 30.35 22.77
N ARG B 144 6.35 29.93 21.50
CA ARG B 144 7.38 28.98 21.04
C ARG B 144 8.75 29.65 21.08
N LEU B 145 8.77 30.94 20.77
CA LEU B 145 9.98 31.75 20.86
C LEU B 145 10.45 31.84 22.31
N VAL B 146 9.51 32.02 23.23
CA VAL B 146 9.84 32.08 24.66
C VAL B 146 10.37 30.72 25.16
N LYS B 147 9.74 29.63 24.74
CA LYS B 147 10.21 28.29 25.10
C LYS B 147 11.62 28.04 24.58
N ARG B 148 11.92 28.56 23.40
CA ARG B 148 13.22 28.35 22.80
C ARG B 148 14.32 29.26 23.36
N LEU B 149 14.08 30.57 23.42
CA LEU B 149 15.10 31.53 23.84
C LEU B 149 14.98 31.97 25.29
N GLY B 150 13.80 31.80 25.88
CA GLY B 150 13.52 32.37 27.18
C GLY B 150 12.87 33.73 27.03
N ALA B 151 12.01 34.09 27.97
CA ALA B 151 11.33 35.39 27.95
C ALA B 151 12.26 36.62 27.90
N PRO B 152 13.37 36.62 28.66
CA PRO B 152 14.20 37.83 28.60
C PRO B 152 14.81 38.09 27.22
N ALA B 153 15.19 37.03 26.50
CA ALA B 153 15.77 37.23 25.18
C ALA B 153 14.70 37.73 24.22
N VAL B 154 13.48 37.26 24.40
CA VAL B 154 12.36 37.71 23.55
C VAL B 154 12.12 39.22 23.71
N ARG B 155 12.19 39.69 24.95
CA ARG B 155 12.04 41.12 25.21
C ARG B 155 13.13 41.93 24.54
N THR B 156 14.36 41.43 24.61
CA THR B 156 15.51 42.08 23.99
C THR B 156 15.40 42.10 22.47
N ALA B 157 14.91 40.99 21.91
CA ALA B 157 14.64 40.90 20.47
C ALA B 157 13.53 41.87 20.05
N THR B 158 12.52 42.03 20.90
CA THR B 158 11.38 42.91 20.62
C THR B 158 11.82 44.36 20.64
N ARG B 159 12.62 44.72 21.64
CA ARG B 159 13.20 46.06 21.69
C ARG B 159 14.10 46.39 20.47
N GLN B 160 14.86 45.40 20.01
CA GLN B 160 15.64 45.57 18.77
C GLN B 160 14.73 45.72 17.54
N ALA B 161 13.66 44.95 17.47
CA ALA B 161 12.69 45.13 16.38
C ALA B 161 12.09 46.54 16.42
N MET B 162 11.88 47.06 17.63
CA MET B 162 11.39 48.43 17.80
C MET B 162 12.34 49.50 17.25
N ARG B 163 13.65 49.32 17.44
CA ARG B 163 14.60 50.25 16.86
C ARG B 163 14.58 50.11 15.35
N LEU B 164 14.42 48.89 14.86
CA LEU B 164 14.41 48.70 13.42
C LEU B 164 13.15 49.33 12.81
N MET B 165 11.98 49.09 13.41
CA MET B 165 10.73 49.62 12.87
C MET B 165 10.69 51.14 12.94
N GLY B 166 11.24 51.69 14.02
CA GLY B 166 11.24 53.13 14.21
C GLY B 166 12.23 53.85 13.33
N ASN B 167 13.36 53.22 13.02
CA ASN B 167 14.41 53.91 12.24
C ASN B 167 14.31 53.71 10.74
N HIS B 168 13.79 52.57 10.31
CA HIS B 168 13.91 52.18 8.91
C HIS B 168 12.60 52.25 8.14
N PHE B 169 11.51 52.55 8.84
CA PHE B 169 10.20 52.64 8.21
C PHE B 169 9.59 53.96 8.56
N VAL B 170 8.83 54.52 7.62
CA VAL B 170 8.06 55.74 7.85
C VAL B 170 6.57 55.37 7.83
N LEU B 171 5.98 55.18 9.01
CA LEU B 171 4.66 54.55 9.11
C LEU B 171 3.64 55.42 9.85
N GLY B 172 2.36 55.20 9.53
CA GLY B 172 1.26 55.84 10.23
C GLY B 172 -0.02 55.06 10.05
N GLU B 173 -1.04 55.37 10.86
CA GLU B 173 -2.35 54.79 10.65
C GLU B 173 -2.89 55.14 9.28
N THR B 174 -2.61 56.37 8.87
CA THR B 174 -3.00 56.87 7.57
C THR B 174 -1.78 57.45 6.89
N ILE B 175 -1.89 57.68 5.59
CA ILE B 175 -0.77 58.22 4.85
C ILE B 175 -0.42 59.65 5.31
N GLU B 176 -1.40 60.45 5.70
CA GLU B 176 -1.11 61.81 6.21
C GLU B 176 -0.20 61.73 7.45
N GLN B 177 -0.44 60.72 8.30
CA GLN B 177 0.38 60.58 9.50
C GLN B 177 1.80 60.13 9.15
N ALA B 178 1.93 59.19 8.20
CA ALA B 178 3.26 58.77 7.73
C ALA B 178 4.05 59.93 7.13
N LEU B 179 3.39 60.67 6.24
CA LEU B 179 4.02 61.81 5.58
C LEU B 179 4.42 62.91 6.56
N GLU B 180 3.60 63.12 7.59
CA GLU B 180 3.95 64.10 8.61
C GLU B 180 5.19 63.64 9.37
N ARG B 181 5.22 62.35 9.63
CA ARG B 181 6.29 61.76 10.42
C ARG B 181 7.63 61.76 9.67
N GLY B 182 7.57 61.59 8.34
CA GLY B 182 8.79 61.53 7.54
C GLY B 182 9.30 62.88 7.08
N LYS B 183 8.65 63.95 7.55
CA LYS B 183 9.01 65.33 7.20
C LYS B 183 10.41 65.65 7.70
N PRO B 184 11.16 66.45 6.92
CA PRO B 184 12.46 66.95 7.35
C PRO B 184 12.31 68.21 8.20
N GLN B 188 14.44 72.24 5.12
CA GLN B 188 15.35 71.23 4.59
C GLN B 188 14.76 70.40 3.44
N LYS B 189 15.64 69.84 2.61
CA LYS B 189 15.24 68.90 1.56
C LYS B 189 15.31 67.49 2.12
N THR B 190 14.47 66.59 1.60
CA THR B 190 14.49 65.19 2.05
C THR B 190 15.72 64.44 1.54
N ARG B 191 16.39 63.72 2.45
CA ARG B 191 17.54 62.91 2.08
C ARG B 191 17.08 61.51 1.64
N TYR B 192 15.77 61.37 1.38
CA TYR B 192 15.21 60.08 1.06
C TYR B 192 14.17 60.14 -0.05
N SER B 193 14.26 59.18 -0.96
CA SER B 193 13.19 58.95 -1.91
C SER B 193 12.18 58.01 -1.23
N PHE B 194 10.97 57.91 -1.77
CA PHE B 194 9.93 57.13 -1.11
C PHE B 194 9.64 55.81 -1.84
N ASP B 195 9.82 54.71 -1.12
CA ASP B 195 9.33 53.40 -1.58
C ASP B 195 7.97 53.21 -0.90
N MET B 196 6.90 53.50 -1.63
CA MET B 196 5.55 53.46 -1.06
C MET B 196 5.10 52.04 -0.77
N LEU B 197 4.46 51.84 0.38
CA LEU B 197 4.08 50.49 0.82
C LEU B 197 3.07 49.70 -0.06
N GLY B 198 2.07 50.37 -0.62
CA GLY B 198 0.97 49.65 -1.24
C GLY B 198 1.24 48.71 -2.41
N GLU B 199 0.49 47.63 -2.45
CA GLU B 199 0.47 46.75 -3.62
C GLU B 199 -0.87 46.03 -3.67
N GLY B 200 -1.22 45.56 -4.86
CA GLY B 200 -2.38 44.70 -5.04
C GLY B 200 -3.68 45.25 -4.46
N ALA B 201 -4.22 46.28 -5.09
CA ALA B 201 -5.53 46.76 -4.70
C ALA B 201 -6.52 45.61 -4.86
N ARG B 202 -7.32 45.36 -3.82
CA ARG B 202 -8.36 44.32 -3.92
C ARG B 202 -9.72 44.91 -4.26
N THR B 203 -9.88 46.21 -4.02
CA THR B 203 -11.18 46.88 -4.21
C THR B 203 -10.96 48.19 -4.94
N ALA B 204 -12.04 48.73 -5.51
CA ALA B 204 -11.97 50.02 -6.20
C ALA B 204 -11.54 51.10 -5.21
N ALA B 205 -12.08 51.03 -4.00
CA ALA B 205 -11.71 51.96 -2.94
C ALA B 205 -10.21 51.91 -2.59
N ASP B 206 -9.62 50.71 -2.59
CA ASP B 206 -8.17 50.59 -2.35
C ASP B 206 -7.37 51.29 -3.45
N ALA B 207 -7.79 51.10 -4.71
CA ALA B 207 -7.12 51.72 -5.85
C ALA B 207 -7.17 53.23 -5.75
N ARG B 208 -8.30 53.77 -5.29
CA ARG B 208 -8.43 55.23 -5.05
C ARG B 208 -7.55 55.65 -3.87
N ARG B 209 -7.56 54.85 -2.80
CA ARG B 209 -6.75 55.19 -1.64
C ARG B 209 -5.26 55.21 -2.01
N TYR B 210 -4.79 54.21 -2.74
CA TYR B 210 -3.36 54.23 -3.13
C TYR B 210 -3.03 55.40 -4.04
N PHE B 211 -3.90 55.66 -5.02
CA PHE B 211 -3.76 56.83 -5.88
C PHE B 211 -3.55 58.08 -5.04
N ASP B 212 -4.40 58.26 -4.02
CA ASP B 212 -4.31 59.46 -3.17
C ASP B 212 -3.06 59.46 -2.31
N ALA B 213 -2.62 58.29 -1.87
CA ALA B 213 -1.36 58.21 -1.14
C ALA B 213 -0.19 58.66 -2.01
N TYR B 214 -0.13 58.13 -3.24
CA TYR B 214 0.94 58.51 -4.16
C TYR B 214 0.92 60.02 -4.45
N ALA B 215 -0.27 60.57 -4.72
CA ALA B 215 -0.41 62.00 -5.01
C ALA B 215 -0.01 62.87 -3.83
N SER B 216 -0.44 62.49 -2.64
CA SER B 216 -0.02 63.21 -1.43
C SER B 216 1.49 63.11 -1.28
N ALA B 217 2.04 61.91 -1.48
CA ALA B 217 3.49 61.72 -1.33
C ALA B 217 4.29 62.61 -2.29
N ILE B 218 3.82 62.69 -3.53
CA ILE B 218 4.46 63.51 -4.57
C ILE B 218 4.47 65.00 -4.15
N GLU B 219 3.40 65.45 -3.50
CA GLU B 219 3.36 66.83 -3.02
C GLU B 219 4.26 67.06 -1.80
N THR B 220 4.28 66.11 -0.87
CA THR B 220 5.16 66.24 0.29
C THR B 220 6.62 66.30 -0.14
N ILE B 221 6.97 65.41 -1.06
CA ILE B 221 8.34 65.29 -1.52
C ILE B 221 8.74 66.41 -2.46
N GLY B 222 7.75 66.92 -3.21
CA GLY B 222 7.94 68.02 -4.13
C GLY B 222 8.26 69.30 -3.39
N LYS B 223 7.47 69.57 -2.35
CA LYS B 223 7.69 70.76 -1.51
C LYS B 223 9.06 70.75 -0.81
N ALA B 224 9.79 69.64 -0.89
CA ALA B 224 11.11 69.58 -0.26
C ALA B 224 12.15 68.93 -1.15
N ALA B 225 12.05 69.19 -2.45
CA ALA B 225 12.93 68.55 -3.43
C ALA B 225 14.25 69.32 -3.62
N GLY B 226 14.38 70.46 -2.96
CA GLY B 226 15.57 71.27 -3.12
C GLY B 226 15.58 72.00 -4.46
N ASN B 227 16.73 72.58 -4.79
CA ASN B 227 16.82 73.42 -5.98
C ASN B 227 17.81 72.93 -7.03
N HIS B 228 18.21 71.68 -6.97
CA HIS B 228 19.08 71.11 -8.01
C HIS B 228 18.27 70.47 -9.11
N ALA B 229 18.95 70.12 -10.20
CA ALA B 229 18.31 69.43 -11.32
C ALA B 229 18.40 67.92 -11.08
N LEU B 230 17.58 67.17 -11.80
CA LEU B 230 17.75 65.72 -11.87
C LEU B 230 19.18 65.42 -12.30
N PRO B 231 19.75 64.32 -11.81
CA PRO B 231 19.07 63.31 -11.00
C PRO B 231 19.15 63.59 -9.50
N ASP B 232 19.67 64.76 -9.12
CA ASP B 232 19.81 65.13 -7.71
C ASP B 232 18.50 65.72 -7.18
N ARG B 233 17.41 64.99 -7.41
CA ARG B 233 16.10 65.31 -6.87
C ARG B 233 15.47 64.00 -6.35
N PRO B 234 14.52 64.09 -5.40
CA PRO B 234 13.97 62.87 -4.80
C PRO B 234 13.09 62.11 -5.76
N GLY B 235 12.91 60.81 -5.50
CA GLY B 235 12.05 59.99 -6.32
C GLY B 235 10.91 59.33 -5.55
N ILE B 236 9.95 58.80 -6.29
CA ILE B 236 8.87 58.00 -5.71
C ILE B 236 8.68 56.74 -6.53
N SER B 237 8.48 55.62 -5.84
CA SER B 237 8.20 54.30 -6.44
C SER B 237 6.72 53.99 -6.41
N VAL B 238 6.22 53.47 -7.53
CA VAL B 238 4.79 53.25 -7.72
C VAL B 238 4.54 51.81 -8.20
N LYS B 239 3.47 51.18 -7.71
CA LYS B 239 3.11 49.83 -8.18
C LYS B 239 1.79 49.83 -8.94
N LEU B 240 1.82 49.38 -10.19
CA LEU B 240 0.60 49.31 -10.99
C LEU B 240 -0.53 48.51 -10.30
N SER B 241 -0.18 47.41 -9.61
CA SER B 241 -1.20 46.60 -8.95
C SER B 241 -1.91 47.35 -7.82
N ALA B 242 -1.26 48.40 -7.30
CA ALA B 242 -1.88 49.20 -6.25
C ALA B 242 -2.96 50.11 -6.85
N LEU B 243 -2.85 50.38 -8.15
CA LEU B 243 -3.69 51.37 -8.81
C LEU B 243 -4.87 50.76 -9.54
N HIS B 244 -4.93 49.44 -9.61
CA HIS B 244 -6.04 48.78 -10.30
C HIS B 244 -6.33 47.41 -9.66
N PRO B 245 -7.60 47.15 -9.32
CA PRO B 245 -8.02 45.95 -8.56
C PRO B 245 -8.06 44.62 -9.34
N ARG B 246 -8.02 44.68 -10.67
CA ARG B 246 -7.88 43.48 -11.47
C ARG B 246 -6.75 43.73 -12.43
N PHE B 247 -5.54 43.95 -11.89
CA PHE B 247 -4.38 44.13 -12.74
C PHE B 247 -3.87 42.74 -13.20
N GLU B 248 -4.40 42.28 -14.33
CA GLU B 248 -4.15 40.93 -14.81
C GLU B 248 -4.37 40.92 -16.33
N ALA B 249 -3.65 40.04 -17.03
CA ALA B 249 -3.71 39.98 -18.50
C ALA B 249 -5.13 39.80 -19.09
N ILE B 250 -5.94 38.94 -18.49
CA ILE B 250 -7.29 38.73 -19.01
C ILE B 250 -8.17 39.97 -18.86
N SER B 251 -7.79 40.87 -17.96
CA SER B 251 -8.53 42.13 -17.81
C SER B 251 -7.82 43.29 -18.50
N ARG B 252 -6.92 42.97 -19.43
CA ARG B 252 -6.15 44.00 -20.17
C ARG B 252 -7.00 45.13 -20.73
N ALA B 253 -8.16 44.80 -21.31
CA ALA B 253 -9.02 45.81 -21.95
C ALA B 253 -9.43 46.92 -20.98
N ARG B 254 -9.99 46.53 -19.83
CA ARG B 254 -10.37 47.54 -18.83
C ARG B 254 -9.14 48.21 -18.17
N VAL B 255 -8.05 47.47 -18.00
CA VAL B 255 -6.84 48.06 -17.43
C VAL B 255 -6.31 49.21 -18.30
N MET B 256 -6.23 49.01 -19.61
CA MET B 256 -5.75 50.06 -20.51
C MET B 256 -6.62 51.32 -20.48
N VAL B 257 -7.90 51.12 -20.18
CA VAL B 257 -8.87 52.20 -20.26
C VAL B 257 -8.90 52.96 -18.93
N GLU B 258 -8.72 52.24 -17.83
CA GLU B 258 -8.89 52.81 -16.49
C GLU B 258 -7.56 53.25 -15.86
N LEU B 259 -6.53 52.43 -16.04
CA LEU B 259 -5.28 52.63 -15.29
C LEU B 259 -4.39 53.68 -15.93
N VAL B 260 -4.27 53.62 -17.25
CA VAL B 260 -3.43 54.56 -17.99
C VAL B 260 -3.64 56.05 -17.66
N PRO B 261 -4.91 56.51 -17.60
CA PRO B 261 -5.07 57.92 -17.24
C PRO B 261 -4.67 58.18 -15.79
N GLN B 262 -4.90 57.21 -14.90
CA GLN B 262 -4.52 57.38 -13.50
C GLN B 262 -3.00 57.49 -13.34
N LEU B 263 -2.28 56.56 -13.97
CA LEU B 263 -0.81 56.60 -13.94
C LEU B 263 -0.31 57.88 -14.61
N LEU B 264 -1.01 58.31 -15.66
CA LEU B 264 -0.66 59.56 -16.33
C LEU B 264 -0.84 60.77 -15.42
N ASP B 265 -1.93 60.79 -14.64
CA ASP B 265 -2.19 61.88 -13.71
C ASP B 265 -1.04 62.01 -12.70
N LEU B 266 -0.63 60.89 -12.13
CA LEU B 266 0.46 60.86 -11.13
C LEU B 266 1.80 61.27 -11.74
N ALA B 267 2.05 60.82 -12.96
CA ALA B 267 3.30 61.15 -13.65
C ALA B 267 3.37 62.64 -13.97
N GLN B 268 2.23 63.22 -14.34
CA GLN B 268 2.11 64.67 -14.56
C GLN B 268 2.41 65.43 -13.27
N ARG B 269 1.82 64.98 -12.16
CA ARG B 269 2.05 65.63 -10.88
C ARG B 269 3.52 65.53 -10.46
N ALA B 270 4.16 64.43 -10.83
CA ALA B 270 5.57 64.23 -10.53
C ALA B 270 6.43 65.14 -11.40
N LYS B 271 6.10 65.20 -12.69
CA LYS B 271 6.81 66.04 -13.64
C LYS B 271 6.78 67.51 -13.19
N ALA B 272 5.64 67.94 -12.65
CA ALA B 272 5.49 69.32 -12.18
C ALA B 272 6.46 69.65 -11.05
N HIS B 273 7.00 68.63 -10.41
CA HIS B 273 8.03 68.85 -9.41
C HIS B 273 9.38 68.35 -9.90
N ASP B 274 9.47 68.00 -11.18
CA ASP B 274 10.71 67.49 -11.78
C ASP B 274 11.28 66.39 -10.90
N LEU B 275 10.43 65.46 -10.47
CA LEU B 275 10.86 64.34 -9.62
C LEU B 275 11.17 63.12 -10.46
N ASN B 276 11.93 62.19 -9.89
CA ASN B 276 12.08 60.86 -10.46
C ASN B 276 10.82 60.03 -10.13
N PHE B 277 10.20 59.47 -11.17
CA PHE B 277 8.97 58.72 -11.04
C PHE B 277 9.19 57.32 -11.62
N THR B 278 9.21 56.31 -10.75
CA THR B 278 9.58 54.96 -11.15
C THR B 278 8.43 53.98 -10.94
N VAL B 279 8.06 53.28 -12.02
CA VAL B 279 7.11 52.18 -11.96
C VAL B 279 7.81 50.88 -11.57
N ASP B 280 7.48 50.36 -10.38
CA ASP B 280 8.12 49.12 -9.88
C ASP B 280 7.80 47.94 -10.78
N ALA B 281 8.64 46.92 -10.74
CA ALA B 281 8.41 45.70 -11.51
C ALA B 281 7.83 44.65 -10.57
N GLU B 282 6.78 43.96 -11.01
CA GLU B 282 6.10 43.00 -10.15
C GLU B 282 6.26 41.60 -10.70
N GLU B 283 5.23 40.76 -10.59
CA GLU B 283 5.37 39.36 -10.98
C GLU B 283 5.57 39.22 -12.47
N ALA B 284 6.14 38.09 -12.88
CA ALA B 284 6.49 37.86 -14.29
C ALA B 284 5.29 37.80 -15.22
N ASP B 285 4.13 37.36 -14.71
CA ASP B 285 2.92 37.34 -15.54
C ASP B 285 2.31 38.72 -15.72
N ARG B 286 2.89 39.72 -15.07
CA ARG B 286 2.41 41.10 -15.22
C ARG B 286 3.37 41.97 -16.03
N LEU B 287 4.48 41.38 -16.48
CA LEU B 287 5.48 42.11 -17.27
C LEU B 287 4.93 42.75 -18.54
N GLU B 288 4.35 41.93 -19.41
CA GLU B 288 3.80 42.42 -20.67
C GLU B 288 2.71 43.46 -20.45
N LEU B 289 1.82 43.20 -19.50
CA LEU B 289 0.74 44.14 -19.19
C LEU B 289 1.27 45.47 -18.66
N SER B 290 2.31 45.42 -17.83
CA SER B 290 2.88 46.64 -17.27
C SER B 290 3.54 47.47 -18.35
N LEU B 291 4.27 46.81 -19.25
CA LEU B 291 4.94 47.50 -20.34
C LEU B 291 3.93 48.17 -21.28
N ASP B 292 2.79 47.52 -21.50
CA ASP B 292 1.71 48.12 -22.28
C ASP B 292 1.22 49.40 -21.61
N VAL B 293 0.95 49.31 -20.32
CA VAL B 293 0.51 50.45 -19.53
C VAL B 293 1.56 51.56 -19.54
N ILE B 294 2.83 51.20 -19.35
CA ILE B 294 3.89 52.21 -19.29
C ILE B 294 4.06 52.89 -20.65
N ALA B 295 4.04 52.11 -21.73
CA ALA B 295 4.23 52.68 -23.07
C ALA B 295 3.14 53.71 -23.41
N ALA B 296 1.89 53.34 -23.14
CA ALA B 296 0.78 54.25 -23.43
C ALA B 296 0.84 55.52 -22.56
N THR B 297 1.32 55.40 -21.32
CA THR B 297 1.42 56.55 -20.45
C THR B 297 2.54 57.50 -20.91
N LEU B 298 3.69 56.92 -21.25
CA LEU B 298 4.84 57.69 -21.70
C LEU B 298 4.54 58.39 -23.02
N ALA B 299 3.62 57.81 -23.80
CA ALA B 299 3.30 58.32 -25.12
C ALA B 299 2.64 59.68 -25.02
N ASP B 300 1.96 59.94 -23.91
CA ASP B 300 1.26 61.21 -23.76
C ASP B 300 2.23 62.38 -23.88
N PRO B 301 1.85 63.36 -24.70
CA PRO B 301 2.72 64.50 -25.00
C PRO B 301 2.94 65.36 -23.76
N SER B 302 2.03 65.28 -22.79
CA SER B 302 2.14 66.06 -21.55
C SER B 302 3.38 65.73 -20.70
N LEU B 303 4.08 64.64 -21.05
CA LEU B 303 5.24 64.22 -20.27
C LEU B 303 6.57 64.53 -20.93
N LYS B 304 6.54 65.21 -22.09
CA LYS B 304 7.75 65.70 -22.74
C LYS B 304 8.51 66.69 -21.86
N GLY B 305 9.79 66.88 -22.16
CA GLY B 305 10.60 67.89 -21.49
C GLY B 305 10.81 67.62 -20.01
N TRP B 306 10.84 66.33 -19.67
CA TRP B 306 10.99 65.86 -18.30
C TRP B 306 11.67 64.53 -18.33
N ASP B 307 12.77 64.41 -17.56
CA ASP B 307 13.70 63.31 -17.66
C ASP B 307 13.58 62.31 -16.50
N GLY B 308 12.51 62.40 -15.72
CA GLY B 308 12.41 61.61 -14.51
C GLY B 308 11.51 60.39 -14.56
N PHE B 309 10.84 60.16 -15.69
CA PHE B 309 9.97 59.01 -15.82
C PHE B 309 10.81 57.77 -15.97
N GLY B 310 10.35 56.66 -15.38
CA GLY B 310 11.06 55.40 -15.51
C GLY B 310 10.41 54.17 -14.89
N LEU B 311 11.14 53.07 -14.92
CA LEU B 311 10.63 51.79 -14.43
C LEU B 311 11.77 50.91 -13.92
N ALA B 312 11.41 49.89 -13.17
CA ALA B 312 12.37 48.88 -12.74
C ALA B 312 12.34 47.73 -13.73
N ILE B 313 13.50 47.15 -13.94
CA ILE B 313 13.67 45.97 -14.77
C ILE B 313 14.37 44.92 -13.93
N GLN B 314 13.82 43.70 -13.94
CA GLN B 314 14.33 42.60 -13.11
C GLN B 314 15.32 41.71 -13.86
N ALA B 315 16.58 41.72 -13.44
CA ALA B 315 17.61 40.92 -14.10
C ALA B 315 17.45 39.42 -13.89
N TYR B 316 16.69 39.00 -12.87
CA TYR B 316 16.51 37.55 -12.68
C TYR B 316 15.63 36.92 -13.75
N GLN B 317 14.98 37.75 -14.58
CA GLN B 317 14.18 37.26 -15.69
C GLN B 317 14.99 37.10 -16.96
N LYS B 318 14.71 36.03 -17.70
CA LYS B 318 15.39 35.77 -18.96
C LYS B 318 15.06 36.85 -19.99
N ARG B 319 13.93 37.51 -19.81
CA ARG B 319 13.46 38.55 -20.74
C ARG B 319 14.06 39.93 -20.45
N ALA B 320 14.93 40.03 -19.44
CA ALA B 320 15.41 41.34 -18.98
C ALA B 320 16.09 42.18 -20.06
N SER B 321 17.00 41.55 -20.80
CA SER B 321 17.71 42.23 -21.88
C SER B 321 16.74 42.74 -22.96
N ALA B 322 15.72 41.95 -23.29
CA ALA B 322 14.77 42.37 -24.31
C ALA B 322 13.94 43.56 -23.79
N VAL B 323 13.64 43.54 -22.49
CA VAL B 323 12.91 44.65 -21.88
C VAL B 323 13.73 45.92 -22.00
N ILE B 324 15.05 45.79 -21.81
CA ILE B 324 15.93 46.94 -21.94
C ILE B 324 15.87 47.52 -23.36
N ASP B 325 15.94 46.63 -24.35
CA ASP B 325 15.81 47.04 -25.76
C ASP B 325 14.49 47.78 -26.00
N TYR B 326 13.39 47.18 -25.54
CA TYR B 326 12.05 47.73 -25.69
C TYR B 326 11.95 49.13 -25.08
N VAL B 327 12.51 49.28 -23.88
CA VAL B 327 12.44 50.53 -23.17
C VAL B 327 13.26 51.60 -23.90
N ASP B 328 14.39 51.20 -24.47
CA ASP B 328 15.22 52.12 -25.23
C ASP B 328 14.52 52.58 -26.50
N ALA B 329 13.86 51.64 -27.19
CA ALA B 329 13.16 51.95 -28.44
C ALA B 329 11.97 52.87 -28.15
N LEU B 330 11.36 52.66 -27.00
CA LEU B 330 10.30 53.53 -26.52
C LEU B 330 10.84 54.94 -26.32
N ALA B 331 12.00 55.03 -25.65
CA ALA B 331 12.60 56.33 -25.35
C ALA B 331 13.00 57.05 -26.64
N ARG B 332 13.55 56.30 -27.60
CA ARG B 332 13.96 56.89 -28.88
C ARG B 332 12.76 57.28 -29.73
N ALA B 333 11.71 56.47 -29.70
CA ALA B 333 10.51 56.71 -30.51
C ALA B 333 9.78 57.98 -30.08
N HIS B 334 9.80 58.29 -28.79
CA HIS B 334 9.09 59.45 -28.27
C HIS B 334 10.04 60.59 -27.92
N ASP B 335 11.31 60.41 -28.26
CA ASP B 335 12.37 61.38 -27.95
C ASP B 335 12.36 61.76 -26.47
N ARG B 336 12.54 60.77 -25.61
CA ARG B 336 12.57 61.01 -24.17
C ARG B 336 13.84 60.52 -23.50
N LYS B 337 14.15 61.13 -22.35
CA LYS B 337 15.14 60.60 -21.43
C LYS B 337 14.40 59.85 -20.33
N LEU B 338 14.83 58.63 -20.03
CA LEU B 338 14.22 57.80 -19.01
C LEU B 338 15.22 57.44 -17.92
N MET B 339 14.76 57.41 -16.67
CA MET B 339 15.57 56.87 -15.58
C MET B 339 15.16 55.43 -15.32
N VAL B 340 16.10 54.51 -15.45
CA VAL B 340 15.78 53.09 -15.43
C VAL B 340 16.47 52.35 -14.30
N ARG B 341 15.68 51.71 -13.44
CA ARG B 341 16.21 50.98 -12.32
C ARG B 341 16.46 49.53 -12.68
N LEU B 342 17.69 49.07 -12.49
CA LEU B 342 18.00 47.66 -12.68
C LEU B 342 18.05 46.96 -11.31
N VAL B 343 17.19 45.96 -11.13
CA VAL B 343 17.20 45.18 -9.91
C VAL B 343 17.38 43.71 -10.26
N LYS B 344 17.62 42.87 -9.26
CA LYS B 344 17.61 41.44 -9.54
C LYS B 344 16.19 40.90 -9.57
N GLY B 345 15.45 41.05 -8.47
CA GLY B 345 14.04 40.64 -8.48
C GLY B 345 13.53 40.10 -7.16
N ALA B 346 12.32 40.49 -6.78
CA ALA B 346 11.84 40.23 -5.43
C ALA B 346 10.85 39.07 -5.25
N TYR B 347 10.52 38.38 -6.35
CA TYR B 347 9.42 37.42 -6.35
C TYR B 347 9.84 36.02 -6.79
N TRP B 348 11.12 35.70 -6.60
CA TRP B 348 11.67 34.45 -7.16
C TRP B 348 10.91 33.19 -6.74
N ASP B 349 10.60 33.08 -5.45
CA ASP B 349 9.91 31.89 -4.94
C ASP B 349 8.52 31.76 -5.54
N THR B 350 7.86 32.90 -5.68
CA THR B 350 6.54 32.97 -6.27
C THR B 350 6.58 32.52 -7.73
N GLU B 351 7.59 32.98 -8.47
CA GLU B 351 7.70 32.60 -9.88
C GLU B 351 7.92 31.10 -10.06
N ILE B 352 8.71 30.50 -9.17
CA ILE B 352 8.95 29.06 -9.27
C ILE B 352 7.67 28.28 -9.01
N LYS B 353 7.00 28.62 -7.91
CA LYS B 353 5.80 27.90 -7.50
C LYS B 353 4.73 28.03 -8.57
N ARG B 354 4.59 29.23 -9.13
CA ARG B 354 3.57 29.49 -10.15
C ARG B 354 3.79 28.69 -11.43
N ALA B 355 5.04 28.65 -11.88
CA ALA B 355 5.35 27.90 -13.09
C ALA B 355 5.00 26.43 -12.88
N GLN B 356 5.26 25.95 -11.67
CA GLN B 356 4.93 24.56 -11.34
C GLN B 356 3.43 24.30 -11.29
N GLU B 357 2.69 25.15 -10.57
CA GLU B 357 1.24 25.01 -10.46
C GLU B 357 0.60 25.10 -11.82
N ARG B 358 1.10 26.01 -12.66
CA ARG B 358 0.47 26.29 -13.93
C ARG B 358 0.98 25.38 -15.05
N GLY B 359 1.87 24.46 -14.69
CA GLY B 359 2.41 23.51 -15.64
C GLY B 359 3.02 24.16 -16.85
N LEU B 360 3.83 25.19 -16.63
CA LEU B 360 4.44 25.92 -17.74
C LEU B 360 5.58 25.10 -18.32
N ASP B 361 6.08 25.47 -19.50
CA ASP B 361 7.17 24.70 -20.11
C ASP B 361 8.57 25.13 -19.63
N GLY B 362 8.62 26.02 -18.65
CA GLY B 362 9.88 26.47 -18.07
C GLY B 362 9.67 27.58 -17.07
N TYR B 363 10.76 28.07 -16.50
CA TYR B 363 10.74 29.19 -15.57
C TYR B 363 11.08 30.49 -16.28
N PRO B 364 10.32 31.55 -16.00
CA PRO B 364 10.61 32.88 -16.60
C PRO B 364 11.84 33.48 -15.91
N VAL B 365 12.20 32.97 -14.73
CA VAL B 365 13.40 33.42 -14.05
C VAL B 365 14.49 32.35 -14.10
N PHE B 366 15.73 32.76 -13.85
CA PHE B 366 16.82 31.80 -13.67
C PHE B 366 16.61 31.08 -12.36
N THR B 367 17.15 29.87 -12.25
CA THR B 367 17.00 29.07 -11.04
C THR B 367 18.35 28.90 -10.31
N ARG B 368 19.40 29.45 -10.88
CA ARG B 368 20.66 29.56 -10.11
C ARG B 368 21.01 31.03 -9.87
N LYS B 369 21.34 31.32 -8.61
CA LYS B 369 21.59 32.69 -8.18
C LYS B 369 22.70 33.34 -9.01
N ALA B 370 23.72 32.55 -9.31
CA ALA B 370 24.86 33.05 -10.06
C ALA B 370 24.46 33.43 -11.48
N MET B 371 23.40 32.79 -12.00
CA MET B 371 22.90 33.19 -13.31
C MET B 371 22.24 34.57 -13.26
N THR B 372 21.54 34.84 -12.17
CA THR B 372 20.95 36.17 -11.97
C THR B 372 22.05 37.22 -11.88
N ASP B 373 23.08 36.93 -11.08
CA ASP B 373 24.22 37.83 -10.93
C ASP B 373 24.91 38.10 -12.26
N LEU B 374 25.06 37.04 -13.07
CA LEU B 374 25.65 37.17 -14.41
C LEU B 374 24.80 38.09 -15.25
N ASN B 375 23.51 37.80 -15.26
CA ASN B 375 22.58 38.56 -16.07
C ASN B 375 22.48 40.01 -15.59
N TYR B 376 22.62 40.21 -14.29
CA TYR B 376 22.59 41.57 -13.78
C TYR B 376 23.76 42.37 -14.34
N VAL B 377 24.96 41.81 -14.29
CA VAL B 377 26.13 42.49 -14.82
C VAL B 377 26.04 42.73 -16.33
N ALA B 378 25.64 41.70 -17.08
CA ALA B 378 25.41 41.87 -18.51
C ALA B 378 24.40 42.97 -18.80
N CYS B 379 23.30 43.02 -18.02
CA CYS B 379 22.29 44.06 -18.21
C CYS B 379 22.78 45.44 -17.85
N ALA B 380 23.64 45.51 -16.84
CA ALA B 380 24.20 46.78 -16.42
C ALA B 380 25.13 47.31 -17.53
N SER B 381 25.88 46.39 -18.12
CA SER B 381 26.80 46.71 -19.20
C SER B 381 26.02 47.38 -20.32
N LYS B 382 24.88 46.76 -20.64
CA LYS B 382 24.00 47.23 -21.69
C LYS B 382 23.39 48.58 -21.33
N LEU B 383 22.92 48.70 -20.10
CA LEU B 383 22.34 49.98 -19.66
C LEU B 383 23.35 51.13 -19.70
N LEU B 384 24.59 50.86 -19.28
CA LEU B 384 25.63 51.89 -19.26
C LEU B 384 25.95 52.40 -20.65
N ALA B 385 25.83 51.53 -21.64
CA ALA B 385 26.10 51.92 -23.03
C ALA B 385 24.93 52.69 -23.67
N LEU B 386 23.79 52.75 -22.98
CA LEU B 386 22.64 53.48 -23.51
C LEU B 386 22.55 54.90 -22.97
N ARG B 387 23.54 55.29 -22.16
CA ARG B 387 23.69 56.68 -21.71
C ARG B 387 24.03 57.56 -22.92
N PRO B 388 23.61 58.84 -22.90
CA PRO B 388 22.94 59.55 -21.80
C PRO B 388 21.42 59.55 -21.88
N ARG B 389 20.83 58.93 -22.92
CA ARG B 389 19.37 58.89 -23.03
C ARG B 389 18.77 58.09 -21.89
N ILE B 390 19.36 56.93 -21.61
CA ILE B 390 18.97 56.16 -20.44
C ILE B 390 19.91 56.52 -19.28
N PHE B 391 19.33 56.90 -18.15
CA PHE B 391 20.10 57.11 -16.92
C PHE B 391 19.89 55.89 -16.03
N PRO B 392 20.88 54.99 -15.94
CA PRO B 392 20.75 53.74 -15.17
C PRO B 392 20.83 53.93 -13.65
N GLN B 393 19.95 53.22 -12.93
CA GLN B 393 19.96 53.20 -11.47
C GLN B 393 20.14 51.76 -11.02
N PHE B 394 21.28 51.46 -10.40
CA PHE B 394 21.58 50.10 -10.00
C PHE B 394 21.22 49.85 -8.55
N ALA B 395 20.04 49.26 -8.35
CA ALA B 395 19.56 48.94 -7.02
C ALA B 395 20.11 47.58 -6.61
N THR B 396 21.05 47.59 -5.69
CA THR B 396 21.63 46.35 -5.17
C THR B 396 22.34 46.62 -3.84
N HIS B 397 22.37 45.63 -2.96
CA HIS B 397 23.20 45.77 -1.75
C HIS B 397 24.37 44.76 -1.76
N ASN B 398 24.69 44.29 -2.95
CA ASN B 398 25.81 43.35 -3.11
C ASN B 398 27.11 44.09 -3.44
N ALA B 399 28.11 43.99 -2.56
CA ALA B 399 29.40 44.68 -2.76
C ALA B 399 30.14 44.27 -4.03
N LEU B 400 30.08 42.98 -4.37
CA LEU B 400 30.70 42.51 -5.61
C LEU B 400 29.99 43.08 -6.85
N THR B 401 28.66 43.09 -6.80
CA THR B 401 27.87 43.63 -7.91
C THR B 401 28.18 45.09 -8.05
N VAL B 402 28.21 45.81 -6.93
CA VAL B 402 28.54 47.22 -6.96
C VAL B 402 29.93 47.46 -7.55
N ALA B 403 30.92 46.72 -7.03
CA ALA B 403 32.31 46.90 -7.49
C ALA B 403 32.45 46.64 -8.99
N THR B 404 31.67 45.68 -9.48
CA THR B 404 31.76 45.24 -10.87
C THR B 404 31.09 46.21 -11.82
N VAL B 405 29.96 46.76 -11.39
CA VAL B 405 29.26 47.75 -12.20
C VAL B 405 30.09 49.04 -12.25
N LEU B 406 30.69 49.39 -11.12
CA LEU B 406 31.53 50.59 -11.06
C LEU B 406 32.71 50.50 -12.04
N GLU B 407 33.34 49.33 -12.11
CA GLU B 407 34.44 49.13 -13.05
C GLU B 407 33.99 49.33 -14.49
N MET B 408 32.84 48.76 -14.81
CA MET B 408 32.32 48.84 -16.18
C MET B 408 31.91 50.25 -16.61
N ALA B 409 31.65 51.12 -15.64
CA ALA B 409 31.24 52.48 -15.97
C ALA B 409 32.42 53.34 -16.43
N GLU B 410 33.61 52.97 -15.98
CA GLU B 410 34.86 53.67 -16.33
C GLU B 410 34.86 55.16 -15.92
N GLY B 411 33.82 55.59 -15.22
CA GLY B 411 33.67 56.95 -14.74
C GLY B 411 32.62 56.96 -13.63
N SER B 412 32.04 58.13 -13.33
CA SER B 412 31.11 58.21 -12.20
C SER B 412 29.84 58.99 -12.53
N SER B 413 29.70 59.37 -13.81
CA SER B 413 28.59 60.22 -14.21
C SER B 413 27.60 59.50 -15.15
N GLY B 414 26.35 59.93 -15.09
CA GLY B 414 25.33 59.38 -15.96
C GLY B 414 24.63 58.15 -15.41
N PHE B 415 24.89 57.79 -14.16
CA PHE B 415 24.15 56.70 -13.50
C PHE B 415 24.16 56.91 -11.99
N GLU B 416 23.43 56.07 -11.27
CA GLU B 416 23.45 56.10 -9.81
C GLU B 416 23.31 54.67 -9.26
N PHE B 417 23.64 54.50 -7.99
CA PHE B 417 23.26 53.29 -7.29
C PHE B 417 22.02 53.55 -6.44
N GLN B 418 21.35 52.50 -6.01
CA GLN B 418 20.20 52.65 -5.11
C GLN B 418 20.25 51.65 -3.99
N ARG B 419 19.65 52.01 -2.87
CA ARG B 419 19.55 51.11 -1.74
C ARG B 419 18.28 51.39 -0.95
N LEU B 420 17.95 50.44 -0.10
CA LEU B 420 16.80 50.60 0.77
C LEU B 420 17.30 51.03 2.13
N HIS B 421 16.62 52.00 2.71
CA HIS B 421 16.90 52.45 4.06
C HIS B 421 16.95 51.23 4.99
N GLY B 422 18.02 51.13 5.78
CA GLY B 422 18.24 49.98 6.63
C GLY B 422 19.02 48.84 5.99
N MET B 423 19.49 49.03 4.76
CA MET B 423 20.35 48.03 4.09
C MET B 423 21.47 48.75 3.34
N GLY B 424 22.61 48.09 3.20
CA GLY B 424 23.69 48.62 2.39
C GLY B 424 24.29 49.92 2.88
N GLU B 425 24.00 50.29 4.12
CA GLU B 425 24.46 51.58 4.61
C GLU B 425 25.99 51.67 4.64
N ALA B 426 26.63 50.68 5.26
CA ALA B 426 28.09 50.69 5.34
C ALA B 426 28.72 50.51 3.96
N LEU B 427 28.16 49.62 3.15
CA LEU B 427 28.62 49.45 1.77
C LEU B 427 28.75 50.81 1.05
N TYR B 428 27.66 51.55 0.99
CA TYR B 428 27.64 52.79 0.21
C TYR B 428 28.36 53.98 0.83
N GLU B 429 28.42 54.04 2.16
CA GLU B 429 29.25 55.05 2.81
C GLU B 429 30.71 54.87 2.38
N GLN B 430 31.17 53.62 2.40
CA GLN B 430 32.54 53.31 2.06
C GLN B 430 32.81 53.61 0.58
N LEU B 431 31.85 53.25 -0.26
CA LEU B 431 31.95 53.51 -1.69
C LEU B 431 32.13 55.02 -1.88
N ALA B 432 31.37 55.80 -1.13
CA ALA B 432 31.45 57.25 -1.28
C ALA B 432 32.78 57.84 -0.81
N LYS B 433 33.36 57.25 0.24
CA LYS B 433 34.68 57.67 0.73
C LYS B 433 35.76 57.39 -0.31
N ASP B 434 35.65 56.25 -0.98
CA ASP B 434 36.69 55.83 -1.91
C ASP B 434 36.49 56.41 -3.31
N HIS B 435 35.27 56.88 -3.59
CA HIS B 435 34.94 57.47 -4.89
C HIS B 435 33.96 58.63 -4.67
N ALA B 436 34.50 59.82 -4.46
CA ALA B 436 33.69 60.96 -4.00
C ALA B 436 32.63 61.47 -4.99
N ASP B 437 32.74 61.09 -6.26
CA ASP B 437 31.77 61.50 -7.28
C ASP B 437 30.64 60.48 -7.54
N ILE B 438 30.55 59.48 -6.68
CA ILE B 438 29.51 58.47 -6.85
C ILE B 438 28.19 58.93 -6.24
N ALA B 439 27.11 58.78 -6.99
CA ALA B 439 25.80 59.09 -6.49
C ALA B 439 25.08 57.80 -6.10
N TYR B 440 24.41 57.83 -4.97
CA TYR B 440 23.45 56.79 -4.63
C TYR B 440 22.18 57.34 -4.00
N ARG B 441 21.07 56.76 -4.44
CA ARG B 441 19.75 57.12 -3.94
C ARG B 441 19.32 56.16 -2.84
N THR B 442 18.83 56.72 -1.75
CA THR B 442 18.32 55.92 -0.64
C THR B 442 16.79 56.04 -0.54
N TYR B 443 16.10 54.91 -0.56
CA TYR B 443 14.64 54.90 -0.47
C TYR B 443 14.21 54.52 0.93
N ALA B 444 13.22 55.24 1.44
CA ALA B 444 12.56 54.87 2.68
C ALA B 444 11.21 54.27 2.37
N PRO B 445 10.86 53.16 3.04
CA PRO B 445 9.50 52.63 2.95
C PRO B 445 8.55 53.60 3.64
N VAL B 446 7.51 54.02 2.93
CA VAL B 446 6.55 54.98 3.49
C VAL B 446 5.14 54.52 3.23
N GLY B 447 4.33 54.43 4.29
CA GLY B 447 2.92 54.15 4.11
C GLY B 447 2.14 53.88 5.38
N SER B 448 0.97 53.28 5.21
CA SER B 448 0.06 52.95 6.31
C SER B 448 0.26 51.56 6.93
N HIS B 449 -0.16 51.44 8.17
CA HIS B 449 -0.12 50.16 8.88
C HIS B 449 -0.80 49.03 8.11
N ARG B 450 -1.92 49.32 7.46
CA ARG B 450 -2.67 48.29 6.74
C ARG B 450 -1.94 47.74 5.51
N ASP B 451 -0.82 48.36 5.15
CA ASP B 451 -0.05 47.91 4.00
C ASP B 451 1.29 47.34 4.41
N LEU B 452 1.54 47.37 5.70
CA LEU B 452 2.82 46.95 6.24
C LEU B 452 3.04 45.44 6.10
N LEU B 453 2.05 44.64 6.48
CA LEU B 453 2.23 43.19 6.50
C LEU B 453 2.70 42.60 5.17
N ALA B 454 2.01 42.95 4.08
CA ALA B 454 2.39 42.46 2.75
C ALA B 454 3.82 42.83 2.39
N TYR B 455 4.21 44.05 2.75
CA TYR B 455 5.55 44.54 2.46
C TYR B 455 6.62 43.85 3.32
N LEU B 456 6.32 43.64 4.60
CA LEU B 456 7.26 43.01 5.52
C LEU B 456 7.63 41.60 5.07
N VAL B 457 6.60 40.83 4.70
CA VAL B 457 6.76 39.47 4.24
C VAL B 457 7.77 39.38 3.08
N ARG B 458 7.58 40.23 2.08
CA ARG B 458 8.48 40.22 0.93
C ARG B 458 9.90 40.61 1.35
N ARG B 459 10.00 41.59 2.25
CA ARG B 459 11.30 42.06 2.71
C ARG B 459 12.06 41.03 3.55
N LEU B 460 11.33 40.29 4.38
CA LEU B 460 11.97 39.41 5.37
C LEU B 460 12.54 38.18 4.69
N LEU B 461 11.97 37.84 3.55
CA LEU B 461 12.43 36.69 2.80
C LEU B 461 13.88 36.88 2.31
N GLU B 462 14.24 38.11 1.96
CA GLU B 462 15.56 38.37 1.38
C GLU B 462 16.63 38.41 2.46
N ASN B 463 16.31 39.08 3.57
CA ASN B 463 17.24 39.15 4.70
C ASN B 463 17.44 37.82 5.41
N GLY B 464 16.54 36.86 5.15
CA GLY B 464 16.62 35.55 5.77
C GLY B 464 17.26 34.50 4.88
N ALA B 465 17.24 34.74 3.56
CA ALA B 465 17.74 33.78 2.58
C ALA B 465 19.25 33.54 2.76
N ASN B 466 19.64 32.27 2.77
CA ASN B 466 21.05 31.89 2.91
C ASN B 466 21.87 32.33 1.70
N SER B 467 21.19 32.45 0.56
CA SER B 467 21.82 32.90 -0.68
C SER B 467 22.00 34.42 -0.73
N SER B 468 21.34 35.14 0.17
CA SER B 468 21.40 36.60 0.14
C SER B 468 22.78 37.13 0.52
N PHE B 469 23.30 38.05 -0.28
CA PHE B 469 24.60 38.63 -0.02
C PHE B 469 24.64 39.28 1.36
N VAL B 470 23.56 39.98 1.68
CA VAL B 470 23.43 40.70 2.93
C VAL B 470 23.53 39.76 4.13
N ALA B 471 22.85 38.63 4.07
CA ALA B 471 22.92 37.66 5.15
C ALA B 471 24.32 37.06 5.31
N GLN B 472 24.94 36.70 4.19
CA GLN B 472 26.26 36.11 4.22
C GLN B 472 27.37 37.03 4.74
N ALA B 473 27.35 38.29 4.31
CA ALA B 473 28.35 39.26 4.74
C ALA B 473 28.22 39.52 6.23
N ALA B 474 27.05 39.19 6.77
CA ALA B 474 26.80 39.35 8.19
C ALA B 474 27.13 38.06 8.94
N ASP B 475 27.43 37.01 8.20
CA ASP B 475 27.87 35.78 8.81
C ASP B 475 29.40 35.71 8.72
N TYR B 476 30.06 35.94 9.86
CA TYR B 476 31.52 35.95 9.90
C TYR B 476 32.15 34.58 9.70
N ARG B 477 31.31 33.54 9.67
CA ARG B 477 31.79 32.22 9.25
C ARG B 477 32.09 32.25 7.76
N VAL B 478 31.43 33.14 7.02
CA VAL B 478 31.66 33.22 5.58
C VAL B 478 32.83 34.15 5.29
N PRO B 479 33.94 33.59 4.79
CA PRO B 479 35.17 34.35 4.56
C PRO B 479 34.96 35.40 3.46
N VAL B 480 35.63 36.55 3.57
CA VAL B 480 35.54 37.57 2.52
C VAL B 480 35.78 37.03 1.10
N PRO B 481 36.83 36.20 0.89
CA PRO B 481 37.01 35.67 -0.47
C PRO B 481 35.80 34.92 -1.03
N ALA B 482 35.01 34.28 -0.17
CA ALA B 482 33.82 33.54 -0.61
C ALA B 482 32.75 34.47 -1.17
N LEU B 483 32.73 35.70 -0.65
CA LEU B 483 31.77 36.70 -1.10
C LEU B 483 32.18 37.30 -2.44
N LEU B 484 33.42 37.02 -2.86
CA LEU B 484 33.98 37.66 -4.06
C LEU B 484 34.10 36.68 -5.22
N GLN B 485 33.56 35.48 -5.04
CA GLN B 485 33.54 34.50 -6.11
C GLN B 485 32.83 35.12 -7.30
N ARG B 486 33.44 35.06 -8.46
CA ARG B 486 32.79 35.58 -9.65
C ARG B 486 31.72 34.61 -10.10
N PRO B 487 30.54 35.15 -10.49
CA PRO B 487 29.42 34.31 -10.89
C PRO B 487 29.77 33.30 -11.99
N ALA B 488 30.65 33.69 -12.90
CA ALA B 488 31.04 32.80 -13.99
C ALA B 488 31.76 31.55 -13.47
N ASP B 489 32.51 31.70 -12.40
CA ASP B 489 33.25 30.58 -11.82
C ASP B 489 32.33 29.68 -11.01
N ALA B 490 31.14 30.16 -10.70
CA ALA B 490 30.21 29.34 -9.95
C ALA B 490 29.41 28.49 -10.92
N ILE B 491 29.14 29.05 -12.10
CA ILE B 491 28.42 28.33 -13.16
C ILE B 491 29.35 27.42 -13.96
N VAL B 492 30.52 27.95 -14.33
CA VAL B 492 31.55 27.21 -15.08
C VAL B 492 31.14 26.83 -16.51
N ARG B 493 29.99 26.17 -16.67
CA ARG B 493 29.59 25.60 -17.95
C ARG B 493 28.09 25.83 -18.23
N PRO B 494 27.74 26.14 -19.49
CA PRO B 494 26.35 26.39 -19.89
C PRO B 494 25.34 25.37 -19.39
N GLN B 495 25.64 24.08 -19.52
CA GLN B 495 24.68 23.03 -19.15
C GLN B 495 24.40 23.02 -17.65
N ALA B 496 25.22 23.74 -16.89
CA ALA B 496 25.02 23.83 -15.45
C ALA B 496 24.22 25.08 -15.06
N ALA B 497 23.67 25.78 -16.05
CA ALA B 497 23.01 27.05 -15.79
C ALA B 497 21.74 26.87 -14.94
N ALA B 498 20.88 25.94 -15.34
CA ALA B 498 19.69 25.61 -14.58
C ALA B 498 20.07 24.92 -13.27
N HIS B 499 19.23 25.09 -12.25
CA HIS B 499 19.46 24.43 -10.97
C HIS B 499 19.08 22.96 -11.07
N PRO B 500 20.04 22.06 -10.74
CA PRO B 500 19.93 20.61 -10.94
C PRO B 500 18.86 19.97 -10.05
N ARG B 501 18.53 20.62 -8.95
CA ARG B 501 17.52 20.08 -8.04
C ARG B 501 16.15 20.77 -8.12
N ILE B 502 15.90 21.49 -9.21
CA ILE B 502 14.59 22.08 -9.44
C ILE B 502 14.08 21.60 -10.79
N PRO B 503 13.12 20.65 -10.78
CA PRO B 503 12.62 20.05 -12.01
C PRO B 503 11.82 21.06 -12.80
N LEU B 504 11.74 20.90 -14.11
CA LEU B 504 10.82 21.67 -14.91
C LEU B 504 9.41 21.27 -14.50
N PRO B 505 8.44 22.15 -14.69
CA PRO B 505 7.07 21.80 -14.27
C PRO B 505 6.54 20.49 -14.87
N CYS B 506 6.89 20.16 -16.11
CA CYS B 506 6.42 18.90 -16.69
C CYS B 506 7.01 17.68 -15.98
N ASP B 507 8.13 17.87 -15.25
CA ASP B 507 8.82 16.76 -14.60
C ASP B 507 8.56 16.70 -13.11
N LEU B 508 7.57 17.46 -12.67
CA LEU B 508 7.30 17.60 -11.25
C LEU B 508 6.96 16.28 -10.57
N PHE B 509 6.34 15.34 -11.30
CA PHE B 509 6.00 14.05 -10.68
C PHE B 509 6.88 12.90 -11.16
N ALA B 510 7.93 13.21 -11.92
CA ALA B 510 8.86 12.20 -12.45
C ALA B 510 9.59 11.47 -11.32
N PRO B 511 9.89 10.17 -11.52
CA PRO B 511 9.68 9.38 -12.73
C PRO B 511 8.36 8.62 -12.69
N GLU B 512 7.58 8.88 -11.64
CA GLU B 512 6.27 8.25 -11.48
C GLU B 512 5.37 8.49 -12.70
N ARG B 513 5.28 9.74 -13.17
CA ARG B 513 4.43 10.03 -14.32
C ARG B 513 4.70 11.39 -14.94
N ARG B 514 4.16 11.63 -16.13
CA ARG B 514 4.22 12.96 -16.74
C ARG B 514 3.18 13.89 -16.11
N ASN B 515 3.43 15.19 -16.19
CA ASN B 515 2.53 16.21 -15.69
C ASN B 515 1.82 16.81 -16.88
N SER B 516 0.56 17.21 -16.72
CA SER B 516 -0.15 17.87 -17.81
C SER B 516 0.42 19.29 -18.05
N ARG B 517 0.19 19.81 -19.24
CA ARG B 517 0.69 21.13 -19.60
C ARG B 517 -0.39 22.19 -19.41
N GLY B 518 0.02 23.34 -18.88
CA GLY B 518 -0.87 24.47 -18.74
C GLY B 518 -0.43 25.57 -19.69
N VAL B 519 -1.00 26.76 -19.54
CA VAL B 519 -0.67 27.91 -20.37
C VAL B 519 -0.54 29.12 -19.46
N GLU B 520 0.48 29.95 -19.70
CA GLU B 520 0.65 31.21 -18.99
C GLU B 520 -0.12 32.34 -19.66
N PHE B 521 -1.21 32.76 -19.00
CA PHE B 521 -2.08 33.81 -19.54
C PHE B 521 -1.36 35.17 -19.66
N GLY B 522 -0.29 35.35 -18.87
CA GLY B 522 0.50 36.58 -18.89
C GLY B 522 1.50 36.70 -20.03
N ALA B 523 1.51 35.68 -20.89
CA ALA B 523 2.33 35.68 -22.09
C ALA B 523 1.35 35.77 -23.24
N ARG B 524 1.27 36.94 -23.89
CA ARG B 524 0.18 37.18 -24.83
C ARG B 524 0.16 36.21 -26.00
N THR B 525 1.34 35.79 -26.44
CA THR B 525 1.44 34.81 -27.50
C THR B 525 0.76 33.52 -27.10
N ALA B 526 0.99 33.08 -25.87
CA ALA B 526 0.38 31.86 -25.35
C ALA B 526 -1.14 31.99 -25.23
N LEU B 527 -1.60 33.09 -24.64
CA LEU B 527 -3.02 33.29 -24.44
C LEU B 527 -3.76 33.45 -25.77
N ASP B 528 -3.19 34.23 -26.69
CA ASP B 528 -3.81 34.48 -27.99
C ASP B 528 -3.99 33.17 -28.76
N GLN B 529 -2.95 32.34 -28.74
CA GLN B 529 -3.00 31.06 -29.44
C GLN B 529 -4.08 30.16 -28.84
N LEU B 530 -4.14 30.13 -27.51
CA LEU B 530 -5.16 29.33 -26.82
C LEU B 530 -6.56 29.83 -27.17
N LEU B 531 -6.80 31.14 -27.11
CA LEU B 531 -8.11 31.68 -27.44
C LEU B 531 -8.48 31.39 -28.88
N THR B 532 -7.51 31.51 -29.78
CA THR B 532 -7.69 31.22 -31.19
C THR B 532 -8.05 29.75 -31.43
N ASP B 533 -7.23 28.86 -30.88
CA ASP B 533 -7.46 27.42 -31.01
C ASP B 533 -8.85 27.02 -30.51
N VAL B 534 -9.26 27.59 -29.37
CA VAL B 534 -10.56 27.26 -28.80
C VAL B 534 -11.71 27.77 -29.67
N LYS B 535 -11.58 29.01 -30.15
CA LYS B 535 -12.62 29.62 -30.99
C LYS B 535 -12.84 28.80 -32.26
N ALA B 536 -11.78 28.14 -32.73
CA ALA B 536 -11.84 27.36 -33.95
C ALA B 536 -12.51 26.01 -33.77
N GLU B 537 -12.82 25.65 -32.52
CA GLU B 537 -13.40 24.34 -32.22
C GLU B 537 -14.89 24.47 -31.88
N ILE B 544 -28.40 14.94 -28.55
CA ILE B 544 -28.13 13.60 -28.04
C ILE B 544 -29.38 12.97 -27.41
N ALA B 545 -29.87 11.90 -28.03
CA ALA B 545 -31.09 11.24 -27.58
C ALA B 545 -30.90 10.45 -26.29
N ASP B 546 -31.89 10.55 -25.39
CA ASP B 546 -31.91 9.74 -24.17
C ASP B 546 -31.94 8.26 -24.50
N ALA B 547 -31.60 7.43 -23.52
CA ALA B 547 -31.67 5.99 -23.71
C ALA B 547 -32.99 5.49 -23.10
N THR B 548 -33.54 4.43 -23.69
CA THR B 548 -34.71 3.78 -23.12
C THR B 548 -34.21 2.90 -21.98
N PRO B 549 -35.09 2.62 -21.00
CA PRO B 549 -34.71 1.75 -19.88
C PRO B 549 -34.27 0.37 -20.36
N ASP B 550 -34.75 -0.01 -21.55
CA ASP B 550 -34.36 -1.26 -22.20
C ASP B 550 -32.94 -1.18 -22.74
N GLN B 551 -32.57 -0.01 -23.27
CA GLN B 551 -31.24 0.19 -23.81
C GLN B 551 -30.21 0.20 -22.68
N ALA B 552 -30.66 0.63 -21.50
CA ALA B 552 -29.81 0.67 -20.32
C ALA B 552 -29.53 -0.75 -19.85
N HIS B 553 -30.57 -1.58 -19.83
CA HIS B 553 -30.43 -3.00 -19.49
C HIS B 553 -29.54 -3.73 -20.49
N ALA B 554 -29.68 -3.40 -21.76
CA ALA B 554 -28.84 -4.02 -22.79
C ALA B 554 -27.37 -3.63 -22.61
N ALA B 555 -27.14 -2.39 -22.23
CA ALA B 555 -25.76 -1.93 -22.02
C ALA B 555 -25.11 -2.71 -20.86
N VAL B 556 -25.85 -2.89 -19.77
CA VAL B 556 -25.33 -3.69 -18.66
C VAL B 556 -24.99 -5.09 -19.13
N ALA B 557 -25.90 -5.70 -19.89
CA ALA B 557 -25.69 -7.07 -20.36
C ALA B 557 -24.49 -7.13 -21.30
N ALA B 558 -24.35 -6.10 -22.14
CA ALA B 558 -23.23 -6.06 -23.06
C ALA B 558 -21.90 -5.82 -22.31
N ALA B 559 -21.95 -5.01 -21.25
CA ALA B 559 -20.76 -4.75 -20.43
C ALA B 559 -20.40 -6.00 -19.66
N ARG B 560 -21.42 -6.69 -19.18
CA ARG B 560 -21.25 -7.95 -18.47
C ARG B 560 -20.52 -8.99 -19.32
N ALA B 561 -20.74 -8.94 -20.63
CA ALA B 561 -20.06 -9.86 -21.56
C ALA B 561 -18.61 -9.47 -21.80
N GLY B 562 -18.35 -8.16 -21.83
CA GLY B 562 -17.01 -7.69 -22.11
C GLY B 562 -16.11 -7.76 -20.89
N PHE B 563 -16.69 -8.00 -19.72
CA PHE B 563 -15.94 -7.99 -18.47
C PHE B 563 -14.81 -9.02 -18.47
N ALA B 564 -15.16 -10.25 -18.84
CA ALA B 564 -14.23 -11.38 -18.78
C ALA B 564 -12.90 -11.12 -19.48
N GLY B 565 -12.94 -10.63 -20.72
CA GLY B 565 -11.72 -10.38 -21.45
C GLY B 565 -10.99 -9.13 -20.94
N TRP B 566 -11.74 -8.12 -20.54
CA TRP B 566 -11.09 -6.90 -20.03
C TRP B 566 -10.45 -7.15 -18.66
N SER B 567 -11.14 -7.89 -17.79
CA SER B 567 -10.57 -8.24 -16.48
C SER B 567 -9.26 -9.02 -16.63
N ARG B 568 -9.16 -9.81 -17.71
CA ARG B 568 -8.00 -10.65 -17.95
C ARG B 568 -6.96 -9.99 -18.87
N THR B 569 -7.29 -8.81 -19.39
CA THR B 569 -6.30 -8.03 -20.11
C THR B 569 -5.20 -7.58 -19.12
N PRO B 570 -3.93 -7.81 -19.46
CA PRO B 570 -2.86 -7.48 -18.50
C PRO B 570 -2.83 -6.01 -18.07
N ALA B 571 -2.49 -5.78 -16.81
CA ALA B 571 -2.59 -4.42 -16.24
C ALA B 571 -1.78 -3.39 -17.02
N GLY B 572 -0.63 -3.81 -17.55
CA GLY B 572 0.20 -2.91 -18.35
C GLY B 572 -0.50 -2.42 -19.61
N ILE B 573 -1.33 -3.30 -20.18
CA ILE B 573 -2.10 -2.97 -21.37
C ILE B 573 -3.21 -1.97 -21.03
N ARG B 574 -3.85 -2.19 -19.89
CA ARG B 574 -4.90 -1.28 -19.43
C ARG B 574 -4.31 0.10 -19.13
N ALA B 575 -3.12 0.12 -18.53
CA ALA B 575 -2.45 1.38 -18.18
C ALA B 575 -2.04 2.14 -19.44
N ALA B 576 -1.58 1.40 -20.44
CA ALA B 576 -1.19 2.01 -21.68
C ALA B 576 -2.37 2.72 -22.32
N ALA B 577 -3.56 2.17 -22.12
CA ALA B 577 -4.76 2.74 -22.71
C ALA B 577 -5.07 4.08 -22.03
N LEU B 578 -4.92 4.13 -20.71
CA LEU B 578 -5.13 5.35 -19.94
C LEU B 578 -4.13 6.44 -20.35
N GLU B 579 -2.86 6.06 -20.49
CA GLU B 579 -1.81 7.02 -20.84
C GLU B 579 -1.96 7.58 -22.26
N GLN B 580 -2.48 6.78 -23.18
CA GLN B 580 -2.75 7.25 -24.53
C GLN B 580 -3.98 8.17 -24.53
N ALA B 581 -4.93 7.88 -23.64
CA ALA B 581 -6.09 8.73 -23.46
C ALA B 581 -5.64 10.09 -22.95
N ALA B 582 -4.70 10.11 -22.02
CA ALA B 582 -4.19 11.38 -21.51
C ALA B 582 -3.53 12.17 -22.63
N HIS B 583 -2.69 11.48 -23.39
CA HIS B 583 -2.01 12.08 -24.52
C HIS B 583 -3.02 12.64 -25.53
N LEU B 584 -4.13 11.94 -25.74
CA LEU B 584 -5.11 12.40 -26.71
C LEU B 584 -5.87 13.62 -26.19
N LEU B 585 -6.17 13.62 -24.90
CA LEU B 585 -6.84 14.76 -24.26
C LEU B 585 -6.02 16.03 -24.42
N GLU B 586 -4.72 15.94 -24.21
CA GLU B 586 -3.87 17.13 -24.25
C GLU B 586 -3.61 17.58 -25.68
N SER B 587 -3.54 16.60 -26.58
CA SER B 587 -3.38 16.88 -27.99
C SER B 587 -4.62 17.58 -28.54
N ARG B 588 -5.78 17.28 -27.97
CA ARG B 588 -7.04 17.86 -28.46
C ARG B 588 -7.66 18.77 -27.41
N SER B 589 -6.82 19.40 -26.59
CA SER B 589 -7.29 20.24 -25.49
C SER B 589 -8.23 21.34 -25.96
N ALA B 590 -7.94 21.92 -27.12
CA ALA B 590 -8.78 23.00 -27.63
C ALA B 590 -10.22 22.55 -27.85
N HIS B 591 -10.39 21.35 -28.42
CA HIS B 591 -11.71 20.76 -28.65
C HIS B 591 -12.44 20.55 -27.32
N PHE B 592 -11.74 19.98 -26.34
CA PHE B 592 -12.38 19.70 -25.06
C PHE B 592 -12.66 20.95 -24.23
N ILE B 593 -11.74 21.91 -24.27
CA ILE B 593 -11.95 23.19 -23.59
C ILE B 593 -13.17 23.91 -24.14
N ALA B 594 -13.28 23.96 -25.46
CA ALA B 594 -14.46 24.54 -26.10
C ALA B 594 -15.74 23.87 -25.60
N LEU B 595 -15.70 22.56 -25.42
CA LEU B 595 -16.88 21.84 -24.96
C LEU B 595 -17.22 22.23 -23.52
N LEU B 596 -16.19 22.35 -22.70
CA LEU B 596 -16.34 22.76 -21.30
C LEU B 596 -16.90 24.18 -21.19
N GLN B 597 -16.51 25.04 -22.11
CA GLN B 597 -17.03 26.41 -22.10
C GLN B 597 -18.49 26.47 -22.56
N ARG B 598 -18.79 25.80 -23.68
CA ARG B 598 -20.11 25.89 -24.28
C ARG B 598 -21.17 25.06 -23.56
N GLU B 599 -20.83 23.81 -23.26
CA GLU B 599 -21.77 22.92 -22.58
C GLU B 599 -21.71 23.06 -21.06
N GLY B 600 -20.52 23.33 -20.53
CA GLY B 600 -20.33 23.44 -19.09
C GLY B 600 -20.52 24.84 -18.51
N GLY B 601 -20.40 25.87 -19.36
CA GLY B 601 -20.48 27.25 -18.89
C GLY B 601 -19.22 27.71 -18.18
N LYS B 602 -18.11 27.06 -18.48
CA LYS B 602 -16.85 27.30 -17.77
C LYS B 602 -15.96 28.38 -18.39
N THR B 603 -15.36 29.18 -17.53
CA THR B 603 -14.38 30.17 -17.97
C THR B 603 -13.14 29.44 -18.50
N LEU B 604 -12.27 30.17 -19.20
CA LEU B 604 -11.11 29.56 -19.84
C LEU B 604 -10.17 28.90 -18.84
N ASP B 605 -9.93 29.53 -17.70
CA ASP B 605 -9.03 28.96 -16.72
C ASP B 605 -9.60 27.69 -16.10
N ASP B 606 -10.91 27.71 -15.82
CA ASP B 606 -11.60 26.54 -15.24
C ASP B 606 -11.65 25.35 -16.20
N ALA B 607 -11.87 25.62 -17.48
CA ALA B 607 -11.90 24.55 -18.48
C ALA B 607 -10.50 23.96 -18.65
N LEU B 608 -9.51 24.82 -18.83
CA LEU B 608 -8.13 24.37 -18.96
C LEU B 608 -7.70 23.54 -17.75
N SER B 609 -8.05 24.01 -16.56
CA SER B 609 -7.73 23.29 -15.34
C SER B 609 -8.41 21.90 -15.30
N GLU B 610 -9.68 21.86 -15.69
CA GLU B 610 -10.39 20.59 -15.73
C GLU B 610 -9.83 19.62 -16.78
N LEU B 611 -9.45 20.16 -17.94
CA LEU B 611 -8.80 19.35 -18.96
C LEU B 611 -7.50 18.73 -18.43
N ARG B 612 -6.70 19.56 -17.75
CA ARG B 612 -5.46 19.07 -17.16
C ARG B 612 -5.74 17.95 -16.16
N GLU B 613 -6.77 18.15 -15.34
CA GLU B 613 -7.13 17.24 -14.28
C GLU B 613 -7.55 15.89 -14.86
N ALA B 614 -8.30 15.96 -15.95
CA ALA B 614 -8.75 14.79 -16.69
C ALA B 614 -7.56 13.96 -17.15
N ALA B 615 -6.57 14.61 -17.76
CA ALA B 615 -5.36 13.91 -18.18
C ALA B 615 -4.55 13.42 -16.98
N ASP B 616 -4.51 14.21 -15.91
CA ASP B 616 -3.77 13.83 -14.70
C ASP B 616 -4.41 12.57 -14.09
N PHE B 617 -5.74 12.51 -14.10
CA PHE B 617 -6.46 11.31 -13.64
C PHE B 617 -6.01 10.06 -14.41
N CYS B 618 -5.92 10.17 -15.74
CA CYS B 618 -5.52 9.03 -16.55
C CYS B 618 -4.12 8.52 -16.22
N ARG B 619 -3.17 9.44 -16.16
CA ARG B 619 -1.77 9.06 -15.90
C ARG B 619 -1.55 8.57 -14.48
N TYR B 620 -2.32 9.12 -13.53
CA TYR B 620 -2.15 8.75 -12.14
C TYR B 620 -2.72 7.36 -11.85
N TYR B 621 -3.96 7.12 -12.28
CA TYR B 621 -4.55 5.80 -12.14
C TYR B 621 -3.77 4.76 -12.97
N ALA B 622 -3.20 5.19 -14.10
CA ALA B 622 -2.35 4.28 -14.85
C ALA B 622 -1.18 3.90 -13.97
N ALA B 623 -0.53 4.91 -13.39
CA ALA B 623 0.69 4.61 -12.62
C ALA B 623 0.36 3.80 -11.37
N GLN B 624 -0.70 4.16 -10.67
CA GLN B 624 -1.12 3.37 -9.50
C GLN B 624 -1.62 2.00 -9.95
N GLY B 625 -2.25 1.94 -11.13
CA GLY B 625 -2.71 0.69 -11.68
C GLY B 625 -1.58 -0.32 -11.86
N ARG B 626 -0.43 0.14 -12.35
CA ARG B 626 0.72 -0.78 -12.49
C ARG B 626 1.25 -1.25 -11.14
N LYS B 627 1.36 -0.35 -10.16
CA LYS B 627 1.80 -0.75 -8.83
C LYS B 627 0.86 -1.80 -8.24
N LEU B 628 -0.43 -1.56 -8.35
CA LEU B 628 -1.43 -2.38 -7.66
C LEU B 628 -1.80 -3.67 -8.39
N PHE B 629 -2.03 -3.58 -9.69
CA PHE B 629 -2.51 -4.75 -10.44
C PHE B 629 -1.44 -5.36 -11.35
N GLY B 630 -0.27 -4.74 -11.40
CA GLY B 630 0.78 -5.17 -12.31
C GLY B 630 1.45 -6.47 -11.91
N SER B 631 1.52 -6.73 -10.61
CA SER B 631 2.13 -7.96 -10.10
C SER B 631 1.47 -8.42 -8.79
N GLU B 632 1.58 -9.72 -8.52
CA GLU B 632 1.06 -10.30 -7.28
C GLU B 632 1.97 -9.99 -6.11
N THR B 633 1.41 -9.98 -4.90
CA THR B 633 2.21 -9.75 -3.69
C THR B 633 2.48 -11.09 -3.06
N ALA B 634 3.74 -11.43 -2.89
CA ALA B 634 4.13 -12.70 -2.26
C ALA B 634 3.97 -12.57 -0.75
N MET B 635 3.25 -13.51 -0.13
CA MET B 635 3.04 -13.50 1.32
C MET B 635 4.05 -14.39 2.03
N PRO B 636 4.46 -14.00 3.24
CA PRO B 636 5.39 -14.88 3.96
C PRO B 636 4.63 -16.14 4.34
N GLY B 637 5.35 -17.23 4.54
CA GLY B 637 4.70 -18.48 4.87
C GLY B 637 5.70 -19.58 5.01
N PRO B 638 5.21 -20.82 5.15
CA PRO B 638 6.14 -21.92 5.37
C PRO B 638 6.82 -22.31 4.08
N THR B 639 7.98 -22.93 4.19
CA THR B 639 8.66 -23.54 3.05
C THR B 639 7.71 -24.60 2.43
N GLY B 640 7.89 -24.89 1.14
CA GLY B 640 7.05 -25.86 0.46
C GLY B 640 5.62 -25.38 0.21
N GLU B 641 5.42 -24.07 0.23
CA GLU B 641 4.09 -23.53 -0.05
C GLU B 641 4.27 -22.13 -0.58
N SER B 642 3.47 -21.76 -1.58
CA SER B 642 3.50 -20.39 -2.06
C SER B 642 2.14 -19.74 -1.80
N ASN B 643 2.19 -18.46 -1.46
CA ASN B 643 1.00 -17.69 -1.18
C ASN B 643 1.12 -16.36 -1.88
N ALA B 644 0.19 -16.09 -2.80
CA ALA B 644 0.21 -14.87 -3.59
C ALA B 644 -1.12 -14.17 -3.49
N LEU B 645 -1.06 -12.85 -3.32
CA LEU B 645 -2.25 -12.03 -3.26
C LEU B 645 -2.34 -11.23 -4.55
N THR B 646 -3.48 -11.33 -5.20
CA THR B 646 -3.72 -10.57 -6.42
C THR B 646 -4.99 -9.74 -6.24
N MET B 647 -5.21 -8.83 -7.16
CA MET B 647 -6.42 -8.01 -7.15
C MET B 647 -7.05 -8.07 -8.51
N ARG B 648 -8.33 -8.44 -8.55
CA ARG B 648 -9.02 -8.65 -9.80
C ARG B 648 -10.19 -7.68 -9.94
N GLY B 649 -10.58 -7.39 -11.18
CA GLY B 649 -11.79 -6.65 -11.44
C GLY B 649 -12.99 -7.29 -10.76
N ARG B 650 -13.99 -6.49 -10.42
CA ARG B 650 -15.15 -7.02 -9.71
C ARG B 650 -16.24 -7.50 -10.66
N GLY B 651 -16.45 -6.75 -11.75
CA GLY B 651 -17.52 -7.01 -12.71
C GLY B 651 -17.91 -5.74 -13.48
N VAL B 652 -19.21 -5.45 -13.56
CA VAL B 652 -19.69 -4.25 -14.21
C VAL B 652 -19.89 -3.14 -13.20
N PHE B 653 -19.17 -2.04 -13.38
CA PHE B 653 -19.38 -0.84 -12.58
C PHE B 653 -20.30 0.12 -13.31
N VAL B 654 -21.23 0.70 -12.55
CA VAL B 654 -22.05 1.80 -13.03
C VAL B 654 -21.40 3.09 -12.53
N ALA B 655 -21.04 3.98 -13.46
CA ALA B 655 -20.39 5.24 -13.13
C ALA B 655 -21.36 6.40 -13.37
N ILE B 656 -21.71 7.11 -12.30
CA ILE B 656 -22.63 8.24 -12.41
C ILE B 656 -21.94 9.56 -12.07
N SER B 657 -21.96 10.50 -13.01
CA SER B 657 -21.14 11.69 -12.90
C SER B 657 -21.96 12.98 -12.91
N PRO B 658 -21.44 14.05 -12.28
CA PRO B 658 -22.20 15.30 -12.15
C PRO B 658 -21.94 16.25 -13.31
N TRP B 659 -22.65 17.38 -13.35
CA TRP B 659 -22.52 18.34 -14.43
C TRP B 659 -21.37 19.36 -14.22
N ASN B 660 -20.91 19.48 -12.99
CA ASN B 660 -19.96 20.55 -12.64
C ASN B 660 -18.50 20.27 -12.98
N PHE B 661 -18.11 19.00 -12.99
CA PHE B 661 -16.86 18.59 -13.62
C PHE B 661 -17.16 17.46 -14.60
N PRO B 662 -17.76 17.84 -15.74
CA PRO B 662 -18.37 16.88 -16.65
C PRO B 662 -17.36 16.10 -17.48
N LEU B 663 -16.10 16.53 -17.45
CA LEU B 663 -15.05 15.78 -18.15
C LEU B 663 -14.17 15.04 -17.18
N ALA B 664 -13.62 15.76 -16.20
CA ALA B 664 -12.59 15.21 -15.34
C ALA B 664 -13.11 14.20 -14.32
N ILE B 665 -14.24 14.49 -13.70
CA ILE B 665 -14.82 13.54 -12.75
C ILE B 665 -15.44 12.38 -13.50
N PHE B 666 -15.99 12.69 -14.67
CA PHE B 666 -16.48 11.65 -15.55
C PHE B 666 -15.37 10.64 -15.87
N LEU B 667 -14.22 11.14 -16.33
CA LEU B 667 -13.07 10.31 -16.68
C LEU B 667 -12.34 9.73 -15.47
N GLY B 668 -12.35 10.45 -14.35
CA GLY B 668 -11.69 9.93 -13.17
C GLY B 668 -12.34 8.62 -12.75
N GLN B 669 -13.65 8.68 -12.54
CA GLN B 669 -14.42 7.53 -12.11
C GLN B 669 -14.35 6.36 -13.10
N VAL B 670 -14.39 6.67 -14.38
CA VAL B 670 -14.43 5.67 -15.43
C VAL B 670 -13.09 4.95 -15.62
N THR B 671 -12.01 5.73 -15.71
CA THR B 671 -10.69 5.14 -15.88
C THR B 671 -10.25 4.40 -14.63
N ALA B 672 -10.74 4.81 -13.45
CA ALA B 672 -10.39 4.06 -12.24
C ALA B 672 -10.99 2.66 -12.29
N ALA B 673 -12.28 2.58 -12.59
CA ALA B 673 -13.00 1.31 -12.69
C ALA B 673 -12.38 0.42 -13.77
N LEU B 674 -12.12 1.00 -14.94
CA LEU B 674 -11.47 0.29 -16.04
C LEU B 674 -10.09 -0.19 -15.66
N MET B 675 -9.33 0.67 -14.98
CA MET B 675 -7.95 0.30 -14.63
C MET B 675 -7.93 -0.91 -13.70
N ALA B 676 -8.91 -0.97 -12.82
CA ALA B 676 -9.04 -2.07 -11.86
C ALA B 676 -9.48 -3.36 -12.54
N GLY B 677 -9.83 -3.25 -13.82
CA GLY B 677 -10.23 -4.42 -14.61
C GLY B 677 -11.73 -4.64 -14.65
N ASN B 678 -12.53 -3.62 -14.35
CA ASN B 678 -13.98 -3.73 -14.51
C ASN B 678 -14.44 -3.20 -15.87
N SER B 679 -15.55 -3.71 -16.37
CA SER B 679 -16.21 -3.03 -17.48
C SER B 679 -17.14 -2.01 -16.85
N VAL B 680 -17.54 -1.01 -17.64
CA VAL B 680 -18.25 0.15 -17.12
C VAL B 680 -19.46 0.56 -17.96
N VAL B 681 -20.58 0.82 -17.29
CA VAL B 681 -21.68 1.56 -17.88
C VAL B 681 -21.74 2.95 -17.26
N ALA B 682 -21.49 3.98 -18.07
CA ALA B 682 -21.37 5.35 -17.57
C ALA B 682 -22.60 6.17 -17.88
N LYS B 683 -23.17 6.76 -16.85
CA LYS B 683 -24.32 7.65 -17.00
C LYS B 683 -23.92 9.05 -16.55
N PRO B 684 -23.71 9.97 -17.51
CA PRO B 684 -23.31 11.34 -17.18
C PRO B 684 -24.54 12.13 -16.75
N ALA B 685 -24.33 13.31 -16.16
CA ALA B 685 -25.45 14.19 -15.85
C ALA B 685 -26.23 14.61 -17.11
N GLU B 686 -27.55 14.74 -16.96
CA GLU B 686 -28.43 15.10 -18.06
C GLU B 686 -27.99 16.39 -18.78
N GLN B 687 -27.40 17.33 -18.05
CA GLN B 687 -26.94 18.61 -18.63
C GLN B 687 -25.68 18.51 -19.50
N THR B 688 -24.89 17.45 -19.33
CA THR B 688 -23.57 17.38 -19.98
C THR B 688 -23.19 16.09 -20.74
N PRO B 689 -24.07 15.58 -21.61
CA PRO B 689 -23.76 14.32 -22.29
C PRO B 689 -22.79 14.47 -23.48
N ARG B 690 -22.73 15.64 -24.10
CA ARG B 690 -21.89 15.82 -25.28
C ARG B 690 -20.41 15.63 -24.95
N ILE B 691 -19.99 16.17 -23.81
CA ILE B 691 -18.62 16.02 -23.40
C ILE B 691 -18.36 14.55 -23.01
N ALA B 692 -19.36 13.92 -22.41
CA ALA B 692 -19.22 12.54 -21.98
C ALA B 692 -19.03 11.62 -23.18
N ARG B 693 -19.84 11.86 -24.23
CA ARG B 693 -19.74 11.06 -25.44
C ARG B 693 -18.39 11.25 -26.12
N GLU B 694 -17.89 12.49 -26.17
CA GLU B 694 -16.56 12.72 -26.75
C GLU B 694 -15.46 12.01 -25.96
N ALA B 695 -15.59 12.02 -24.63
CA ALA B 695 -14.63 11.38 -23.76
C ALA B 695 -14.65 9.86 -23.95
N VAL B 696 -15.85 9.29 -23.95
CA VAL B 696 -16.00 7.85 -24.19
C VAL B 696 -15.43 7.48 -25.55
N ALA B 697 -15.71 8.27 -26.58
CA ALA B 697 -15.13 8.01 -27.89
C ALA B 697 -13.60 8.10 -27.88
N LEU B 698 -13.07 9.02 -27.10
CA LEU B 698 -11.62 9.17 -26.99
C LEU B 698 -11.01 7.96 -26.29
N LEU B 699 -11.69 7.44 -25.27
CA LEU B 699 -11.20 6.27 -24.56
C LEU B 699 -11.14 5.07 -25.48
N HIS B 700 -12.21 4.86 -26.26
CA HIS B 700 -12.23 3.78 -27.24
C HIS B 700 -11.03 3.86 -28.16
N GLU B 701 -10.79 5.04 -28.69
CA GLU B 701 -9.65 5.27 -29.58
C GLU B 701 -8.31 5.02 -28.89
N ALA B 702 -8.26 5.27 -27.59
CA ALA B 702 -7.03 5.11 -26.80
C ALA B 702 -6.72 3.66 -26.45
N GLY B 703 -7.69 2.77 -26.62
CA GLY B 703 -7.47 1.35 -26.37
C GLY B 703 -8.50 0.63 -25.52
N ILE B 704 -9.52 1.35 -25.07
CA ILE B 704 -10.60 0.71 -24.33
C ILE B 704 -11.57 0.07 -25.30
N PRO B 705 -11.67 -1.27 -25.27
CA PRO B 705 -12.57 -1.98 -26.20
C PRO B 705 -14.00 -1.51 -26.04
N LYS B 706 -14.74 -1.49 -27.16
CA LYS B 706 -16.15 -1.12 -27.14
C LYS B 706 -16.94 -1.96 -26.14
N SER B 707 -16.52 -3.21 -25.96
CA SER B 707 -17.23 -4.13 -25.07
C SER B 707 -16.98 -3.85 -23.56
N ALA B 708 -16.01 -3.00 -23.27
CA ALA B 708 -15.65 -2.74 -21.88
C ALA B 708 -16.24 -1.44 -21.34
N LEU B 709 -16.73 -0.59 -22.24
CA LEU B 709 -17.19 0.73 -21.84
C LEU B 709 -18.40 1.17 -22.67
N TYR B 710 -19.50 1.48 -21.99
CA TYR B 710 -20.71 1.95 -22.65
C TYR B 710 -21.24 3.23 -22.04
N LEU B 711 -21.74 4.13 -22.88
CA LEU B 711 -22.35 5.37 -22.42
C LEU B 711 -23.87 5.26 -22.53
N VAL B 712 -24.55 5.49 -21.41
CA VAL B 712 -26.01 5.55 -21.37
C VAL B 712 -26.43 6.93 -20.87
N THR B 713 -27.16 7.67 -21.70
CA THR B 713 -27.58 9.04 -21.32
C THR B 713 -29.05 9.11 -20.95
N GLY B 714 -29.39 10.06 -20.08
CA GLY B 714 -30.76 10.25 -19.67
C GLY B 714 -30.98 10.82 -18.28
N ASP B 715 -32.20 10.60 -17.78
CA ASP B 715 -32.68 11.17 -16.52
C ASP B 715 -32.16 10.43 -15.29
N GLY B 716 -32.74 10.74 -14.13
CA GLY B 716 -32.43 10.02 -12.91
C GLY B 716 -33.07 8.64 -12.96
N ARG B 717 -34.12 8.51 -13.76
CA ARG B 717 -34.82 7.24 -13.91
C ARG B 717 -33.94 6.20 -14.62
N ILE B 718 -33.14 6.67 -15.58
CA ILE B 718 -32.20 5.79 -16.28
C ILE B 718 -31.07 5.39 -15.33
N GLY B 719 -30.63 6.37 -14.53
CA GLY B 719 -29.62 6.13 -13.52
C GLY B 719 -30.12 5.09 -12.54
N ALA B 720 -31.41 5.14 -12.23
CA ALA B 720 -31.98 4.21 -11.27
C ALA B 720 -32.15 2.82 -11.88
N ALA B 721 -32.37 2.78 -13.19
CA ALA B 721 -32.44 1.50 -13.89
C ALA B 721 -31.08 0.80 -13.82
N LEU B 722 -30.02 1.57 -14.03
CA LEU B 722 -28.67 1.00 -13.99
C LEU B 722 -28.32 0.45 -12.61
N THR B 723 -28.65 1.21 -11.55
CA THR B 723 -28.24 0.84 -10.19
C THR B 723 -29.14 -0.20 -9.54
N ALA B 724 -30.29 -0.46 -10.13
CA ALA B 724 -31.19 -1.48 -9.61
C ALA B 724 -30.92 -2.80 -10.30
N HIS B 725 -30.19 -2.75 -11.41
CA HIS B 725 -29.84 -3.98 -12.13
C HIS B 725 -29.10 -4.96 -11.23
N PRO B 726 -29.58 -6.22 -11.19
CA PRO B 726 -29.02 -7.27 -10.33
C PRO B 726 -27.63 -7.77 -10.72
N ASP B 727 -27.16 -7.46 -11.93
CA ASP B 727 -25.87 -7.99 -12.40
C ASP B 727 -24.66 -7.07 -12.23
N ILE B 728 -24.86 -5.86 -11.72
CA ILE B 728 -23.74 -4.94 -11.58
C ILE B 728 -22.90 -5.24 -10.33
N ALA B 729 -21.62 -4.89 -10.37
CA ALA B 729 -20.69 -5.28 -9.31
C ALA B 729 -20.32 -4.10 -8.41
N GLY B 730 -20.78 -2.90 -8.74
CA GLY B 730 -20.49 -1.76 -7.92
C GLY B 730 -20.96 -0.47 -8.57
N VAL B 731 -21.08 0.57 -7.76
CA VAL B 731 -21.44 1.90 -8.23
C VAL B 731 -20.43 2.95 -7.75
N VAL B 732 -19.95 3.76 -8.68
CA VAL B 732 -19.19 4.96 -8.32
C VAL B 732 -20.00 6.19 -8.70
N PHE B 733 -20.28 7.02 -7.69
CA PHE B 733 -21.22 8.12 -7.81
C PHE B 733 -20.67 9.43 -7.27
N THR B 734 -20.84 10.49 -8.03
CA THR B 734 -20.60 11.84 -7.52
C THR B 734 -21.81 12.69 -7.78
N GLY B 735 -22.35 13.27 -6.72
CA GLY B 735 -23.55 14.08 -6.85
C GLY B 735 -24.21 14.33 -5.52
N SER B 736 -25.53 14.44 -5.52
CA SER B 736 -26.27 14.90 -4.36
C SER B 736 -26.40 13.84 -3.27
N THR B 737 -26.48 14.31 -2.03
CA THR B 737 -26.60 13.45 -0.87
C THR B 737 -27.86 12.59 -0.92
N GLU B 738 -28.97 13.21 -1.32
CA GLU B 738 -30.25 12.51 -1.37
C GLU B 738 -30.22 11.39 -2.40
N VAL B 739 -29.54 11.63 -3.52
CA VAL B 739 -29.52 10.63 -4.58
C VAL B 739 -28.60 9.46 -4.20
N ALA B 740 -27.51 9.76 -3.48
CA ALA B 740 -26.60 8.73 -3.00
C ALA B 740 -27.31 7.74 -2.09
N ARG B 741 -28.13 8.26 -1.17
CA ARG B 741 -28.90 7.42 -0.27
C ARG B 741 -29.92 6.58 -1.00
N SER B 742 -30.56 7.15 -2.00
CA SER B 742 -31.55 6.40 -2.77
C SER B 742 -30.83 5.27 -3.52
N ILE B 743 -29.67 5.58 -4.09
CA ILE B 743 -28.82 4.54 -4.71
C ILE B 743 -28.42 3.48 -3.67
N ASN B 744 -27.94 3.92 -2.51
CA ASN B 744 -27.53 3.00 -1.46
C ASN B 744 -28.68 2.09 -0.99
N ARG B 745 -29.90 2.63 -0.93
CA ARG B 745 -31.06 1.86 -0.51
C ARG B 745 -31.47 0.84 -1.57
N ALA B 746 -31.40 1.27 -2.83
CA ALA B 746 -31.68 0.36 -3.93
C ALA B 746 -30.66 -0.79 -3.96
N LEU B 747 -29.39 -0.50 -3.69
CA LEU B 747 -28.40 -1.57 -3.64
C LEU B 747 -28.71 -2.51 -2.48
N ALA B 748 -28.99 -1.95 -1.31
CA ALA B 748 -29.23 -2.77 -0.12
C ALA B 748 -30.50 -3.61 -0.23
N ALA B 749 -31.44 -3.14 -1.04
CA ALA B 749 -32.71 -3.82 -1.16
C ALA B 749 -32.56 -5.13 -1.94
N LYS B 750 -31.55 -5.23 -2.81
CA LYS B 750 -31.36 -6.44 -3.62
C LYS B 750 -31.03 -7.63 -2.75
N ASP B 751 -31.34 -8.84 -3.23
CA ASP B 751 -31.02 -10.03 -2.45
C ASP B 751 -29.64 -10.61 -2.83
N GLY B 752 -29.04 -10.07 -3.88
CA GLY B 752 -27.74 -10.53 -4.31
C GLY B 752 -26.57 -10.09 -3.43
N PRO B 753 -25.36 -10.09 -3.99
CA PRO B 753 -24.17 -9.64 -3.25
C PRO B 753 -24.28 -8.20 -2.80
N ILE B 754 -23.71 -7.89 -1.63
CA ILE B 754 -23.56 -6.51 -1.18
C ILE B 754 -22.37 -5.97 -1.94
N VAL B 755 -22.62 -4.92 -2.73
CA VAL B 755 -21.63 -4.38 -3.65
C VAL B 755 -21.09 -3.04 -3.13
N PRO B 756 -19.90 -2.64 -3.61
CA PRO B 756 -19.32 -1.39 -3.11
C PRO B 756 -20.07 -0.18 -3.66
N LEU B 757 -20.31 0.80 -2.80
CA LEU B 757 -20.77 2.11 -3.24
C LEU B 757 -19.70 3.17 -2.93
N ILE B 758 -19.18 3.82 -3.96
CA ILE B 758 -18.25 4.91 -3.78
C ILE B 758 -18.97 6.19 -4.12
N ALA B 759 -19.26 6.98 -3.09
CA ALA B 759 -20.08 8.17 -3.24
C ALA B 759 -19.36 9.42 -2.77
N GLU B 760 -19.28 10.40 -3.66
CA GLU B 760 -18.74 11.68 -3.29
C GLU B 760 -19.91 12.66 -3.35
N THR B 761 -20.22 13.25 -2.21
CA THR B 761 -21.36 14.14 -2.15
C THR B 761 -20.89 15.55 -1.77
N GLY B 762 -21.83 16.46 -1.54
CA GLY B 762 -21.46 17.86 -1.34
C GLY B 762 -20.81 18.16 0.00
N GLY B 763 -20.87 19.43 0.39
CA GLY B 763 -20.42 19.87 1.68
C GLY B 763 -20.97 21.25 1.97
N ILE B 764 -20.98 21.63 3.25
CA ILE B 764 -21.12 23.03 3.64
C ILE B 764 -19.77 23.44 4.20
N ASN B 765 -18.88 23.81 3.29
CA ASN B 765 -17.48 23.96 3.62
C ASN B 765 -17.18 25.27 4.31
N ALA B 766 -16.41 25.19 5.39
CA ALA B 766 -16.13 26.37 6.20
C ALA B 766 -14.72 26.85 5.98
N MET B 767 -14.47 28.11 6.35
CA MET B 767 -13.13 28.66 6.43
C MET B 767 -13.01 29.44 7.72
N ILE B 768 -11.88 29.30 8.40
CA ILE B 768 -11.62 30.04 9.64
C ILE B 768 -10.43 30.95 9.44
N ALA B 769 -10.65 32.25 9.63
CA ALA B 769 -9.56 33.21 9.51
C ALA B 769 -9.37 33.97 10.82
N ASP B 770 -8.17 33.94 11.39
CA ASP B 770 -7.89 34.76 12.58
C ASP B 770 -7.21 36.08 12.25
N ALA B 771 -6.91 36.87 13.27
CA ALA B 771 -6.41 38.23 13.04
C ALA B 771 -4.93 38.31 12.68
N THR B 772 -4.25 37.16 12.69
CA THR B 772 -2.86 37.14 12.24
C THR B 772 -2.81 36.97 10.73
N ALA B 773 -3.95 36.66 10.13
CA ALA B 773 -3.99 36.44 8.70
C ALA B 773 -4.02 37.77 7.93
N LEU B 774 -3.27 37.83 6.85
CA LEU B 774 -3.24 38.99 5.96
C LEU B 774 -4.59 39.14 5.27
N PRO B 775 -5.34 40.22 5.58
CA PRO B 775 -6.70 40.40 5.07
C PRO B 775 -6.82 40.41 3.54
N GLU B 776 -5.89 41.08 2.86
CA GLU B 776 -5.89 41.13 1.39
C GLU B 776 -5.81 39.74 0.79
N GLN B 777 -5.03 38.88 1.44
CA GLN B 777 -4.76 37.52 0.99
C GLN B 777 -5.96 36.62 1.27
N VAL B 778 -6.48 36.69 2.49
CA VAL B 778 -7.71 36.01 2.83
C VAL B 778 -8.80 36.41 1.84
N ALA B 779 -8.91 37.70 1.56
CA ALA B 779 -9.93 38.17 0.62
C ALA B 779 -9.80 37.53 -0.78
N ASP B 780 -8.57 37.47 -1.29
CA ASP B 780 -8.30 36.81 -2.58
C ASP B 780 -8.74 35.36 -2.53
N TRP B 781 -8.36 34.69 -1.45
CA TRP B 781 -8.64 33.27 -1.33
C TRP B 781 -10.11 32.97 -1.07
N VAL B 782 -10.79 33.91 -0.43
CA VAL B 782 -12.22 33.76 -0.18
C VAL B 782 -13.00 33.98 -1.47
N VAL B 783 -12.60 34.99 -2.23
CA VAL B 783 -13.29 35.31 -3.49
C VAL B 783 -13.16 34.16 -4.46
N THR B 784 -11.94 33.70 -4.63
CA THR B 784 -11.67 32.52 -5.42
C THR B 784 -12.45 31.29 -4.95
N SER B 785 -12.35 30.97 -3.67
CA SER B 785 -12.95 29.74 -3.16
C SER B 785 -14.48 29.73 -3.23
N ALA B 786 -15.09 30.89 -3.06
CA ALA B 786 -16.55 30.97 -2.99
C ALA B 786 -17.21 31.22 -4.33
N PHE B 787 -16.55 31.98 -5.19
CA PHE B 787 -17.19 32.55 -6.38
C PHE B 787 -16.64 32.04 -7.70
N ARG B 788 -15.43 31.47 -7.69
CA ARG B 788 -14.88 30.84 -8.90
C ARG B 788 -15.82 29.74 -9.39
N SER B 789 -16.00 29.64 -10.71
CA SER B 789 -16.93 28.67 -11.30
C SER B 789 -18.35 28.91 -10.80
N ALA B 790 -18.67 30.16 -10.45
CA ALA B 790 -19.98 30.52 -9.87
C ALA B 790 -20.30 29.69 -8.63
N GLY B 791 -19.26 29.35 -7.86
CA GLY B 791 -19.46 28.54 -6.69
C GLY B 791 -19.99 27.16 -6.99
N GLN B 792 -19.87 26.72 -8.24
CA GLN B 792 -20.38 25.40 -8.64
C GLN B 792 -19.28 24.35 -8.51
N ARG B 793 -18.62 24.34 -7.37
CA ARG B 793 -17.64 23.31 -7.02
C ARG B 793 -18.06 22.70 -5.70
N CYS B 794 -17.83 21.39 -5.56
CA CYS B 794 -18.17 20.71 -4.32
C CYS B 794 -17.31 21.23 -3.16
N SER B 795 -16.12 21.73 -3.47
CA SER B 795 -15.17 22.17 -2.45
C SER B 795 -15.29 23.65 -2.13
N ALA B 796 -16.24 24.32 -2.79
CA ALA B 796 -16.37 25.78 -2.68
C ALA B 796 -16.62 26.23 -1.24
N LEU B 797 -16.04 27.36 -0.87
CA LEU B 797 -16.30 27.97 0.43
C LEU B 797 -17.76 28.43 0.54
N ARG B 798 -18.47 27.94 1.55
CA ARG B 798 -19.87 28.34 1.81
C ARG B 798 -19.96 29.17 3.07
N LEU B 799 -19.04 28.93 4.01
CA LEU B 799 -19.14 29.54 5.33
C LEU B 799 -17.81 30.07 5.86
N LEU B 800 -17.67 31.39 5.86
CA LEU B 800 -16.48 32.03 6.43
C LEU B 800 -16.67 32.45 7.88
N PHE B 801 -15.77 31.97 8.75
CA PHE B 801 -15.67 32.44 10.13
C PHE B 801 -14.45 33.36 10.24
N VAL B 802 -14.67 34.58 10.72
CA VAL B 802 -13.58 35.55 10.80
C VAL B 802 -13.61 36.20 12.19
N GLN B 803 -12.44 36.34 12.81
CA GLN B 803 -12.36 36.91 14.15
C GLN B 803 -12.87 38.33 14.11
N GLU B 804 -13.61 38.72 15.14
CA GLU B 804 -14.32 39.99 15.17
C GLU B 804 -13.42 41.21 15.03
N ASP B 805 -12.19 41.12 15.55
CA ASP B 805 -11.27 42.26 15.47
C ASP B 805 -10.90 42.67 14.04
N VAL B 806 -11.01 41.73 13.09
CA VAL B 806 -10.68 42.02 11.71
C VAL B 806 -11.87 41.82 10.76
N ALA B 807 -13.04 41.55 11.35
CA ALA B 807 -14.21 41.18 10.57
C ALA B 807 -14.69 42.26 9.62
N ASP B 808 -14.78 43.52 10.09
CA ASP B 808 -15.26 44.60 9.21
C ASP B 808 -14.35 44.78 8.00
N ARG B 809 -13.05 44.83 8.25
CA ARG B 809 -12.11 45.00 7.16
C ARG B 809 -12.14 43.81 6.18
N MET B 810 -12.16 42.58 6.70
CA MET B 810 -12.22 41.41 5.81
C MET B 810 -13.48 41.36 4.94
N ILE B 811 -14.63 41.59 5.56
CA ILE B 811 -15.89 41.60 4.81
C ILE B 811 -15.93 42.68 3.73
N GLU B 812 -15.56 43.91 4.11
CA GLU B 812 -15.52 45.01 3.16
C GLU B 812 -14.55 44.69 2.01
N MET B 813 -13.44 44.03 2.32
CA MET B 813 -12.50 43.68 1.26
C MET B 813 -13.00 42.58 0.33
N VAL B 814 -13.57 41.53 0.91
CA VAL B 814 -14.19 40.48 0.11
C VAL B 814 -15.33 41.03 -0.77
N ALA B 815 -16.18 41.89 -0.19
CA ALA B 815 -17.25 42.54 -0.95
C ALA B 815 -16.72 43.41 -2.07
N GLY B 816 -15.71 44.24 -1.76
CA GLY B 816 -15.13 45.09 -2.77
C GLY B 816 -14.47 44.28 -3.88
N ALA B 817 -13.87 43.16 -3.51
CA ALA B 817 -13.19 42.30 -4.47
C ALA B 817 -14.20 41.56 -5.34
N ALA B 818 -15.27 41.09 -4.71
CA ALA B 818 -16.31 40.38 -5.44
C ALA B 818 -16.98 41.32 -6.45
N ARG B 819 -17.08 42.59 -6.10
CA ARG B 819 -17.69 43.57 -6.98
C ARG B 819 -16.86 43.73 -8.27
N GLU B 820 -15.55 43.48 -8.20
CA GLU B 820 -14.70 43.60 -9.39
C GLU B 820 -14.76 42.40 -10.33
N LEU B 821 -15.48 41.33 -9.93
CA LEU B 821 -15.61 40.15 -10.77
C LEU B 821 -16.52 40.39 -11.98
N LYS B 822 -15.98 40.17 -13.17
CA LYS B 822 -16.79 40.28 -14.37
C LYS B 822 -17.66 39.04 -14.58
N ILE B 823 -18.97 39.23 -14.60
CA ILE B 823 -19.93 38.15 -14.86
C ILE B 823 -20.42 38.26 -16.29
N GLY B 824 -20.37 37.15 -17.02
CA GLY B 824 -20.86 37.16 -18.38
C GLY B 824 -20.53 35.89 -19.13
N ASP B 825 -20.51 36.00 -20.45
CA ASP B 825 -20.20 34.88 -21.34
C ASP B 825 -18.79 34.36 -21.07
N PRO B 826 -18.69 33.09 -20.62
CA PRO B 826 -17.46 32.38 -20.28
C PRO B 826 -16.47 32.29 -21.44
N SER B 827 -16.93 32.42 -22.68
CA SER B 827 -16.02 32.44 -23.82
C SER B 827 -15.27 33.76 -23.93
N ASP B 828 -15.80 34.82 -23.32
CA ASP B 828 -15.06 36.10 -23.27
C ASP B 828 -13.89 35.97 -22.31
N VAL B 829 -12.70 36.33 -22.78
CA VAL B 829 -11.48 36.16 -22.00
C VAL B 829 -11.55 36.91 -20.65
N ALA B 830 -12.33 38.00 -20.59
CA ALA B 830 -12.36 38.85 -19.40
C ALA B 830 -13.34 38.38 -18.31
N THR B 831 -14.10 37.34 -18.59
CA THR B 831 -15.12 36.85 -17.65
C THR B 831 -14.48 36.13 -16.47
N HIS B 832 -14.98 36.41 -15.26
CA HIS B 832 -14.51 35.73 -14.06
C HIS B 832 -15.56 34.71 -13.59
N VAL B 833 -16.83 35.06 -13.76
CA VAL B 833 -17.95 34.25 -13.30
C VAL B 833 -18.93 33.99 -14.45
N GLY B 834 -19.04 32.71 -14.83
CA GLY B 834 -19.92 32.31 -15.91
C GLY B 834 -21.33 32.07 -15.41
N PRO B 835 -22.21 31.54 -16.28
CA PRO B 835 -23.59 31.30 -15.86
C PRO B 835 -23.67 30.05 -15.01
N VAL B 836 -24.70 29.95 -14.17
CA VAL B 836 -24.97 28.68 -13.51
C VAL B 836 -25.49 27.68 -14.55
N ILE B 837 -25.54 26.40 -14.18
CA ILE B 837 -25.74 25.32 -15.15
C ILE B 837 -27.09 25.34 -15.90
N ASP B 838 -28.19 25.60 -15.20
CA ASP B 838 -29.50 25.65 -15.83
C ASP B 838 -30.49 26.54 -15.08
N VAL B 839 -31.64 26.74 -15.70
CA VAL B 839 -32.68 27.58 -15.11
C VAL B 839 -33.09 27.08 -13.71
N GLU B 840 -33.11 25.76 -13.53
CA GLU B 840 -33.56 25.19 -12.25
C GLU B 840 -32.57 25.52 -11.14
N ALA B 841 -31.29 25.52 -11.48
CA ALA B 841 -30.28 25.82 -10.50
C ALA B 841 -30.45 27.28 -10.10
N LYS B 842 -30.59 28.16 -11.08
CA LYS B 842 -30.77 29.59 -10.81
C LYS B 842 -31.98 29.90 -9.90
N GLN B 843 -33.07 29.15 -10.05
CA GLN B 843 -34.29 29.34 -9.26
C GLN B 843 -34.10 28.94 -7.80
N ARG B 844 -33.38 27.85 -7.59
CA ARG B 844 -33.11 27.38 -6.24
C ARG B 844 -32.20 28.38 -5.56
N LEU B 845 -31.25 28.91 -6.32
CA LEU B 845 -30.31 29.89 -5.79
C LEU B 845 -31.01 31.22 -5.48
N ASP B 846 -31.81 31.71 -6.42
CA ASP B 846 -32.50 32.97 -6.18
C ASP B 846 -33.47 32.81 -5.03
N ALA B 847 -34.02 31.61 -4.84
CA ALA B 847 -34.90 31.41 -3.70
C ALA B 847 -34.13 31.50 -2.37
N HIS B 848 -32.94 30.90 -2.32
CA HIS B 848 -32.10 30.96 -1.12
C HIS B 848 -31.66 32.38 -0.82
N ILE B 849 -31.36 33.13 -1.89
CA ILE B 849 -31.00 34.54 -1.77
C ILE B 849 -32.15 35.38 -1.16
N ALA B 850 -33.36 35.24 -1.71
CA ALA B 850 -34.53 35.93 -1.17
C ALA B 850 -34.77 35.58 0.31
N ARG B 851 -34.61 34.30 0.65
CA ARG B 851 -34.75 33.85 2.05
C ARG B 851 -33.70 34.46 2.96
N MET B 852 -32.44 34.44 2.52
CA MET B 852 -31.36 34.97 3.34
C MET B 852 -31.49 36.49 3.52
N LYS B 853 -31.99 37.18 2.50
CA LYS B 853 -32.24 38.62 2.63
C LYS B 853 -33.21 38.97 3.77
N THR B 854 -34.21 38.15 4.04
CA THR B 854 -35.13 38.45 5.15
C THR B 854 -34.60 37.90 6.48
N GLU B 855 -33.55 37.09 6.41
CA GLU B 855 -33.08 36.34 7.57
C GLU B 855 -31.70 36.77 8.07
N ALA B 856 -30.91 37.37 7.19
CA ALA B 856 -29.51 37.64 7.51
C ALA B 856 -29.03 38.94 6.88
N ARG B 857 -28.00 39.54 7.50
CA ARG B 857 -27.44 40.80 6.99
C ARG B 857 -26.87 40.57 5.61
N LEU B 858 -27.19 41.46 4.68
CA LEU B 858 -26.64 41.38 3.34
C LEU B 858 -25.47 42.36 3.19
N HIS B 859 -24.28 41.84 2.90
CA HIS B 859 -23.11 42.69 2.69
C HIS B 859 -22.90 43.04 1.22
N PHE B 860 -23.34 42.18 0.32
CA PHE B 860 -23.13 42.40 -1.11
C PHE B 860 -24.09 41.63 -1.97
N ALA B 861 -24.59 42.27 -3.02
CA ALA B 861 -25.48 41.59 -3.97
C ALA B 861 -25.12 42.12 -5.32
N GLY B 862 -24.34 41.35 -6.07
CA GLY B 862 -23.80 41.81 -7.33
C GLY B 862 -24.85 41.93 -8.42
N PRO B 863 -24.54 42.71 -9.46
CA PRO B 863 -25.44 42.89 -10.60
C PRO B 863 -25.24 41.75 -11.58
N ALA B 864 -26.27 40.96 -11.78
CA ALA B 864 -26.22 39.87 -12.73
C ALA B 864 -26.67 40.39 -14.08
N PRO B 865 -26.07 39.86 -15.17
CA PRO B 865 -26.48 40.13 -16.54
C PRO B 865 -27.77 39.39 -16.84
N GLU B 866 -28.41 39.71 -17.96
CA GLU B 866 -29.60 38.99 -18.37
C GLU B 866 -29.22 37.56 -18.73
N GLY B 867 -30.03 36.62 -18.27
CA GLY B 867 -29.84 35.23 -18.64
C GLY B 867 -29.65 34.39 -17.40
N CYS B 868 -29.07 33.22 -17.60
CA CYS B 868 -28.97 32.23 -16.53
C CYS B 868 -27.80 32.50 -15.58
N PHE B 869 -27.84 33.66 -14.93
CA PHE B 869 -26.73 34.13 -14.10
C PHE B 869 -27.12 34.38 -12.66
N VAL B 870 -26.24 34.00 -11.75
CA VAL B 870 -26.35 34.41 -10.36
C VAL B 870 -25.04 35.04 -9.95
N ALA B 871 -25.14 36.23 -9.38
CA ALA B 871 -23.98 37.01 -9.02
C ALA B 871 -23.53 36.64 -7.62
N PRO B 872 -22.24 36.90 -7.31
CA PRO B 872 -21.75 36.67 -5.94
C PRO B 872 -22.62 37.40 -4.92
N HIS B 873 -22.99 36.71 -3.86
CA HIS B 873 -23.70 37.34 -2.76
C HIS B 873 -22.94 37.04 -1.48
N ILE B 874 -22.99 37.99 -0.56
CA ILE B 874 -22.38 37.78 0.74
C ILE B 874 -23.39 38.08 1.82
N PHE B 875 -23.66 37.10 2.67
CA PHE B 875 -24.55 37.29 3.80
C PHE B 875 -23.80 37.05 5.09
N GLU B 876 -24.11 37.84 6.11
CA GLU B 876 -23.62 37.55 7.45
C GLU B 876 -24.76 36.98 8.30
N LEU B 877 -24.49 35.84 8.92
CA LEU B 877 -25.44 35.16 9.78
C LEU B 877 -25.14 35.50 11.23
N THR B 878 -26.18 35.62 12.03
CA THR B 878 -26.02 35.75 13.47
C THR B 878 -25.32 34.50 14.00
N GLU B 879 -25.63 33.35 13.41
CA GLU B 879 -24.98 32.11 13.80
C GLU B 879 -24.97 31.08 12.67
N ALA B 880 -24.02 30.15 12.74
CA ALA B 880 -23.83 29.15 11.69
C ALA B 880 -25.08 28.32 11.41
N GLY B 881 -25.86 28.01 12.46
CA GLY B 881 -27.09 27.24 12.32
C GLY B 881 -28.14 27.80 11.36
N GLN B 882 -28.01 29.06 10.97
CA GLN B 882 -28.95 29.64 10.00
C GLN B 882 -28.70 29.10 8.58
N LEU B 883 -27.50 28.56 8.35
CA LEU B 883 -27.17 27.93 7.07
C LEU B 883 -27.36 26.43 7.22
N THR B 884 -28.45 25.89 6.70
CA THR B 884 -28.77 24.47 6.90
C THR B 884 -28.63 23.59 5.66
N GLU B 885 -28.54 24.20 4.48
CA GLU B 885 -28.49 23.44 3.23
C GLU B 885 -27.19 23.77 2.52
N GLU B 886 -26.72 22.84 1.69
CA GLU B 886 -25.66 23.19 0.75
C GLU B 886 -26.33 24.04 -0.32
N VAL B 887 -25.71 25.16 -0.67
CA VAL B 887 -26.29 26.01 -1.69
C VAL B 887 -25.26 26.11 -2.79
N PHE B 888 -25.59 25.54 -3.94
CA PHE B 888 -24.57 25.28 -4.97
C PHE B 888 -24.36 26.45 -5.94
N GLY B 889 -23.91 27.58 -5.42
CA GLY B 889 -23.74 28.76 -6.25
C GLY B 889 -22.83 29.78 -5.59
N PRO B 890 -22.66 30.95 -6.24
CA PRO B 890 -21.70 31.95 -5.75
C PRO B 890 -22.23 32.71 -4.53
N ILE B 891 -22.48 32.00 -3.43
CA ILE B 891 -23.09 32.63 -2.26
C ILE B 891 -22.33 32.35 -0.97
N LEU B 892 -21.64 33.39 -0.48
CA LEU B 892 -20.84 33.27 0.75
C LEU B 892 -21.65 33.68 1.97
N HIS B 893 -21.52 32.89 3.03
CA HIS B 893 -22.12 33.24 4.30
C HIS B 893 -20.97 33.48 5.28
N VAL B 894 -21.06 34.54 6.08
CA VAL B 894 -19.98 34.90 7.00
C VAL B 894 -20.47 34.93 8.45
N VAL B 895 -19.72 34.30 9.35
CA VAL B 895 -19.98 34.46 10.76
C VAL B 895 -18.77 35.10 11.43
N ARG B 896 -18.95 36.20 12.14
CA ARG B 896 -17.85 36.75 12.92
C ARG B 896 -17.85 36.13 14.31
N TYR B 897 -16.67 35.90 14.87
CA TYR B 897 -16.60 35.23 16.17
C TYR B 897 -15.55 35.89 17.08
N ARG B 898 -15.68 35.62 18.38
CA ARG B 898 -14.72 36.08 19.38
C ARG B 898 -13.74 34.95 19.61
N PRO B 899 -12.43 35.27 19.73
CA PRO B 899 -11.31 34.32 19.78
C PRO B 899 -11.47 33.20 20.79
N GLU B 900 -12.00 33.56 21.96
CA GLU B 900 -12.20 32.60 23.04
C GLU B 900 -13.33 31.61 22.71
N ASN B 901 -14.15 31.95 21.70
CA ASN B 901 -15.23 31.06 21.28
C ASN B 901 -14.93 30.25 20.02
N LEU B 902 -13.66 29.89 19.83
CA LEU B 902 -13.30 29.06 18.71
C LEU B 902 -14.00 27.71 18.84
N GLU B 903 -14.21 27.27 20.08
CA GLU B 903 -14.91 26.02 20.36
C GLU B 903 -16.34 26.01 19.81
N ARG B 904 -17.07 27.11 20.01
CA ARG B 904 -18.42 27.21 19.45
C ARG B 904 -18.38 27.09 17.92
N VAL B 905 -17.33 27.66 17.32
CA VAL B 905 -17.16 27.64 15.87
C VAL B 905 -16.93 26.21 15.40
N LEU B 906 -16.01 25.51 16.04
CA LEU B 906 -15.70 24.14 15.71
C LEU B 906 -16.91 23.22 15.88
N ARG B 907 -17.66 23.41 16.96
CA ARG B 907 -18.91 22.67 17.15
C ARG B 907 -19.90 22.95 16.02
N ALA B 908 -19.95 24.19 15.58
CA ALA B 908 -20.90 24.57 14.54
C ALA B 908 -20.56 23.82 13.25
N ILE B 909 -19.26 23.67 13.01
CA ILE B 909 -18.80 22.98 11.83
C ILE B 909 -19.10 21.48 11.93
N GLU B 910 -18.91 20.91 13.12
CA GLU B 910 -19.22 19.51 13.43
C GLU B 910 -20.72 19.22 13.31
N ARG B 911 -21.53 20.22 13.63
CA ARG B 911 -22.97 20.04 13.75
C ARG B 911 -23.65 19.71 12.42
N THR B 912 -23.14 20.23 11.32
CA THR B 912 -23.79 19.98 10.01
C THR B 912 -23.75 18.50 9.61
N GLY B 913 -22.70 17.79 10.04
CA GLY B 913 -22.51 16.40 9.64
C GLY B 913 -21.68 16.26 8.37
N TYR B 914 -21.49 17.37 7.65
CA TYR B 914 -20.66 17.33 6.44
C TYR B 914 -19.18 17.32 6.79
N GLY B 915 -18.32 17.11 5.79
CA GLY B 915 -16.90 17.04 6.05
C GLY B 915 -16.06 16.90 4.79
N LEU B 916 -16.19 17.86 3.87
CA LEU B 916 -15.46 17.82 2.62
C LEU B 916 -14.17 18.65 2.68
N THR B 917 -14.29 19.97 2.57
CA THR B 917 -13.13 20.86 2.69
C THR B 917 -13.25 21.89 3.83
N LEU B 918 -12.09 22.30 4.32
CA LEU B 918 -11.96 23.31 5.36
C LEU B 918 -10.74 24.19 5.11
N GLY B 919 -10.93 25.51 5.13
CA GLY B 919 -9.80 26.44 5.04
C GLY B 919 -9.39 27.01 6.40
N VAL B 920 -8.10 27.20 6.62
CA VAL B 920 -7.58 27.75 7.87
C VAL B 920 -6.56 28.84 7.54
N HIS B 921 -6.79 30.04 8.06
CA HIS B 921 -5.90 31.14 7.74
C HIS B 921 -5.37 31.78 9.01
N SER B 922 -4.08 31.60 9.21
CA SER B 922 -3.45 32.03 10.42
C SER B 922 -1.95 31.91 10.29
N ARG B 923 -1.27 32.78 11.00
CA ARG B 923 0.18 32.76 11.12
C ARG B 923 0.60 31.77 12.21
N ILE B 924 -0.35 31.44 13.10
CA ILE B 924 -0.06 30.71 14.34
C ILE B 924 -0.15 29.18 14.21
N ASP B 925 1.00 28.53 14.13
CA ASP B 925 1.02 27.07 13.98
C ASP B 925 0.24 26.30 15.06
N ASP B 926 0.29 26.75 16.30
CA ASP B 926 -0.46 26.06 17.35
C ASP B 926 -1.97 26.10 17.10
N SER B 927 -2.48 27.21 16.56
CA SER B 927 -3.91 27.31 16.27
C SER B 927 -4.30 26.41 15.11
N ILE B 928 -3.45 26.45 14.08
CA ILE B 928 -3.62 25.63 12.89
C ILE B 928 -3.67 24.16 13.26
N GLU B 929 -2.70 23.73 14.05
CA GLU B 929 -2.61 22.34 14.47
C GLU B 929 -3.75 21.93 15.37
N ALA B 930 -4.20 22.82 16.25
CA ALA B 930 -5.33 22.54 17.13
C ALA B 930 -6.62 22.35 16.35
N ILE B 931 -6.80 23.16 15.31
CA ILE B 931 -7.96 23.02 14.43
C ILE B 931 -7.91 21.70 13.65
N ILE B 932 -6.74 21.38 13.08
CA ILE B 932 -6.56 20.12 12.35
C ILE B 932 -6.87 18.90 13.21
N ASP B 933 -6.36 18.90 14.44
CA ASP B 933 -6.59 17.82 15.40
C ASP B 933 -8.08 17.60 15.66
N ARG B 934 -8.81 18.70 15.74
CA ARG B 934 -10.21 18.67 16.14
C ARG B 934 -11.17 18.18 15.03
N VAL B 935 -10.95 18.64 13.80
CA VAL B 935 -11.91 18.34 12.73
C VAL B 935 -11.63 17.01 12.02
N GLN B 936 -12.65 16.50 11.33
CA GLN B 936 -12.54 15.20 10.68
C GLN B 936 -12.74 15.34 9.16
N VAL B 937 -12.66 16.58 8.69
CA VAL B 937 -12.84 16.94 7.29
C VAL B 937 -11.82 16.26 6.35
N GLY B 938 -12.23 15.96 5.12
CA GLY B 938 -11.38 15.26 4.16
C GLY B 938 -10.20 16.05 3.61
N ASN B 939 -10.38 17.34 3.37
CA ASN B 939 -9.31 18.16 2.83
C ASN B 939 -9.18 19.47 3.58
N ILE B 940 -8.01 19.67 4.17
CA ILE B 940 -7.75 20.90 4.90
C ILE B 940 -6.72 21.73 4.15
N TYR B 941 -7.08 22.99 3.87
CA TYR B 941 -6.18 23.91 3.16
C TYR B 941 -5.77 25.10 4.02
N VAL B 942 -4.48 25.20 4.29
CA VAL B 942 -3.97 26.20 5.21
C VAL B 942 -3.28 27.35 4.47
N ASN B 943 -3.80 28.57 4.65
CA ASN B 943 -3.22 29.76 4.04
C ASN B 943 -3.12 29.73 2.50
N ARG B 944 -4.18 29.25 1.85
CA ARG B 944 -4.31 29.30 0.40
C ARG B 944 -5.78 29.10 0.10
N ASN B 945 -6.14 29.02 -1.18
CA ASN B 945 -7.55 28.77 -1.48
C ASN B 945 -7.97 27.32 -1.12
N MET B 946 -9.26 27.04 -1.19
CA MET B 946 -9.81 25.75 -0.78
C MET B 946 -10.21 24.88 -1.97
N ILE B 947 -9.85 25.32 -3.18
CA ILE B 947 -10.35 24.62 -4.37
C ILE B 947 -9.24 24.12 -5.31
N GLY B 948 -9.66 23.39 -6.33
CA GLY B 948 -8.74 22.96 -7.38
C GLY B 948 -7.78 21.88 -6.91
N ALA B 949 -8.31 20.89 -6.19
CA ALA B 949 -7.49 19.77 -5.73
C ALA B 949 -6.73 19.17 -6.92
N VAL B 950 -5.41 19.00 -6.78
CA VAL B 950 -4.59 18.41 -7.84
C VAL B 950 -4.42 16.88 -7.67
N VAL B 951 -4.73 16.15 -8.76
CA VAL B 951 -4.64 14.69 -8.78
C VAL B 951 -3.26 14.20 -8.32
N GLY B 952 -3.23 13.30 -7.33
CA GLY B 952 -1.98 12.77 -6.82
C GLY B 952 -1.23 13.71 -5.89
N VAL B 953 -1.81 14.88 -5.63
CA VAL B 953 -1.21 15.86 -4.73
C VAL B 953 -2.13 16.13 -3.56
N GLN B 954 -3.38 16.49 -3.86
CA GLN B 954 -4.43 16.55 -2.86
C GLN B 954 -5.48 15.50 -3.21
N PRO B 955 -5.29 14.25 -2.73
CA PRO B 955 -6.34 13.23 -2.85
C PRO B 955 -7.64 13.81 -2.31
N PHE B 956 -8.67 13.87 -3.13
CA PHE B 956 -9.86 14.64 -2.81
C PHE B 956 -11.06 13.77 -2.48
N GLY B 957 -11.73 14.08 -1.37
CA GLY B 957 -12.96 13.41 -0.99
C GLY B 957 -13.28 13.59 0.48
N GLY B 958 -14.56 13.56 0.81
CA GLY B 958 -14.97 13.85 2.17
C GLY B 958 -15.52 12.68 2.94
N ASN B 959 -15.81 12.92 4.21
CA ASN B 959 -16.47 11.94 5.05
C ASN B 959 -17.76 12.50 5.62
N GLY B 960 -18.39 11.72 6.50
CA GLY B 960 -19.71 12.05 7.01
C GLY B 960 -20.69 12.13 5.86
N LEU B 961 -21.52 13.17 5.85
CA LEU B 961 -22.50 13.38 4.78
C LEU B 961 -21.85 13.72 3.44
N SER B 962 -20.55 14.03 3.47
CA SER B 962 -19.82 14.43 2.27
C SER B 962 -19.33 13.26 1.38
N GLY B 963 -19.21 12.06 1.94
CA GLY B 963 -18.78 10.92 1.16
C GLY B 963 -18.40 9.65 1.92
N THR B 964 -18.15 8.58 1.17
CA THR B 964 -17.85 7.28 1.73
C THR B 964 -16.34 7.02 1.75
N GLY B 965 -15.60 7.73 0.89
CA GLY B 965 -14.23 7.31 0.62
C GLY B 965 -14.28 6.11 -0.33
N PRO B 966 -13.11 5.68 -0.83
CA PRO B 966 -11.81 6.34 -0.62
C PRO B 966 -11.71 7.61 -1.47
N LYS B 967 -10.63 8.36 -1.31
CA LYS B 967 -10.39 9.61 -2.02
C LYS B 967 -9.98 9.42 -3.48
N ALA B 968 -10.69 10.08 -4.37
CA ALA B 968 -10.30 10.15 -5.77
C ALA B 968 -8.93 10.83 -5.91
N GLY B 969 -8.12 10.38 -6.86
CA GLY B 969 -6.81 10.97 -7.07
C GLY B 969 -5.80 10.68 -5.97
N GLY B 970 -6.08 9.65 -5.16
CA GLY B 970 -5.18 9.24 -4.10
C GLY B 970 -4.88 7.74 -4.15
N PRO B 971 -3.99 7.28 -3.28
CA PRO B 971 -3.48 5.90 -3.39
C PRO B 971 -4.38 4.79 -2.82
N HIS B 972 -5.57 5.12 -2.34
CA HIS B 972 -6.45 4.08 -1.79
C HIS B 972 -7.68 3.88 -2.67
N TYR B 973 -7.72 4.59 -3.78
CA TYR B 973 -8.90 4.63 -4.63
C TYR B 973 -9.11 3.34 -5.43
N LEU B 974 -8.08 2.94 -6.19
CA LEU B 974 -8.19 1.82 -7.11
C LEU B 974 -8.58 0.50 -6.46
N ALA B 975 -8.03 0.24 -5.27
CA ALA B 975 -8.28 -1.01 -4.55
C ALA B 975 -9.76 -1.23 -4.29
N ARG B 976 -10.50 -0.15 -4.08
CA ARG B 976 -11.92 -0.24 -3.79
C ARG B 976 -12.70 -0.79 -4.98
N PHE B 977 -12.17 -0.58 -6.19
CA PHE B 977 -12.81 -1.06 -7.40
C PHE B 977 -12.47 -2.51 -7.71
N ALA B 978 -11.69 -3.14 -6.85
CA ALA B 978 -11.21 -4.49 -7.12
C ALA B 978 -11.53 -5.43 -5.98
N THR B 979 -11.26 -6.71 -6.19
CA THR B 979 -11.47 -7.72 -5.17
C THR B 979 -10.17 -8.49 -5.01
N GLU B 980 -9.85 -8.91 -3.79
CA GLU B 980 -8.63 -9.65 -3.53
C GLU B 980 -8.81 -11.13 -3.84
N GLN B 981 -7.73 -11.78 -4.27
CA GLN B 981 -7.72 -13.22 -4.40
C GLN B 981 -6.40 -13.79 -3.92
N THR B 982 -6.47 -14.74 -3.01
CA THR B 982 -5.30 -15.43 -2.51
C THR B 982 -5.19 -16.79 -3.17
N VAL B 983 -4.02 -17.07 -3.72
CA VAL B 983 -3.74 -18.38 -4.29
C VAL B 983 -2.64 -19.07 -3.49
N THR B 984 -3.00 -20.20 -2.88
CA THR B 984 -2.10 -20.94 -2.03
C THR B 984 -1.80 -22.28 -2.67
N ILE B 985 -0.53 -22.52 -2.97
CA ILE B 985 -0.14 -23.77 -3.63
C ILE B 985 0.85 -24.56 -2.79
N ASN B 986 0.49 -25.79 -2.47
CA ASN B 986 1.41 -26.72 -1.84
C ASN B 986 2.47 -27.10 -2.86
N THR B 987 3.67 -26.56 -2.71
CA THR B 987 4.71 -26.79 -3.70
C THR B 987 5.62 -27.94 -3.33
N ALA B 988 5.32 -28.64 -2.23
CA ALA B 988 6.24 -29.67 -1.70
C ALA B 988 6.61 -30.78 -2.67
N ALA B 989 5.70 -31.15 -3.55
CA ALA B 989 5.97 -32.24 -4.52
C ALA B 989 7.08 -31.88 -5.52
N ALA B 990 7.28 -30.59 -5.77
CA ALA B 990 8.31 -30.10 -6.69
C ALA B 990 9.69 -30.08 -6.06
N GLY B 991 9.75 -29.69 -4.78
CA GLY B 991 11.02 -29.56 -4.07
C GLY B 991 11.32 -28.12 -3.72
PA FAD C . 22.96 -38.72 0.69
O1A FAD C . 22.95 -37.97 -0.70
O2A FAD C . 24.22 -38.88 1.37
O5B FAD C . 22.19 -38.13 1.84
C5B FAD C . 20.95 -37.44 1.63
C4B FAD C . 20.16 -37.30 2.93
O4B FAD C . 20.60 -36.21 3.67
C3B FAD C . 18.69 -37.06 2.75
O3B FAD C . 17.95 -38.18 2.41
C2B FAD C . 18.30 -36.46 4.06
O2B FAD C . 18.02 -37.43 5.02
C1B FAD C . 19.53 -35.70 4.43
N9A FAD C . 19.51 -34.28 4.17
C8A FAD C . 19.41 -33.65 2.93
N7A FAD C . 19.46 -32.32 3.09
C5A FAD C . 19.61 -32.02 4.44
C6A FAD C . 19.70 -30.85 5.19
N6A FAD C . 19.67 -29.56 4.58
N1A FAD C . 19.84 -30.92 6.53
C2A FAD C . 19.89 -32.10 7.18
N3A FAD C . 19.80 -33.25 6.47
C4A FAD C . 19.65 -33.26 5.15
N1 FAD C . 14.51 -43.38 5.35
C2 FAD C . 13.41 -43.21 6.27
O2 FAD C . 13.11 -41.96 6.70
N3 FAD C . 12.75 -44.32 6.77
C4 FAD C . 13.05 -45.58 6.28
O4 FAD C . 12.44 -46.68 6.83
C4X FAD C . 14.09 -45.78 5.25
N5 FAD C . 14.40 -47.03 4.71
C5X FAD C . 15.38 -47.13 3.75
C6 FAD C . 15.66 -48.41 3.22
C7 FAD C . 16.66 -48.54 2.26
C7M FAD C . 16.94 -49.91 1.70
C8 FAD C . 17.39 -47.44 1.81
C8M FAD C . 18.47 -47.62 0.78
C9 FAD C . 17.13 -46.16 2.33
C9A FAD C . 16.11 -46.01 3.30
N10 FAD C . 15.82 -44.71 3.84
C10 FAD C . 14.82 -44.61 4.82
C1' FAD C . 16.56 -43.46 3.51
C2' FAD C . 16.07 -42.66 2.35
O2' FAD C . 15.31 -43.51 1.56
C3' FAD C . 17.28 -42.16 1.56
O3' FAD C . 17.64 -43.21 0.76
C4' FAD C . 18.50 -41.76 2.38
O4' FAD C . 18.20 -40.83 3.36
C5' FAD C . 19.64 -41.29 1.47
O5' FAD C . 20.85 -41.17 2.22
P FAD C . 22.32 -41.38 1.62
O1P FAD C . 23.52 -41.77 2.55
O2P FAD C . 21.94 -42.38 0.47
O3P FAD C . 22.45 -40.13 0.57
S SO4 D . -10.93 -21.26 8.23
O1 SO4 D . -10.03 -20.76 7.17
O2 SO4 D . -12.20 -20.55 8.14
O3 SO4 D . -11.19 -22.69 8.07
O4 SO4 D . -10.26 -21.06 9.52
S SO4 E . 26.04 -28.24 4.06
O1 SO4 E . 27.42 -27.77 3.96
O2 SO4 E . 25.14 -27.08 4.16
O3 SO4 E . 25.74 -29.04 2.87
O4 SO4 E . 25.88 -29.05 5.26
S SO4 F . 27.08 -25.22 -16.69
O1 SO4 F . 28.38 -24.75 -16.21
O2 SO4 F . 26.30 -24.08 -17.17
O3 SO4 F . 27.29 -26.18 -17.79
O4 SO4 F . 26.38 -25.87 -15.59
C1 GOL G . 6.63 -29.65 21.26
O1 GOL G . 5.45 -28.91 21.41
C2 GOL G . 7.85 -28.76 21.06
O2 GOL G . 7.55 -27.54 20.37
C3 GOL G . 8.85 -29.56 20.24
O3 GOL G . 9.87 -28.70 19.82
C1 GOL H . -1.00 -29.84 16.35
O1 GOL H . 0.01 -28.89 16.13
C2 GOL H . -0.51 -31.28 16.23
O2 GOL H . 0.88 -31.41 16.43
C3 GOL H . -0.94 -31.88 14.90
O3 GOL H . -0.50 -33.22 14.85
C1 GOL I . 8.72 -60.74 28.86
O1 GOL I . 9.06 -59.44 29.29
C2 GOL I . 9.23 -61.03 27.44
O2 GOL I . 10.65 -60.97 27.38
C3 GOL I . 8.75 -62.43 27.08
O3 GOL I . 8.91 -62.67 25.70
PA FAD J . 21.83 39.53 -3.61
O1A FAD J . 21.95 38.75 -2.26
O2A FAD J . 22.97 39.79 -4.45
O5B FAD J . 20.95 38.93 -4.66
C5B FAD J . 19.74 38.29 -4.25
C4B FAD J . 18.81 38.06 -5.43
O4B FAD J . 19.20 36.95 -6.15
C3B FAD J . 17.38 37.79 -5.06
O3B FAD J . 16.67 38.93 -4.74
C2B FAD J . 16.86 37.11 -6.27
O2B FAD J . 16.43 38.02 -7.21
C1B FAD J . 18.07 36.39 -6.75
N9A FAD J . 18.11 34.97 -6.47
C8A FAD J . 18.15 34.34 -5.22
N7A FAD J . 18.18 33.02 -5.41
C5A FAD J . 18.17 32.72 -6.77
C6A FAD J . 18.18 31.56 -7.52
N6A FAD J . 18.22 30.25 -6.90
N1A FAD J . 18.17 31.64 -8.87
C2A FAD J . 18.13 32.83 -9.51
N3A FAD J . 18.10 33.97 -8.79
C4A FAD J . 18.13 33.96 -7.45
N1 FAD J . 12.80 43.95 -7.26
C2 FAD J . 11.60 43.72 -8.00
O2 FAD J . 11.29 42.45 -8.36
N3 FAD J . 10.82 44.79 -8.44
C4 FAD J . 11.14 46.09 -8.02
O4 FAD J . 10.45 47.17 -8.48
C4X FAD J . 12.29 46.34 -7.12
N5 FAD J . 12.59 47.61 -6.65
C5X FAD J . 13.69 47.81 -5.82
C6 FAD J . 13.98 49.10 -5.35
C7 FAD J . 15.10 49.28 -4.54
C7M FAD J . 15.43 50.65 -4.01
C8 FAD J . 15.94 48.21 -4.20
C8M FAD J . 17.13 48.42 -3.32
C9 FAD J . 15.65 46.93 -4.68
C9A FAD J . 14.53 46.72 -5.49
N10 FAD J . 14.24 45.40 -5.97
C10 FAD J . 13.12 45.21 -6.78
C1' FAD J . 15.12 44.23 -5.69
C2' FAD J . 14.73 43.33 -4.53
O2' FAD J . 13.96 44.04 -3.65
C3' FAD J . 16.04 42.86 -3.85
O3' FAD J . 16.47 43.84 -2.99
C4' FAD J . 17.16 42.48 -4.79
O4' FAD J . 16.72 41.51 -5.67
C5' FAD J . 18.41 42.01 -4.05
O5' FAD J . 19.50 41.79 -4.94
P FAD J . 21.03 42.12 -4.52
O1P FAD J . 22.07 42.58 -5.61
O2P FAD J . 20.81 43.07 -3.28
O3P FAD J . 21.33 40.93 -3.45
S SO4 K . -12.28 21.11 -6.74
O1 SO4 K . -11.46 21.13 -7.97
O2 SO4 K . -13.48 20.30 -6.93
O3 SO4 K . -11.50 20.54 -5.65
O4 SO4 K . -12.70 22.48 -6.43
S SO4 L . 24.64 29.14 -7.29
O1 SO4 L . 26.01 28.62 -7.37
O2 SO4 L . 24.27 29.73 -8.58
O3 SO4 L . 23.71 28.04 -6.99
O4 SO4 L . 24.59 30.16 -6.25
S SO4 M . 28.55 26.32 13.24
O1 SO4 M . 29.92 26.11 12.75
O2 SO4 M . 27.70 26.67 12.10
O3 SO4 M . 28.06 25.08 13.83
O4 SO4 M . 28.56 27.39 14.23
C1 GOL N . 5.42 29.73 -20.54
O1 GOL N . 6.53 29.11 -21.12
C2 GOL N . 4.16 28.91 -20.80
O2 GOL N . 4.48 27.57 -21.15
C3 GOL N . 3.34 29.56 -21.92
O3 GOL N . 2.07 28.95 -21.93
#